data_5LLX
#
_entry.id   5LLX
#
_cell.length_a   50.730
_cell.length_b   78.640
_cell.length_c   452.040
_cell.angle_alpha   90.000
_cell.angle_beta   90.000
_cell.angle_gamma   90.000
#
_symmetry.space_group_name_H-M   'P 21 21 21'
#
loop_
_entity.id
_entity.type
_entity.pdbx_description
1 polymer 'Diguanylate cyclase (GGDEF) domain-containing protein'
2 non-polymer '3-[2-[(Z)-[3-(2-carboxyethyl)-5-[(Z)-(4-ethenyl-3-methyl-5-oxidanylidene-pyrrol-2-ylidene)methyl]-4-methyl-pyrrol-1-ium -2-ylidene]methyl]-5-[(Z)-[(3E)-3-ethylidene-4-methyl-5-oxidanylidene-pyrrolidin-2-ylidene]methyl]-4-methyl-1H-pyrrol-3- yl]propanoic acid'
3 non-polymer 'CHLORIDE ION'
4 non-polymer "GUANOSINE-5'-TRIPHOSPHATE"
5 non-polymer 'MAGNESIUM ION'
6 water water
#
_entity_poly.entity_id   1
_entity_poly.type   'polypeptide(L)'
_entity_poly.pdbx_seq_one_letter_code
;GAMAADLGSDDISKLIAACDQEPIHIPNAIQPFGAMLIVEKDTQQIVYASANSAEYFSVADNTIHELSDIKQANINSLLP
EHLISGLASAIRENEPIWVETDRLSFLGWRHENYYIIEVERYHVQTSNWFEIQFQRAFQKLRNCKTHNDLINTLTRLIQE
ISGYDRVMIYQFDPEWNGRVIAESVRQLFTSMLNHHFPASDIPAQARAMYSINPIRIIPDVNAEPQPLHMIHKPQNTEAV
NLSSGVLRAVSPLHMQYLRNFGVSASTSIGIFNEDELWGIVACHHTKPRAIGRRIRRLLVRTVEFAAERLWLIHSRNVER
YMVTVQAAREQLSTTADDKHSSHEIVIEHAADWCKLFRCDGIGYLRGEELTTYGETPDQTTINKLVEWLEENGKKSLFWH
SHMLKEDAPGLLPDGSRFAGLLAIPLKSDADLFSYLLLFRVAQNEVRTWAGKPEKLSVETSTGTMLGPRKSFEAWQDEVS
GKSQPWRTAQLYAARDIARDLLIVADSMQLNLLNDQLADANENLEKLASFDDLTGIFNRRRMEDRLESEVKEAQRYKKQF
GILLFDLDKFKSVNDTYGHNIGDQILQNTCAAVSETLRDTDKFGRWGGEEFLIIAPQTGMPELMQLGERVRAAVEKMQHK
DLPAVTISIGVAEFQNDTRWDHMIDRADKAMYRAKENGRNQVCSQ
;
_entity_poly.pdbx_strand_id   A,B
#
# COMPACT_ATOMS: atom_id res chain seq x y z
N ILE A 12 19.71 -19.68 -33.60
CA ILE A 12 20.46 -18.45 -33.45
C ILE A 12 20.80 -18.29 -31.96
N SER A 13 19.95 -18.91 -31.14
CA SER A 13 20.11 -18.83 -29.69
C SER A 13 21.45 -19.40 -29.27
N LYS A 14 21.86 -20.51 -29.89
CA LYS A 14 23.15 -21.12 -29.59
C LYS A 14 24.31 -20.19 -29.93
N LEU A 15 24.21 -19.49 -31.06
CA LEU A 15 25.24 -18.52 -31.43
C LEU A 15 25.33 -17.38 -30.42
N ILE A 16 24.18 -16.83 -30.02
CA ILE A 16 24.19 -15.76 -29.03
C ILE A 16 24.78 -16.24 -27.71
N ALA A 17 24.40 -17.45 -27.28
CA ALA A 17 24.89 -18.01 -26.02
C ALA A 17 26.38 -18.31 -26.07
N ALA A 18 26.92 -18.56 -27.27
CA ALA A 18 28.34 -18.89 -27.42
C ALA A 18 29.27 -17.75 -26.99
N CYS A 19 28.78 -16.52 -26.91
CA CYS A 19 29.63 -15.39 -26.55
C CYS A 19 30.34 -15.60 -25.21
N ASP A 20 29.72 -16.35 -24.30
CA ASP A 20 30.32 -16.64 -23.00
C ASP A 20 31.57 -17.52 -23.07
N GLN A 21 32.06 -17.88 -24.25
CA GLN A 21 33.26 -18.70 -24.27
C GLN A 21 34.53 -17.87 -24.14
N GLU A 22 34.53 -16.67 -24.72
CA GLU A 22 35.74 -15.84 -24.73
C GLU A 22 36.04 -15.29 -23.35
N PRO A 23 37.26 -15.67 -22.69
CA PRO A 23 37.63 -15.25 -21.32
C PRO A 23 38.22 -13.83 -21.27
N ILE A 24 37.35 -12.81 -21.23
CA ILE A 24 37.84 -11.45 -21.38
C ILE A 24 38.65 -10.99 -20.18
N HIS A 25 38.58 -11.69 -19.04
CA HIS A 25 39.38 -11.32 -17.90
C HIS A 25 40.85 -11.73 -18.03
N ILE A 26 41.18 -12.63 -18.96
CA ILE A 26 42.56 -13.09 -19.09
C ILE A 26 43.02 -13.07 -20.55
N PRO A 27 43.02 -11.92 -21.22
CA PRO A 27 43.48 -11.88 -22.62
C PRO A 27 45.00 -11.95 -22.76
N ASN A 28 45.74 -11.83 -21.66
CA ASN A 28 47.21 -11.81 -21.69
C ASN A 28 47.72 -10.72 -22.63
N ALA A 29 47.02 -9.60 -22.68
CA ALA A 29 47.42 -8.45 -23.50
C ALA A 29 46.72 -7.21 -22.98
N ILE A 30 47.25 -6.04 -23.36
CA ILE A 30 46.74 -4.76 -22.91
C ILE A 30 46.66 -3.81 -24.09
N GLN A 31 45.86 -2.75 -23.93
CA GLN A 31 45.86 -1.65 -24.88
C GLN A 31 47.13 -0.82 -24.72
N PRO A 32 47.61 -0.19 -25.80
CA PRO A 32 48.94 0.41 -25.77
C PRO A 32 49.00 1.82 -25.19
N PHE A 33 47.94 2.33 -24.54
CA PHE A 33 48.04 3.62 -23.89
C PHE A 33 48.61 3.53 -22.49
N GLY A 34 49.22 2.41 -22.16
CA GLY A 34 49.95 2.27 -20.91
C GLY A 34 50.84 1.05 -20.97
N ALA A 35 51.40 0.69 -19.82
CA ALA A 35 52.19 -0.53 -19.70
C ALA A 35 51.85 -1.23 -18.39
N MET A 36 52.25 -2.49 -18.30
CA MET A 36 51.86 -3.31 -17.15
C MET A 36 53.00 -4.24 -16.76
N LEU A 37 53.11 -4.46 -15.45
CA LEU A 37 54.00 -5.44 -14.84
C LEU A 37 53.13 -6.36 -14.00
N ILE A 38 53.58 -7.60 -13.87
CA ILE A 38 52.93 -8.57 -12.98
C ILE A 38 54.03 -9.20 -12.13
N VAL A 39 53.89 -9.06 -10.83
CA VAL A 39 54.92 -9.46 -9.88
C VAL A 39 54.37 -10.57 -9.00
N GLU A 40 55.21 -11.54 -8.65
CA GLU A 40 54.82 -12.55 -7.70
C GLU A 40 55.06 -11.99 -6.30
N LYS A 41 54.09 -12.18 -5.40
CA LYS A 41 54.21 -11.58 -4.07
C LYS A 41 55.36 -12.19 -3.28
N ASP A 42 55.42 -13.52 -3.21
CA ASP A 42 56.45 -14.17 -2.40
C ASP A 42 57.80 -14.15 -3.10
N THR A 43 57.79 -14.34 -4.42
CA THR A 43 59.02 -14.39 -5.20
C THR A 43 59.63 -12.99 -5.35
N GLN A 44 58.80 -11.95 -5.36
CA GLN A 44 59.19 -10.55 -5.56
C GLN A 44 59.68 -10.29 -6.98
N GLN A 45 59.71 -11.30 -7.84
CA GLN A 45 60.18 -11.11 -9.22
C GLN A 45 59.07 -10.63 -10.14
N ILE A 46 59.49 -9.89 -11.16
CA ILE A 46 58.61 -9.60 -12.29
C ILE A 46 58.50 -10.88 -13.09
N VAL A 47 57.27 -11.39 -13.24
CA VAL A 47 57.06 -12.60 -14.01
C VAL A 47 56.43 -12.33 -15.37
N TYR A 48 55.70 -11.23 -15.53
CA TYR A 48 55.17 -10.86 -16.84
C TYR A 48 55.34 -9.35 -17.00
N ALA A 49 55.54 -8.93 -18.25
CA ALA A 49 55.62 -7.51 -18.56
C ALA A 49 55.08 -7.30 -19.97
N SER A 50 54.28 -6.25 -20.13
CA SER A 50 53.75 -5.90 -21.43
C SER A 50 54.88 -5.60 -22.41
N ALA A 51 54.58 -5.75 -23.70
CA ALA A 51 55.61 -5.67 -24.72
C ALA A 51 56.19 -4.27 -24.87
N ASN A 52 55.47 -3.23 -24.46
CA ASN A 52 55.97 -1.87 -24.53
C ASN A 52 56.46 -1.34 -23.19
N SER A 53 56.72 -2.23 -22.23
CA SER A 53 57.15 -1.78 -20.90
C SER A 53 58.41 -0.93 -20.94
N ALA A 54 59.24 -1.08 -21.98
CA ALA A 54 60.54 -0.41 -21.97
C ALA A 54 60.43 1.09 -22.14
N GLU A 55 59.52 1.56 -23.00
CA GLU A 55 59.41 3.00 -23.22
C GLU A 55 58.73 3.73 -22.08
N TYR A 56 58.14 3.01 -21.13
CA TYR A 56 57.57 3.66 -19.96
C TYR A 56 58.55 3.66 -18.80
N PHE A 57 59.11 2.51 -18.47
CA PHE A 57 60.00 2.43 -17.32
C PHE A 57 61.38 3.01 -17.59
N SER A 58 61.74 3.23 -18.86
CA SER A 58 62.96 3.98 -19.14
C SER A 58 62.90 5.39 -18.57
N VAL A 59 61.68 5.91 -18.35
CA VAL A 59 61.53 7.15 -17.60
C VAL A 59 61.98 6.94 -16.16
N ALA A 60 61.60 5.82 -15.56
CA ALA A 60 61.96 5.54 -14.17
C ALA A 60 63.42 5.11 -14.04
N ASP A 61 63.90 4.28 -14.98
CA ASP A 61 65.25 3.74 -14.92
C ASP A 61 65.91 3.97 -16.28
N ASN A 62 67.08 4.61 -16.26
CA ASN A 62 67.80 4.87 -17.50
C ASN A 62 68.31 3.59 -18.16
N THR A 63 68.64 2.59 -17.35
CA THR A 63 69.27 1.37 -17.88
C THR A 63 68.38 0.65 -18.89
N ILE A 64 67.06 0.84 -18.80
CA ILE A 64 66.13 0.06 -19.59
C ILE A 64 66.05 0.61 -21.00
N HIS A 65 66.58 -0.14 -21.96
CA HIS A 65 66.50 0.20 -23.38
C HIS A 65 65.63 -0.76 -24.16
N GLU A 66 65.78 -2.05 -23.90
CA GLU A 66 64.97 -3.10 -24.49
C GLU A 66 64.02 -3.64 -23.43
N LEU A 67 63.14 -4.53 -23.86
CA LEU A 67 62.30 -5.24 -22.92
C LEU A 67 63.12 -6.20 -22.06
N SER A 68 64.10 -6.87 -22.67
CA SER A 68 64.93 -7.84 -21.96
C SER A 68 65.61 -7.25 -20.74
N ASP A 69 65.85 -5.93 -20.72
CA ASP A 69 66.55 -5.35 -19.57
C ASP A 69 65.74 -5.51 -18.29
N ILE A 70 64.41 -5.61 -18.41
CA ILE A 70 63.60 -5.74 -17.22
C ILE A 70 63.87 -7.06 -16.52
N LYS A 71 64.43 -8.05 -17.23
CA LYS A 71 64.75 -9.31 -16.59
C LYS A 71 65.83 -9.13 -15.54
N GLN A 72 66.80 -8.25 -15.80
CA GLN A 72 67.86 -7.96 -14.86
C GLN A 72 67.52 -6.78 -13.97
N ALA A 73 66.33 -6.21 -14.12
CA ALA A 73 65.88 -5.10 -13.30
C ALA A 73 65.30 -5.59 -11.98
N ASN A 74 65.25 -4.67 -11.02
CA ASN A 74 64.63 -4.87 -9.72
C ASN A 74 63.40 -3.98 -9.62
N ILE A 75 62.36 -4.45 -8.92
CA ILE A 75 61.15 -3.63 -8.77
C ILE A 75 61.46 -2.38 -7.96
N ASN A 76 62.36 -2.48 -6.98
CA ASN A 76 62.72 -1.32 -6.17
C ASN A 76 63.46 -0.25 -6.96
N SER A 77 63.74 -0.50 -8.24
CA SER A 77 64.28 0.51 -9.15
C SER A 77 63.22 1.08 -10.06
N LEU A 78 62.12 0.36 -10.28
CA LEU A 78 61.05 0.81 -11.16
C LEU A 78 59.87 1.43 -10.43
N LEU A 79 59.60 1.02 -9.18
CA LEU A 79 58.40 1.49 -8.53
C LEU A 79 58.68 2.48 -7.41
N PRO A 80 57.80 3.48 -7.24
CA PRO A 80 57.94 4.42 -6.12
C PRO A 80 57.83 3.72 -4.79
N GLU A 81 58.54 4.26 -3.79
CA GLU A 81 58.55 3.64 -2.47
C GLU A 81 57.15 3.55 -1.88
N HIS A 82 56.34 4.60 -2.10
CA HIS A 82 54.97 4.60 -1.59
C HIS A 82 54.13 3.47 -2.19
N LEU A 83 54.36 3.13 -3.46
CA LEU A 83 53.57 2.08 -4.10
C LEU A 83 53.95 0.70 -3.56
N ILE A 84 55.23 0.48 -3.33
CA ILE A 84 55.67 -0.79 -2.77
C ILE A 84 55.16 -0.92 -1.34
N SER A 85 55.34 0.12 -0.53
CA SER A 85 54.82 0.12 0.83
C SER A 85 53.32 -0.12 0.84
N GLY A 86 52.59 0.54 -0.06
CA GLY A 86 51.15 0.35 -0.11
C GLY A 86 50.75 -1.07 -0.45
N LEU A 87 51.48 -1.71 -1.38
CA LEU A 87 51.14 -3.08 -1.73
C LEU A 87 51.49 -4.04 -0.59
N ALA A 88 52.63 -3.82 0.06
CA ALA A 88 52.99 -4.61 1.24
C ALA A 88 51.96 -4.47 2.35
N SER A 89 51.32 -3.30 2.46
CA SER A 89 50.42 -3.03 3.57
C SER A 89 49.02 -3.57 3.35
N ALA A 90 48.54 -3.56 2.10
CA ALA A 90 47.14 -3.89 1.84
C ALA A 90 46.83 -5.35 2.15
N ILE A 91 45.75 -5.57 2.90
CA ILE A 91 45.27 -6.91 3.19
C ILE A 91 44.21 -7.33 2.18
N ARG A 92 43.19 -6.49 2.03
CA ARG A 92 42.12 -6.71 1.07
C ARG A 92 42.69 -6.74 -0.36
N GLU A 93 42.10 -7.56 -1.20
CA GLU A 93 42.54 -7.68 -2.59
C GLU A 93 41.73 -6.78 -3.51
N ASN A 94 42.31 -6.51 -4.69
CA ASN A 94 41.64 -5.80 -5.79
C ASN A 94 41.19 -4.40 -5.39
N GLU A 95 41.94 -3.74 -4.52
CA GLU A 95 41.67 -2.36 -4.12
C GLU A 95 42.83 -1.53 -4.65
N PRO A 96 42.72 -0.98 -5.86
CA PRO A 96 43.90 -0.37 -6.50
C PRO A 96 44.41 0.87 -5.79
N ILE A 97 45.73 1.04 -5.85
CA ILE A 97 46.46 2.16 -5.27
C ILE A 97 46.99 3.02 -6.39
N TRP A 98 46.79 4.34 -6.26
CA TRP A 98 47.18 5.32 -7.27
C TRP A 98 48.33 6.14 -6.70
N VAL A 99 49.52 5.97 -7.27
CA VAL A 99 50.71 6.71 -6.84
C VAL A 99 51.39 7.29 -8.08
N GLU A 100 51.54 8.61 -8.11
CA GLU A 100 52.15 9.29 -9.24
C GLU A 100 53.49 9.90 -8.85
N THR A 101 54.37 10.03 -9.84
CA THR A 101 55.67 10.68 -9.71
C THR A 101 55.69 11.98 -10.52
N ASP A 102 56.87 12.38 -10.99
CA ASP A 102 56.99 13.58 -11.81
C ASP A 102 56.50 13.33 -13.23
N ARG A 103 56.76 12.14 -13.78
CA ARG A 103 56.46 11.83 -15.16
C ARG A 103 55.58 10.61 -15.37
N LEU A 104 55.29 9.84 -14.31
CA LEU A 104 54.55 8.59 -14.44
C LEU A 104 53.44 8.50 -13.42
N SER A 105 52.37 7.81 -13.80
CA SER A 105 51.21 7.57 -12.96
C SER A 105 51.00 6.07 -12.81
N PHE A 106 51.13 5.58 -11.57
CA PHE A 106 51.10 4.16 -11.26
C PHE A 106 49.77 3.79 -10.62
N LEU A 107 49.25 2.62 -10.99
CA LEU A 107 48.04 2.03 -10.43
C LEU A 107 48.29 0.55 -10.17
N GLY A 108 48.32 0.12 -8.92
CA GLY A 108 48.68 -1.25 -8.62
C GLY A 108 47.78 -1.90 -7.57
N TRP A 109 47.62 -3.21 -7.69
CA TRP A 109 46.79 -3.95 -6.73
C TRP A 109 47.31 -5.37 -6.56
N ARG A 110 46.87 -6.01 -5.47
CA ARG A 110 47.19 -7.39 -5.15
C ARG A 110 46.08 -8.33 -5.63
N HIS A 111 46.48 -9.45 -6.23
CA HIS A 111 45.50 -10.43 -6.72
C HIS A 111 46.08 -11.83 -6.57
N GLU A 112 45.52 -12.63 -5.67
CA GLU A 112 46.01 -13.99 -5.43
C GLU A 112 47.49 -13.94 -5.11
N ASN A 113 48.36 -14.62 -5.87
CA ASN A 113 49.80 -14.69 -5.66
C ASN A 113 50.55 -13.67 -6.50
N TYR A 114 49.87 -12.64 -7.01
CA TYR A 114 50.50 -11.70 -7.91
C TYR A 114 50.20 -10.25 -7.52
N TYR A 115 51.08 -9.34 -7.97
CA TYR A 115 50.87 -7.89 -7.87
C TYR A 115 50.78 -7.39 -9.30
N ILE A 116 49.74 -6.64 -9.63
CA ILE A 116 49.59 -6.11 -10.98
C ILE A 116 49.78 -4.61 -10.90
N ILE A 117 50.58 -4.07 -11.81
CA ILE A 117 50.95 -2.67 -11.78
C ILE A 117 50.82 -2.09 -13.18
N GLU A 118 49.98 -1.07 -13.33
CA GLU A 118 49.86 -0.32 -14.56
C GLU A 118 50.56 1.03 -14.43
N VAL A 119 51.15 1.49 -15.52
CA VAL A 119 51.87 2.75 -15.56
C VAL A 119 51.42 3.50 -16.81
N GLU A 120 51.06 4.77 -16.65
CA GLU A 120 50.69 5.64 -17.75
C GLU A 120 51.52 6.90 -17.69
N ARG A 121 51.65 7.56 -18.84
CA ARG A 121 52.38 8.82 -18.88
C ARG A 121 51.57 9.89 -18.17
N TYR A 122 52.24 10.72 -17.38
CA TYR A 122 51.53 11.66 -16.53
C TYR A 122 52.20 13.01 -16.62
N HIS A 123 51.40 14.06 -16.80
CA HIS A 123 51.85 15.44 -16.77
C HIS A 123 51.12 16.15 -15.64
N VAL A 124 51.88 16.71 -14.70
CA VAL A 124 51.27 17.54 -13.66
C VAL A 124 50.52 18.65 -14.39
N GLN A 125 49.19 18.59 -14.38
CA GLN A 125 48.37 19.70 -14.81
C GLN A 125 47.76 20.35 -13.58
N THR A 126 48.07 21.63 -13.38
CA THR A 126 47.55 22.40 -12.26
C THR A 126 46.43 23.32 -12.75
N SER A 127 45.27 23.19 -12.13
CA SER A 127 44.16 24.12 -12.35
C SER A 127 43.11 23.83 -11.29
N ASN A 128 42.08 24.66 -11.26
CA ASN A 128 40.91 24.40 -10.43
C ASN A 128 39.75 23.89 -11.26
N TRP A 129 40.03 23.44 -12.48
CA TRP A 129 38.98 23.04 -13.41
C TRP A 129 38.14 21.91 -12.83
N PHE A 130 38.79 20.84 -12.39
CA PHE A 130 38.07 19.68 -11.87
C PHE A 130 37.15 20.06 -10.71
N GLU A 131 37.62 20.91 -9.79
CA GLU A 131 36.78 21.31 -8.66
C GLU A 131 35.60 22.17 -9.11
N ILE A 132 35.82 23.05 -10.09
CA ILE A 132 34.73 23.87 -10.62
C ILE A 132 33.69 23.00 -11.29
N GLN A 133 34.14 22.03 -12.10
CA GLN A 133 33.22 21.10 -12.75
C GLN A 133 32.46 20.28 -11.72
N PHE A 134 33.14 19.81 -10.68
CA PHE A 134 32.46 19.05 -9.63
C PHE A 134 31.39 19.88 -8.94
N GLN A 135 31.70 21.14 -8.62
CA GLN A 135 30.70 21.99 -7.97
C GLN A 135 29.51 22.22 -8.90
N ARG A 136 29.78 22.49 -10.17
CA ARG A 136 28.69 22.74 -11.12
C ARG A 136 27.85 21.48 -11.32
N ALA A 137 28.49 20.32 -11.40
CA ALA A 137 27.77 19.05 -11.56
C ALA A 137 26.86 18.79 -10.36
N PHE A 138 27.38 18.97 -9.14
CA PHE A 138 26.54 18.70 -7.98
C PHE A 138 25.40 19.71 -7.86
N GLN A 139 25.67 20.98 -8.14
CA GLN A 139 24.59 21.96 -8.10
C GLN A 139 23.52 21.66 -9.14
N LYS A 140 23.91 21.31 -10.37
CA LYS A 140 22.91 21.04 -11.40
C LYS A 140 22.15 19.74 -11.14
N LEU A 141 22.83 18.68 -10.73
CA LEU A 141 22.13 17.43 -10.40
C LEU A 141 21.21 17.62 -9.21
N ARG A 142 21.65 18.38 -8.21
CA ARG A 142 20.83 18.62 -7.03
C ARG A 142 19.53 19.34 -7.37
N ASN A 143 19.51 20.10 -8.45
CA ASN A 143 18.32 20.85 -8.85
C ASN A 143 17.36 20.04 -9.72
N CYS A 144 17.74 18.83 -10.11
CA CYS A 144 16.84 17.95 -10.86
C CYS A 144 15.84 17.30 -9.92
N LYS A 145 14.55 17.48 -10.21
CA LYS A 145 13.49 16.95 -9.37
C LYS A 145 12.64 15.89 -10.07
N THR A 146 12.86 15.63 -11.36
CA THR A 146 12.14 14.58 -12.07
C THR A 146 13.12 13.63 -12.72
N HIS A 147 12.61 12.45 -13.09
CA HIS A 147 13.41 11.43 -13.75
C HIS A 147 14.08 11.93 -15.02
N ASN A 148 13.32 12.57 -15.92
CA ASN A 148 13.86 12.95 -17.22
C ASN A 148 14.94 14.02 -17.08
N ASP A 149 14.72 14.99 -16.20
CA ASP A 149 15.70 16.06 -15.99
C ASP A 149 17.03 15.48 -15.55
N LEU A 150 17.02 14.55 -14.60
CA LEU A 150 18.26 13.97 -14.10
C LEU A 150 19.06 13.32 -15.23
N ILE A 151 18.43 12.44 -15.99
CA ILE A 151 19.18 11.69 -17.00
C ILE A 151 19.66 12.62 -18.11
N ASN A 152 18.86 13.61 -18.48
CA ASN A 152 19.30 14.52 -19.54
C ASN A 152 20.43 15.43 -19.07
N THR A 153 20.33 15.94 -17.84
CA THR A 153 21.42 16.71 -17.24
C THR A 153 22.68 15.87 -17.13
N LEU A 154 22.52 14.60 -16.77
CA LEU A 154 23.66 13.70 -16.70
C LEU A 154 24.34 13.58 -18.04
N THR A 155 23.55 13.42 -19.11
CA THR A 155 24.15 13.30 -20.44
C THR A 155 24.88 14.58 -20.85
N ARG A 156 24.29 15.75 -20.59
CA ARG A 156 25.00 16.99 -20.90
C ARG A 156 26.28 17.12 -20.08
N LEU A 157 26.21 16.81 -18.79
CA LEU A 157 27.39 16.93 -17.93
C LEU A 157 28.50 15.99 -18.39
N ILE A 158 28.16 14.73 -18.66
CA ILE A 158 29.17 13.78 -19.11
C ILE A 158 29.77 14.22 -20.45
N GLN A 159 28.95 14.81 -21.32
CA GLN A 159 29.50 15.26 -22.60
C GLN A 159 30.43 16.46 -22.41
N GLU A 160 30.06 17.41 -21.55
CA GLU A 160 30.90 18.57 -21.30
C GLU A 160 32.20 18.19 -20.59
N ILE A 161 32.13 17.26 -19.64
CA ILE A 161 33.31 16.85 -18.89
C ILE A 161 34.25 16.02 -19.76
N SER A 162 33.69 15.06 -20.51
CA SER A 162 34.53 14.13 -21.24
C SER A 162 34.89 14.63 -22.63
N GLY A 163 34.10 15.53 -23.20
CA GLY A 163 34.29 15.98 -24.55
C GLY A 163 33.90 15.01 -25.63
N TYR A 164 33.37 13.84 -25.26
CA TYR A 164 32.96 12.87 -26.28
C TYR A 164 31.78 13.39 -27.08
N ASP A 165 31.79 13.11 -28.38
CA ASP A 165 30.82 13.69 -29.30
C ASP A 165 29.42 13.08 -29.13
N ARG A 166 29.29 11.92 -28.49
CA ARG A 166 27.98 11.31 -28.28
C ARG A 166 27.95 10.63 -26.93
N VAL A 167 27.04 11.07 -26.06
CA VAL A 167 26.85 10.46 -24.75
C VAL A 167 25.40 10.02 -24.65
N MET A 168 25.19 8.82 -24.13
CA MET A 168 23.86 8.21 -24.05
C MET A 168 23.69 7.52 -22.71
N ILE A 169 22.51 7.64 -22.14
CA ILE A 169 22.16 6.83 -20.98
C ILE A 169 21.44 5.60 -21.52
N TYR A 170 21.95 4.43 -21.17
CA TYR A 170 21.48 3.17 -21.75
C TYR A 170 20.98 2.30 -20.61
N GLN A 171 19.65 2.15 -20.52
CA GLN A 171 19.01 1.39 -19.46
C GLN A 171 18.71 -0.01 -19.93
N PHE A 172 18.94 -0.97 -19.03
CA PHE A 172 18.71 -2.38 -19.29
C PHE A 172 17.26 -2.76 -19.02
N ASP A 173 16.81 -3.78 -19.72
CA ASP A 173 15.53 -4.42 -19.46
C ASP A 173 15.73 -5.57 -18.50
N PRO A 174 14.65 -6.15 -17.96
CA PRO A 174 14.83 -7.33 -17.11
C PRO A 174 15.39 -8.53 -17.87
N GLU A 175 15.37 -8.49 -19.20
CA GLU A 175 15.93 -9.55 -20.03
C GLU A 175 17.31 -9.20 -20.56
N TRP A 176 17.87 -8.06 -20.14
CA TRP A 176 19.20 -7.55 -20.47
C TRP A 176 19.27 -6.90 -21.85
N ASN A 177 18.14 -6.73 -22.53
CA ASN A 177 18.13 -5.84 -23.68
C ASN A 177 18.17 -4.40 -23.17
N GLY A 178 18.36 -3.44 -24.06
CA GLY A 178 18.46 -2.08 -23.57
C GLY A 178 17.85 -1.06 -24.50
N ARG A 179 17.71 0.15 -23.96
CA ARG A 179 17.19 1.28 -24.69
C ARG A 179 17.97 2.53 -24.28
N VAL A 180 18.24 3.39 -25.26
CA VAL A 180 18.85 4.69 -24.99
C VAL A 180 17.75 5.62 -24.50
N ILE A 181 17.87 6.08 -23.26
CA ILE A 181 16.84 6.91 -22.63
C ILE A 181 17.25 8.37 -22.51
N ALA A 182 18.50 8.70 -22.80
CA ALA A 182 18.97 10.09 -22.83
C ALA A 182 20.16 10.14 -23.78
N GLU A 183 20.39 11.31 -24.36
CA GLU A 183 21.41 11.40 -25.40
C GLU A 183 21.83 12.84 -25.63
N SER A 184 23.13 13.03 -25.86
CA SER A 184 23.69 14.29 -26.32
C SER A 184 24.56 13.99 -27.53
N VAL A 185 24.18 14.49 -28.70
CA VAL A 185 24.83 14.16 -29.96
C VAL A 185 25.22 15.44 -30.68
N ARG A 186 26.46 15.50 -31.16
CA ARG A 186 26.94 16.67 -31.87
C ARG A 186 26.77 16.52 -33.38
N GLN A 187 27.73 17.04 -34.14
CA GLN A 187 27.50 17.30 -35.57
C GLN A 187 27.70 16.05 -36.42
N LEU A 188 28.69 15.22 -36.10
CA LEU A 188 29.00 14.10 -36.98
C LEU A 188 28.14 12.87 -36.69
N PHE A 189 27.95 12.53 -35.42
CA PHE A 189 27.19 11.32 -35.10
C PHE A 189 25.71 11.49 -35.39
N THR A 190 25.08 10.38 -35.77
CA THR A 190 23.63 10.30 -35.84
C THR A 190 23.03 10.00 -34.46
N SER A 191 21.86 10.59 -34.21
CA SER A 191 21.17 10.38 -32.95
C SER A 191 20.65 8.95 -32.81
N MET A 192 20.80 8.39 -31.60
CA MET A 192 20.43 7.02 -31.30
C MET A 192 19.39 6.96 -30.18
N LEU A 193 18.66 8.06 -29.98
CA LEU A 193 17.72 8.16 -28.88
C LEU A 193 16.50 7.26 -29.12
N ASN A 194 16.10 6.52 -28.08
CA ASN A 194 14.97 5.60 -28.07
C ASN A 194 15.18 4.40 -28.97
N HIS A 195 16.41 4.17 -29.43
CA HIS A 195 16.73 2.97 -30.18
C HIS A 195 16.94 1.80 -29.24
N HIS A 196 16.47 0.62 -29.63
CA HIS A 196 16.61 -0.59 -28.84
C HIS A 196 17.84 -1.38 -29.28
N PHE A 197 18.58 -1.91 -28.31
CA PHE A 197 19.73 -2.76 -28.58
C PHE A 197 19.55 -4.13 -27.93
N PRO A 198 20.05 -5.18 -28.59
CA PRO A 198 19.85 -6.54 -28.06
C PRO A 198 20.84 -6.90 -26.97
N ALA A 199 20.47 -7.93 -26.20
CA ALA A 199 21.30 -8.38 -25.10
C ALA A 199 22.67 -8.84 -25.58
N SER A 200 22.72 -9.51 -26.73
CA SER A 200 23.98 -10.06 -27.24
C SER A 200 25.05 -9.00 -27.44
N ASP A 201 24.67 -7.71 -27.46
CA ASP A 201 25.66 -6.64 -27.57
C ASP A 201 26.58 -6.57 -26.35
N ILE A 202 26.11 -6.97 -25.18
CA ILE A 202 26.93 -6.98 -23.97
C ILE A 202 26.76 -8.29 -23.22
N PRO A 203 27.62 -9.30 -23.43
CA PRO A 203 27.46 -10.57 -22.69
C PRO A 203 27.55 -10.38 -21.18
N ALA A 204 27.08 -11.39 -20.46
CA ALA A 204 27.02 -11.33 -19.00
C ALA A 204 28.41 -11.16 -18.40
N GLN A 205 29.40 -11.84 -18.98
CA GLN A 205 30.78 -11.67 -18.56
C GLN A 205 31.23 -10.21 -18.68
N ALA A 206 30.84 -9.56 -19.78
CA ALA A 206 31.18 -8.14 -19.97
C ALA A 206 30.46 -7.24 -18.97
N ARG A 207 29.17 -7.52 -18.71
CA ARG A 207 28.44 -6.75 -17.70
C ARG A 207 29.03 -6.92 -16.31
N ALA A 208 29.57 -8.10 -16.00
CA ALA A 208 30.13 -8.30 -14.67
C ALA A 208 31.37 -7.45 -14.44
N MET A 209 31.98 -6.93 -15.50
CA MET A 209 33.19 -6.13 -15.35
C MET A 209 32.91 -4.82 -14.62
N TYR A 210 31.78 -4.17 -14.92
CA TYR A 210 31.46 -2.89 -14.29
C TYR A 210 31.38 -3.00 -12.77
N SER A 211 31.05 -4.18 -12.27
CA SER A 211 31.02 -4.42 -10.83
C SER A 211 32.42 -4.52 -10.25
N ILE A 212 33.42 -4.77 -11.09
CA ILE A 212 34.82 -4.84 -10.66
C ILE A 212 35.53 -3.50 -10.87
N ASN A 213 35.26 -2.83 -11.98
CA ASN A 213 35.72 -1.47 -12.25
C ASN A 213 34.60 -0.71 -12.94
N PRO A 214 34.09 0.36 -12.32
CA PRO A 214 32.90 1.03 -12.86
C PRO A 214 33.12 1.71 -14.19
N ILE A 215 34.36 1.96 -14.61
CA ILE A 215 34.64 2.65 -15.86
C ILE A 215 35.46 1.74 -16.76
N ARG A 216 35.12 1.74 -18.05
CA ARG A 216 35.87 1.07 -19.10
C ARG A 216 36.25 2.10 -20.15
N ILE A 217 37.50 2.05 -20.61
CA ILE A 217 38.07 3.06 -21.50
C ILE A 217 38.70 2.39 -22.70
N ILE A 218 38.33 2.85 -23.89
CA ILE A 218 38.87 2.39 -25.17
C ILE A 218 39.28 3.62 -25.96
N PRO A 219 40.51 4.11 -25.78
CA PRO A 219 40.89 5.39 -26.40
C PRO A 219 41.11 5.31 -27.91
N ASP A 220 41.19 4.11 -28.49
CA ASP A 220 41.49 3.97 -29.91
C ASP A 220 41.10 2.56 -30.34
N VAL A 221 40.10 2.46 -31.21
CA VAL A 221 39.58 1.16 -31.63
C VAL A 221 40.58 0.43 -32.52
N ASN A 222 41.52 1.14 -33.14
CA ASN A 222 42.48 0.54 -34.05
C ASN A 222 43.89 0.46 -33.47
N ALA A 223 44.05 0.68 -32.16
CA ALA A 223 45.36 0.59 -31.53
C ALA A 223 45.76 -0.87 -31.31
N GLU A 224 46.91 -1.25 -31.84
CA GLU A 224 47.38 -2.63 -31.74
C GLU A 224 47.61 -3.02 -30.28
N PRO A 225 47.06 -4.13 -29.81
CA PRO A 225 47.26 -4.55 -28.42
C PRO A 225 48.67 -5.08 -28.18
N GLN A 226 49.18 -4.80 -26.98
CA GLN A 226 50.52 -5.22 -26.60
C GLN A 226 50.44 -6.47 -25.75
N PRO A 227 50.94 -7.61 -26.20
CA PRO A 227 50.87 -8.83 -25.37
C PRO A 227 51.80 -8.75 -24.17
N LEU A 228 51.52 -9.60 -23.19
CA LEU A 228 52.40 -9.78 -22.05
C LEU A 228 53.44 -10.83 -22.41
N HIS A 229 54.71 -10.53 -22.10
CA HIS A 229 55.78 -11.48 -22.30
C HIS A 229 56.27 -12.00 -20.95
N MET A 230 56.61 -13.28 -20.89
CA MET A 230 57.18 -13.82 -19.68
C MET A 230 58.60 -13.30 -19.50
N ILE A 231 59.03 -13.21 -18.25
CA ILE A 231 60.32 -12.63 -17.92
C ILE A 231 61.01 -13.51 -16.91
N HIS A 232 60.27 -13.93 -15.90
CA HIS A 232 60.71 -14.94 -14.96
C HIS A 232 59.65 -16.01 -14.86
N LYS A 233 60.08 -17.25 -14.70
CA LYS A 233 59.14 -18.36 -14.71
C LYS A 233 58.21 -18.27 -13.51
N PRO A 234 56.91 -18.04 -13.69
CA PRO A 234 56.03 -17.99 -12.53
C PRO A 234 55.86 -19.37 -11.97
N GLN A 235 55.36 -19.42 -10.75
CA GLN A 235 55.16 -20.71 -10.10
C GLN A 235 53.92 -21.41 -10.64
N ASN A 236 52.96 -20.65 -11.16
CA ASN A 236 51.66 -21.16 -11.53
C ASN A 236 51.47 -21.31 -13.04
N THR A 237 51.81 -20.28 -13.82
CA THR A 237 51.79 -20.25 -15.28
C THR A 237 50.41 -20.04 -15.88
N GLU A 238 49.35 -20.28 -15.10
CA GLU A 238 48.01 -19.94 -15.59
C GLU A 238 47.90 -18.42 -15.78
N ALA A 239 47.13 -18.02 -16.79
CA ALA A 239 47.00 -16.61 -17.12
C ALA A 239 46.46 -15.82 -15.94
N VAL A 240 47.00 -14.61 -15.75
CA VAL A 240 46.67 -13.76 -14.62
C VAL A 240 45.46 -12.89 -14.95
N ASN A 241 44.57 -12.72 -13.98
CA ASN A 241 43.34 -11.94 -14.15
C ASN A 241 43.64 -10.45 -14.11
N LEU A 242 43.20 -9.73 -15.16
CA LEU A 242 43.46 -8.30 -15.30
C LEU A 242 42.20 -7.44 -15.16
N SER A 243 41.16 -7.97 -14.51
CA SER A 243 39.85 -7.29 -14.51
C SER A 243 39.88 -5.95 -13.77
N SER A 244 40.61 -5.84 -12.67
CA SER A 244 40.54 -4.64 -11.82
C SER A 244 41.17 -3.40 -12.45
N GLY A 245 41.94 -3.52 -13.51
CA GLY A 245 42.66 -2.39 -14.08
C GLY A 245 41.88 -1.61 -15.12
N VAL A 246 42.62 -0.85 -15.92
CA VAL A 246 42.06 -0.08 -17.02
C VAL A 246 42.67 -0.46 -18.37
N LEU A 247 43.76 -1.22 -18.38
CA LEU A 247 44.50 -1.53 -19.60
C LEU A 247 44.09 -2.82 -20.29
N ARG A 248 43.34 -3.69 -19.61
CA ARG A 248 42.84 -4.96 -20.13
C ARG A 248 42.41 -4.84 -21.59
N ALA A 249 43.00 -5.66 -22.45
CA ALA A 249 42.70 -5.62 -23.88
C ALA A 249 41.24 -5.94 -24.15
N VAL A 250 40.75 -5.44 -25.29
CA VAL A 250 39.36 -5.56 -25.68
C VAL A 250 39.20 -6.72 -26.64
N SER A 251 38.12 -7.50 -26.47
CA SER A 251 37.76 -8.51 -27.45
C SER A 251 37.73 -7.91 -28.85
N PRO A 252 38.34 -8.57 -29.84
CA PRO A 252 38.29 -8.02 -31.21
C PRO A 252 36.89 -7.96 -31.77
N LEU A 253 35.97 -8.80 -31.27
CA LEU A 253 34.57 -8.71 -31.68
C LEU A 253 33.98 -7.36 -31.31
N HIS A 254 34.28 -6.87 -30.10
CA HIS A 254 33.73 -5.58 -29.70
C HIS A 254 34.41 -4.41 -30.41
N MET A 255 35.67 -4.57 -30.80
CA MET A 255 36.32 -3.54 -31.58
C MET A 255 35.66 -3.41 -32.95
N GLN A 256 35.51 -4.53 -33.66
CA GLN A 256 34.83 -4.50 -34.95
C GLN A 256 33.40 -4.00 -34.79
N TYR A 257 32.76 -4.36 -33.67
CA TYR A 257 31.46 -3.80 -33.31
C TYR A 257 31.50 -2.28 -33.33
N LEU A 258 32.46 -1.69 -32.61
CA LEU A 258 32.58 -0.23 -32.56
C LEU A 258 32.86 0.36 -33.95
N ARG A 259 33.68 -0.32 -34.76
CA ARG A 259 33.93 0.14 -36.11
C ARG A 259 32.64 0.21 -36.91
N ASN A 260 31.83 -0.85 -36.83
CA ASN A 260 30.55 -0.86 -37.54
C ASN A 260 29.65 0.24 -37.05
N PHE A 261 29.72 0.57 -35.76
CA PHE A 261 28.96 1.68 -35.19
C PHE A 261 29.51 3.05 -35.60
N GLY A 262 30.63 3.09 -36.31
CA GLY A 262 31.24 4.35 -36.69
C GLY A 262 31.91 5.06 -35.53
N VAL A 263 32.51 4.31 -34.62
CA VAL A 263 33.06 4.84 -33.37
C VAL A 263 34.56 4.58 -33.34
N SER A 264 35.34 5.62 -33.07
CA SER A 264 36.78 5.50 -32.95
C SER A 264 37.26 5.32 -31.53
N ALA A 265 36.47 5.74 -30.54
CA ALA A 265 36.88 5.66 -29.14
C ALA A 265 35.61 5.65 -28.30
N SER A 266 35.66 4.95 -27.17
CA SER A 266 34.49 4.90 -26.31
C SER A 266 34.90 4.80 -24.85
N THR A 267 33.96 5.15 -23.99
CA THR A 267 34.13 5.05 -22.53
C THR A 267 32.76 4.79 -21.93
N SER A 268 32.66 3.84 -21.02
CA SER A 268 31.38 3.59 -20.37
C SER A 268 31.53 3.46 -18.85
N ILE A 269 30.49 3.92 -18.15
CA ILE A 269 30.45 3.91 -16.70
C ILE A 269 29.16 3.22 -16.27
N GLY A 270 29.28 2.22 -15.41
CA GLY A 270 28.12 1.52 -14.91
C GLY A 270 27.31 2.37 -13.93
N ILE A 271 25.98 2.25 -14.03
CA ILE A 271 25.06 2.93 -13.13
C ILE A 271 24.50 1.89 -12.17
N PHE A 272 24.79 2.07 -10.88
CA PHE A 272 24.50 1.09 -9.84
C PHE A 272 23.38 1.57 -8.92
N ASN A 273 22.43 0.67 -8.63
CA ASN A 273 21.43 0.85 -7.59
C ASN A 273 21.80 -0.17 -6.53
N GLU A 274 22.41 0.29 -5.44
CA GLU A 274 23.11 -0.61 -4.52
C GLU A 274 24.09 -1.47 -5.30
N ASP A 275 23.82 -2.77 -5.39
CA ASP A 275 24.71 -3.71 -6.07
C ASP A 275 24.16 -4.15 -7.42
N GLU A 276 23.04 -3.59 -7.87
CA GLU A 276 22.42 -3.98 -9.13
C GLU A 276 22.85 -3.04 -10.24
N LEU A 277 23.21 -3.62 -11.39
CA LEU A 277 23.61 -2.82 -12.55
C LEU A 277 22.36 -2.34 -13.26
N TRP A 278 22.05 -1.06 -13.13
CA TRP A 278 20.81 -0.52 -13.70
C TRP A 278 20.98 -0.02 -15.12
N GLY A 279 22.14 0.53 -15.46
CA GLY A 279 22.42 0.88 -16.83
C GLY A 279 23.88 1.28 -17.00
N ILE A 280 24.15 1.96 -18.11
CA ILE A 280 25.49 2.48 -18.38
C ILE A 280 25.41 3.86 -19.03
N VAL A 281 26.43 4.66 -18.76
CA VAL A 281 26.68 5.90 -19.50
C VAL A 281 27.65 5.55 -20.63
N ALA A 282 27.17 5.61 -21.88
CA ALA A 282 27.98 5.23 -23.03
C ALA A 282 28.44 6.47 -23.79
N CYS A 283 29.75 6.57 -24.02
CA CYS A 283 30.33 7.73 -24.70
C CYS A 283 31.14 7.30 -25.91
N HIS A 284 30.94 8.02 -27.02
CA HIS A 284 31.57 7.77 -28.31
C HIS A 284 32.18 9.05 -28.84
N HIS A 285 33.24 8.87 -29.63
CA HIS A 285 33.93 9.95 -30.31
C HIS A 285 34.26 9.48 -31.73
N THR A 286 34.34 10.44 -32.66
CA THR A 286 34.62 10.11 -34.05
C THR A 286 36.10 10.02 -34.36
N LYS A 287 36.96 10.28 -33.39
CA LYS A 287 38.41 10.17 -33.51
C LYS A 287 38.92 9.57 -32.21
N PRO A 288 40.16 9.08 -32.18
CA PRO A 288 40.74 8.65 -30.91
C PRO A 288 40.70 9.77 -29.86
N ARG A 289 40.60 9.36 -28.60
CA ARG A 289 40.43 10.32 -27.50
C ARG A 289 40.79 9.64 -26.19
N ALA A 290 41.90 10.05 -25.58
CA ALA A 290 42.28 9.60 -24.24
C ALA A 290 41.66 10.50 -23.18
N ILE A 291 41.37 9.91 -22.02
CA ILE A 291 40.94 10.65 -20.84
C ILE A 291 41.83 10.25 -19.66
N GLY A 292 42.37 11.26 -18.98
CA GLY A 292 43.23 11.03 -17.85
C GLY A 292 42.51 10.44 -16.65
N ARG A 293 43.33 10.04 -15.66
CA ARG A 293 42.80 9.43 -14.45
C ARG A 293 41.87 10.39 -13.70
N ARG A 294 42.18 11.69 -13.74
CA ARG A 294 41.38 12.66 -13.00
C ARG A 294 40.04 12.89 -13.67
N ILE A 295 40.01 12.92 -15.00
CA ILE A 295 38.73 13.01 -15.70
C ILE A 295 37.94 11.72 -15.51
N ARG A 296 38.62 10.57 -15.44
CA ARG A 296 37.93 9.33 -15.11
C ARG A 296 37.25 9.44 -13.75
N ARG A 297 38.03 9.77 -12.72
CA ARG A 297 37.46 9.87 -11.37
C ARG A 297 36.34 10.89 -11.32
N LEU A 298 36.48 11.99 -12.06
CA LEU A 298 35.40 12.98 -12.14
C LEU A 298 34.13 12.34 -12.71
N LEU A 299 34.24 11.69 -13.87
CA LEU A 299 33.09 11.03 -14.47
C LEU A 299 32.42 10.07 -13.51
N VAL A 300 33.20 9.23 -12.84
CA VAL A 300 32.61 8.19 -12.01
C VAL A 300 31.97 8.79 -10.76
N ARG A 301 32.70 9.68 -10.07
CA ARG A 301 32.11 10.35 -8.91
C ARG A 301 30.80 11.05 -9.26
N THR A 302 30.76 11.70 -10.42
CA THR A 302 29.52 12.32 -10.89
C THR A 302 28.42 11.28 -11.04
N VAL A 303 28.71 10.18 -11.71
CA VAL A 303 27.68 9.17 -11.98
C VAL A 303 27.12 8.61 -10.69
N GLU A 304 27.96 8.41 -9.67
CA GLU A 304 27.46 7.87 -8.41
C GLU A 304 26.47 8.84 -7.76
N PHE A 305 26.82 10.12 -7.69
CA PHE A 305 25.92 11.12 -7.13
C PHE A 305 24.62 11.20 -7.91
N ALA A 306 24.71 11.29 -9.24
CA ALA A 306 23.52 11.30 -10.08
C ALA A 306 22.66 10.06 -9.84
N ALA A 307 23.30 8.90 -9.65
CA ALA A 307 22.57 7.66 -9.43
C ALA A 307 21.77 7.71 -8.13
N GLU A 308 22.44 8.04 -7.01
CA GLU A 308 21.73 8.23 -5.75
C GLU A 308 20.59 9.23 -5.89
N ARG A 309 20.82 10.32 -6.62
CA ARG A 309 19.78 11.32 -6.82
C ARG A 309 18.59 10.71 -7.54
N LEU A 310 18.85 9.88 -8.56
CA LEU A 310 17.77 9.26 -9.32
C LEU A 310 17.01 8.25 -8.46
N TRP A 311 17.71 7.48 -7.63
CA TRP A 311 17.01 6.56 -6.74
C TRP A 311 16.19 7.31 -5.71
N LEU A 312 16.63 8.51 -5.32
CA LEU A 312 15.82 9.32 -4.42
C LEU A 312 14.55 9.80 -5.11
N ILE A 313 14.66 10.23 -6.37
CA ILE A 313 13.48 10.62 -7.12
C ILE A 313 12.52 9.44 -7.27
N HIS A 314 13.06 8.25 -7.55
CA HIS A 314 12.21 7.07 -7.68
C HIS A 314 11.50 6.74 -6.37
N SER A 315 12.25 6.72 -5.27
CA SER A 315 11.67 6.41 -3.97
C SER A 315 10.71 7.48 -3.49
N ARG A 316 10.78 8.70 -4.05
CA ARG A 316 9.82 9.74 -3.68
C ARG A 316 8.53 9.61 -4.48
N ASN A 317 8.62 9.37 -5.79
CA ASN A 317 7.43 9.16 -6.60
C ASN A 317 6.60 7.97 -6.14
N VAL A 318 7.22 7.03 -5.43
CA VAL A 318 6.46 5.95 -4.81
C VAL A 318 5.61 6.51 -3.66
N GLU A 319 6.20 7.40 -2.86
CA GLU A 319 5.45 7.96 -1.74
C GLU A 319 4.40 8.95 -2.21
N ARG A 320 4.74 9.76 -3.22
CA ARG A 320 3.77 10.69 -3.80
C ARG A 320 2.56 9.95 -4.36
N TYR A 321 2.79 8.85 -5.07
CA TYR A 321 1.69 8.06 -5.60
C TYR A 321 0.83 7.50 -4.48
N MET A 322 1.46 7.05 -3.39
CA MET A 322 0.71 6.57 -2.25
C MET A 322 -0.22 7.66 -1.71
N VAL A 323 0.27 8.89 -1.63
CA VAL A 323 -0.55 10.01 -1.16
C VAL A 323 -1.72 10.23 -2.11
N THR A 324 -1.48 10.14 -3.42
CA THR A 324 -2.56 10.29 -4.39
C THR A 324 -3.63 9.23 -4.19
N VAL A 325 -3.21 7.97 -4.00
CA VAL A 325 -4.17 6.90 -3.75
C VAL A 325 -4.97 7.18 -2.49
N GLN A 326 -4.30 7.61 -1.43
CA GLN A 326 -5.01 7.98 -0.20
C GLN A 326 -6.03 9.08 -0.46
N ALA A 327 -5.70 10.02 -1.35
CA ALA A 327 -6.65 11.08 -1.70
C ALA A 327 -7.88 10.53 -2.39
N ALA A 328 -7.68 9.62 -3.36
CA ALA A 328 -8.83 9.06 -4.07
C ALA A 328 -9.68 8.18 -3.15
N ARG A 329 -9.04 7.36 -2.32
CA ARG A 329 -9.78 6.57 -1.33
C ARG A 329 -10.53 7.48 -0.36
N GLU A 330 -9.96 8.64 -0.03
CA GLU A 330 -10.65 9.63 0.77
C GLU A 330 -11.87 10.17 0.03
N GLN A 331 -11.77 10.32 -1.29
CA GLN A 331 -12.93 10.75 -2.07
C GLN A 331 -14.01 9.68 -2.11
N LEU A 332 -13.62 8.40 -2.03
CA LEU A 332 -14.61 7.33 -2.07
C LEU A 332 -15.56 7.38 -0.89
N SER A 333 -15.08 7.80 0.27
CA SER A 333 -15.90 7.84 1.48
C SER A 333 -16.60 9.17 1.71
N THR A 334 -16.32 10.18 0.88
CA THR A 334 -17.16 11.37 0.89
C THR A 334 -18.50 11.10 0.21
N THR A 335 -18.50 10.24 -0.81
CA THR A 335 -19.73 9.79 -1.44
C THR A 335 -20.42 8.69 -0.64
N ALA A 336 -19.65 7.94 0.16
CA ALA A 336 -20.21 6.79 0.86
C ALA A 336 -21.15 7.22 1.99
N ASP A 337 -20.88 8.36 2.65
CA ASP A 337 -21.76 8.84 3.71
C ASP A 337 -23.10 9.34 3.16
N ASP A 338 -23.12 9.80 1.91
CA ASP A 338 -24.34 10.25 1.25
C ASP A 338 -25.24 9.10 0.79
N LYS A 339 -24.92 7.87 1.18
CA LYS A 339 -25.76 6.69 0.98
C LYS A 339 -25.84 6.26 -0.49
N HIS A 340 -24.87 6.68 -1.30
CA HIS A 340 -24.85 6.24 -2.69
C HIS A 340 -24.60 4.74 -2.74
N SER A 341 -25.05 4.10 -3.81
CA SER A 341 -24.72 2.71 -4.02
C SER A 341 -23.28 2.56 -4.47
N SER A 342 -22.77 1.32 -4.39
CA SER A 342 -21.43 1.05 -4.89
C SER A 342 -21.37 1.19 -6.40
N HIS A 343 -22.46 0.88 -7.10
CA HIS A 343 -22.51 1.04 -8.54
C HIS A 343 -22.51 2.51 -8.93
N GLU A 344 -23.16 3.37 -8.12
CA GLU A 344 -23.09 4.81 -8.33
C GLU A 344 -21.68 5.32 -8.09
N ILE A 345 -21.01 4.78 -7.08
CA ILE A 345 -19.64 5.20 -6.77
C ILE A 345 -18.68 4.82 -7.90
N VAL A 346 -18.79 3.59 -8.42
CA VAL A 346 -17.93 3.17 -9.53
C VAL A 346 -18.13 4.07 -10.74
N ILE A 347 -19.37 4.38 -11.09
CA ILE A 347 -19.62 5.23 -12.25
C ILE A 347 -19.08 6.63 -12.02
N GLU A 348 -19.11 7.11 -10.77
CA GLU A 348 -18.71 8.49 -10.50
C GLU A 348 -17.19 8.66 -10.55
N HIS A 349 -16.42 7.65 -10.12
CA HIS A 349 -14.98 7.79 -9.91
C HIS A 349 -14.12 6.93 -10.83
N ALA A 350 -14.70 6.16 -11.75
CA ALA A 350 -13.90 5.21 -12.51
C ALA A 350 -12.96 5.90 -13.49
N ALA A 351 -13.33 7.08 -13.98
CA ALA A 351 -12.43 7.83 -14.85
C ALA A 351 -11.16 8.24 -14.12
N ASP A 352 -11.28 8.66 -12.86
CA ASP A 352 -10.10 8.95 -12.05
C ASP A 352 -9.24 7.71 -11.85
N TRP A 353 -9.87 6.56 -11.59
CA TRP A 353 -9.12 5.34 -11.38
C TRP A 353 -8.32 4.94 -12.62
N CYS A 354 -8.85 5.21 -13.81
CA CYS A 354 -8.14 4.86 -15.04
C CYS A 354 -6.84 5.64 -15.15
N LYS A 355 -6.85 6.91 -14.73
CA LYS A 355 -5.62 7.68 -14.66
C LYS A 355 -4.72 7.14 -13.56
N LEU A 356 -5.27 6.97 -12.36
CA LEU A 356 -4.53 6.43 -11.21
C LEU A 356 -3.83 5.11 -11.54
N PHE A 357 -4.47 4.25 -12.33
CA PHE A 357 -3.95 2.91 -12.59
C PHE A 357 -3.41 2.72 -13.99
N ARG A 358 -3.38 3.76 -14.81
CA ARG A 358 -2.90 3.66 -16.19
C ARG A 358 -3.55 2.46 -16.89
N CYS A 359 -4.89 2.43 -16.84
CA CYS A 359 -5.66 1.38 -17.48
C CYS A 359 -6.77 2.00 -18.32
N ASP A 360 -7.23 1.23 -19.30
CA ASP A 360 -8.23 1.69 -20.25
C ASP A 360 -9.67 1.44 -19.83
N GLY A 361 -9.91 0.55 -18.86
CA GLY A 361 -11.27 0.20 -18.51
C GLY A 361 -11.34 -0.50 -17.18
N ILE A 362 -12.54 -0.45 -16.60
CA ILE A 362 -12.80 -1.03 -15.28
C ILE A 362 -14.12 -1.78 -15.35
N GLY A 363 -14.18 -2.94 -14.69
CA GLY A 363 -15.42 -3.64 -14.48
C GLY A 363 -15.59 -4.08 -13.05
N TYR A 364 -16.75 -3.80 -12.46
CA TYR A 364 -17.07 -4.17 -11.08
C TYR A 364 -18.20 -5.17 -11.08
N LEU A 365 -17.97 -6.34 -10.47
CA LEU A 365 -18.96 -7.40 -10.36
C LEU A 365 -19.23 -7.70 -8.89
N ARG A 366 -20.50 -7.60 -8.49
CA ARG A 366 -20.94 -7.95 -7.14
C ARG A 366 -22.25 -8.72 -7.29
N GLY A 367 -22.19 -10.04 -7.17
CA GLY A 367 -23.37 -10.86 -7.41
C GLY A 367 -23.60 -11.03 -8.89
N GLU A 368 -24.83 -10.79 -9.35
CA GLU A 368 -25.13 -10.84 -10.77
C GLU A 368 -25.01 -9.49 -11.48
N GLU A 369 -24.78 -8.40 -10.75
CA GLU A 369 -24.82 -7.08 -11.35
C GLU A 369 -23.41 -6.69 -11.77
N LEU A 370 -23.30 -6.03 -12.92
CA LEU A 370 -22.02 -5.64 -13.49
C LEU A 370 -22.04 -4.17 -13.91
N THR A 371 -21.04 -3.43 -13.46
CA THR A 371 -20.86 -2.03 -13.82
C THR A 371 -19.59 -1.92 -14.63
N THR A 372 -19.65 -1.24 -15.78
CA THR A 372 -18.50 -1.11 -16.65
C THR A 372 -18.23 0.34 -16.98
N TYR A 373 -16.95 0.67 -17.10
CA TYR A 373 -16.50 1.96 -17.60
C TYR A 373 -15.32 1.76 -18.54
N GLY A 374 -15.33 2.46 -19.66
CA GLY A 374 -14.21 2.35 -20.57
C GLY A 374 -14.21 1.06 -21.36
N GLU A 375 -13.03 0.71 -21.87
CA GLU A 375 -12.87 -0.44 -22.74
C GLU A 375 -12.94 -1.70 -21.92
N THR A 376 -13.96 -2.54 -22.16
CA THR A 376 -14.12 -3.77 -21.42
C THR A 376 -14.59 -4.87 -22.35
N PRO A 377 -14.28 -6.12 -22.03
CA PRO A 377 -14.94 -7.26 -22.70
C PRO A 377 -16.44 -7.27 -22.42
N ASP A 378 -17.14 -8.17 -23.13
CA ASP A 378 -18.58 -8.24 -22.99
C ASP A 378 -18.92 -8.87 -21.64
N GLN A 379 -20.20 -8.71 -21.24
CA GLN A 379 -20.60 -9.28 -19.95
C GLN A 379 -20.34 -10.78 -19.93
N THR A 380 -20.58 -11.45 -21.06
CA THR A 380 -20.36 -12.88 -21.14
C THR A 380 -18.87 -13.18 -21.00
N THR A 381 -18.03 -12.45 -21.74
CA THR A 381 -16.58 -12.63 -21.63
C THR A 381 -16.10 -12.29 -20.23
N ILE A 382 -16.69 -11.28 -19.59
CA ILE A 382 -16.33 -10.94 -18.23
C ILE A 382 -16.63 -12.10 -17.30
N ASN A 383 -17.74 -12.80 -17.54
CA ASN A 383 -18.10 -13.95 -16.71
C ASN A 383 -17.21 -15.16 -16.99
N LYS A 384 -16.82 -15.34 -18.26
CA LYS A 384 -15.81 -16.36 -18.56
C LYS A 384 -14.53 -16.08 -17.80
N LEU A 385 -14.16 -14.81 -17.71
CA LEU A 385 -12.98 -14.40 -16.95
C LEU A 385 -13.14 -14.74 -15.47
N VAL A 386 -14.22 -14.25 -14.85
CA VAL A 386 -14.49 -14.52 -13.44
C VAL A 386 -14.43 -16.01 -13.13
N GLU A 387 -15.22 -16.80 -13.86
CA GLU A 387 -15.23 -18.24 -13.65
C GLU A 387 -13.84 -18.85 -13.80
N TRP A 388 -13.10 -18.48 -14.84
CA TRP A 388 -11.76 -19.04 -14.97
C TRP A 388 -10.88 -18.61 -13.80
N LEU A 389 -11.13 -17.42 -13.25
CA LEU A 389 -10.39 -16.93 -12.10
C LEU A 389 -10.68 -17.79 -10.87
N GLU A 390 -11.94 -18.19 -10.71
CA GLU A 390 -12.30 -19.07 -9.60
C GLU A 390 -11.68 -20.45 -9.79
N GLU A 391 -11.87 -21.03 -10.99
CA GLU A 391 -11.35 -22.36 -11.31
C GLU A 391 -9.83 -22.41 -11.46
N ASN A 392 -9.19 -21.28 -11.79
CA ASN A 392 -7.74 -21.19 -11.62
C ASN A 392 -7.38 -21.36 -10.15
N GLY A 393 -8.20 -20.80 -9.27
CA GLY A 393 -8.08 -21.00 -7.85
C GLY A 393 -6.91 -20.39 -7.15
N LYS A 394 -6.21 -19.44 -7.78
CA LYS A 394 -5.04 -18.86 -7.10
C LYS A 394 -5.51 -18.21 -5.81
N LYS A 395 -4.86 -18.57 -4.70
CA LYS A 395 -5.01 -17.90 -3.41
C LYS A 395 -4.44 -16.49 -3.38
N SER A 396 -3.92 -16.00 -4.50
CA SER A 396 -3.34 -14.65 -4.53
C SER A 396 -4.41 -13.60 -4.23
N LEU A 397 -4.02 -12.61 -3.42
CA LEU A 397 -4.90 -11.49 -3.11
C LEU A 397 -5.39 -10.79 -4.36
N PHE A 398 -4.59 -10.78 -5.42
CA PHE A 398 -5.00 -10.27 -6.71
C PHE A 398 -4.41 -11.18 -7.77
N TRP A 399 -4.90 -11.04 -9.00
CA TRP A 399 -4.33 -11.76 -10.13
C TRP A 399 -4.13 -10.78 -11.26
N HIS A 400 -2.97 -10.83 -11.89
CA HIS A 400 -2.64 -9.79 -12.84
C HIS A 400 -1.74 -10.34 -13.95
N SER A 401 -1.95 -9.83 -15.16
CA SER A 401 -1.10 -10.20 -16.29
C SER A 401 -1.16 -9.08 -17.32
N HIS A 402 -0.02 -8.83 -17.97
CA HIS A 402 0.04 -7.88 -19.07
C HIS A 402 0.02 -8.56 -20.43
N MET A 403 -0.09 -9.89 -20.45
CA MET A 403 -0.25 -10.65 -21.71
C MET A 403 -1.20 -11.80 -21.40
N LEU A 404 -2.50 -11.53 -21.52
CA LEU A 404 -3.51 -12.52 -21.11
C LEU A 404 -3.46 -13.75 -22.00
N LYS A 405 -3.29 -13.55 -23.32
CA LYS A 405 -3.33 -14.64 -24.27
C LYS A 405 -2.30 -15.72 -23.97
N GLU A 406 -1.17 -15.34 -23.37
CA GLU A 406 -0.15 -16.32 -22.99
C GLU A 406 -0.44 -16.94 -21.63
N ASP A 407 -0.87 -16.13 -20.67
CA ASP A 407 -1.12 -16.61 -19.31
C ASP A 407 -2.44 -17.35 -19.18
N ALA A 408 -3.45 -17.00 -19.99
CA ALA A 408 -4.75 -17.65 -19.95
C ALA A 408 -5.27 -17.81 -21.37
N PRO A 409 -4.82 -18.84 -22.08
CA PRO A 409 -5.23 -19.02 -23.48
C PRO A 409 -6.71 -19.36 -23.61
N GLY A 410 -7.23 -19.13 -24.82
CA GLY A 410 -8.59 -19.49 -25.17
C GLY A 410 -9.68 -18.79 -24.39
N LEU A 411 -9.30 -17.78 -23.60
CA LEU A 411 -10.22 -17.13 -22.67
C LEU A 411 -10.93 -15.93 -23.29
N LEU A 412 -10.23 -15.12 -24.10
CA LEU A 412 -10.91 -14.00 -24.72
C LEU A 412 -11.43 -14.39 -26.09
N PRO A 413 -12.35 -13.61 -26.66
CA PRO A 413 -12.79 -13.85 -28.05
C PRO A 413 -11.66 -13.75 -29.08
N ASP A 414 -12.01 -14.19 -30.29
CA ASP A 414 -11.08 -14.29 -31.41
C ASP A 414 -10.73 -12.89 -31.92
N GLY A 415 -9.49 -12.47 -31.71
CA GLY A 415 -9.11 -11.12 -32.09
C GLY A 415 -9.15 -10.07 -31.00
N SER A 416 -9.29 -10.48 -29.74
CA SER A 416 -9.46 -9.52 -28.66
C SER A 416 -8.27 -8.58 -28.58
N ARG A 417 -8.56 -7.34 -28.18
CA ARG A 417 -7.54 -6.31 -28.09
C ARG A 417 -7.00 -6.15 -26.67
N PHE A 418 -7.59 -6.83 -25.70
CA PHE A 418 -7.21 -6.69 -24.31
C PHE A 418 -5.97 -7.53 -24.01
N ALA A 419 -5.02 -6.92 -23.31
CA ALA A 419 -3.82 -7.64 -22.89
C ALA A 419 -3.54 -7.60 -21.40
N GLY A 420 -4.04 -6.61 -20.67
CA GLY A 420 -3.77 -6.48 -19.25
C GLY A 420 -5.02 -6.63 -18.41
N LEU A 421 -4.89 -7.37 -17.31
CA LEU A 421 -6.00 -7.59 -16.40
C LEU A 421 -5.46 -7.66 -14.98
N LEU A 422 -6.08 -6.90 -14.08
CA LEU A 422 -5.84 -6.98 -12.65
C LEU A 422 -7.18 -7.23 -11.96
N ALA A 423 -7.27 -8.35 -11.25
CA ALA A 423 -8.52 -8.86 -10.69
C ALA A 423 -8.37 -8.97 -9.18
N ILE A 424 -9.22 -8.25 -8.44
CA ILE A 424 -9.25 -8.29 -6.99
C ILE A 424 -10.45 -9.12 -6.56
N PRO A 425 -10.25 -10.26 -5.90
CA PRO A 425 -11.39 -11.02 -5.37
C PRO A 425 -11.96 -10.37 -4.12
N LEU A 426 -13.29 -10.30 -4.06
CA LEU A 426 -13.99 -9.84 -2.88
C LEU A 426 -14.98 -10.91 -2.43
N LYS A 427 -14.90 -11.28 -1.15
CA LYS A 427 -15.75 -12.31 -0.54
C LYS A 427 -16.01 -13.52 -1.45
N SER A 434 -18.03 -9.45 -6.03
CA SER A 434 -17.29 -10.67 -6.30
C SER A 434 -15.87 -10.39 -6.76
N TYR A 435 -15.73 -9.52 -7.76
CA TYR A 435 -14.41 -9.23 -8.31
C TYR A 435 -14.33 -7.78 -8.77
N LEU A 436 -13.12 -7.24 -8.75
CA LEU A 436 -12.82 -5.93 -9.32
C LEU A 436 -11.84 -6.20 -10.43
N LEU A 437 -12.13 -5.67 -11.62
CA LEU A 437 -11.35 -5.98 -12.80
C LEU A 437 -10.85 -4.69 -13.42
N LEU A 438 -9.56 -4.67 -13.74
CA LEU A 438 -8.90 -3.51 -14.31
C LEU A 438 -8.29 -3.96 -15.63
N PHE A 439 -8.64 -3.26 -16.70
CA PHE A 439 -8.35 -3.72 -18.04
C PHE A 439 -7.41 -2.74 -18.73
N ARG A 440 -6.45 -3.30 -19.46
CA ARG A 440 -5.49 -2.52 -20.21
C ARG A 440 -5.47 -3.03 -21.64
N VAL A 441 -5.76 -2.15 -22.58
CA VAL A 441 -5.63 -2.50 -23.99
C VAL A 441 -4.15 -2.71 -24.30
N ALA A 442 -3.87 -3.66 -25.18
CA ALA A 442 -2.49 -3.82 -25.62
C ALA A 442 -2.03 -2.58 -26.37
N GLN A 443 -0.88 -2.05 -25.98
CA GLN A 443 -0.29 -0.93 -26.70
C GLN A 443 0.68 -1.52 -27.73
N ASN A 444 0.42 -1.22 -29.01
CA ASN A 444 1.21 -1.81 -30.09
C ASN A 444 2.45 -0.96 -30.33
N GLU A 445 3.33 -1.01 -29.33
CA GLU A 445 4.54 -0.19 -29.32
C GLU A 445 5.41 -0.54 -30.52
N VAL A 446 5.69 0.45 -31.36
CA VAL A 446 6.62 0.28 -32.46
C VAL A 446 8.01 0.56 -31.90
N ARG A 447 8.87 -0.45 -31.94
CA ARG A 447 10.24 -0.34 -31.46
C ARG A 447 11.18 -0.12 -32.62
N THR A 448 12.05 0.89 -32.48
CA THR A 448 13.09 1.14 -33.44
C THR A 448 14.41 0.61 -32.88
N TRP A 449 14.97 -0.39 -33.54
CA TRP A 449 16.22 -1.02 -33.18
C TRP A 449 17.34 -0.44 -34.03
N ALA A 450 18.54 -0.39 -33.46
CA ALA A 450 19.71 0.02 -34.25
C ALA A 450 20.28 -1.22 -34.93
N GLY A 451 19.57 -1.65 -35.96
CA GLY A 451 19.95 -2.73 -36.84
C GLY A 451 19.07 -3.94 -36.59
N LYS A 452 18.79 -4.68 -37.66
CA LYS A 452 18.12 -5.96 -37.51
C LYS A 452 19.00 -6.91 -36.70
N PRO A 453 18.40 -7.92 -36.07
CA PRO A 453 19.21 -9.05 -35.60
C PRO A 453 19.76 -9.78 -36.80
N GLU A 454 21.02 -10.17 -36.71
CA GLU A 454 21.74 -10.77 -37.83
C GLU A 454 22.39 -12.07 -37.40
N LYS A 455 22.01 -13.15 -38.05
CA LYS A 455 22.59 -14.48 -37.82
C LYS A 455 23.88 -14.60 -38.61
N LEU A 456 24.97 -14.18 -37.98
CA LEU A 456 26.31 -14.19 -38.56
C LEU A 456 27.19 -14.98 -37.61
N SER A 457 27.85 -16.02 -38.12
CA SER A 457 28.76 -16.80 -37.30
C SER A 457 30.19 -16.29 -37.46
N VAL A 458 30.95 -16.33 -36.38
CA VAL A 458 32.35 -15.91 -36.39
C VAL A 458 33.16 -16.87 -35.53
N GLU A 459 34.23 -17.41 -36.10
CA GLU A 459 35.14 -18.31 -35.38
C GLU A 459 36.24 -17.51 -34.68
N THR A 460 36.57 -17.94 -33.47
CA THR A 460 37.45 -17.27 -32.54
C THR A 460 38.27 -18.36 -31.86
N SER A 461 39.37 -17.97 -31.21
CA SER A 461 40.22 -18.94 -30.53
C SER A 461 39.46 -19.79 -29.53
N THR A 462 38.36 -19.29 -28.97
CA THR A 462 37.55 -20.08 -28.04
C THR A 462 36.52 -20.97 -28.72
N GLY A 463 36.17 -20.70 -29.98
CA GLY A 463 35.17 -21.45 -30.69
C GLY A 463 34.36 -20.56 -31.60
N THR A 464 33.20 -21.05 -32.04
CA THR A 464 32.31 -20.30 -32.91
C THR A 464 31.22 -19.60 -32.11
N MET A 465 31.05 -18.30 -32.35
CA MET A 465 30.07 -17.51 -31.62
C MET A 465 29.44 -16.48 -32.56
N LEU A 466 28.42 -15.81 -32.05
CA LEU A 466 27.72 -14.76 -32.78
C LEU A 466 28.68 -13.67 -33.21
N GLY A 467 28.58 -13.24 -34.47
CA GLY A 467 29.36 -12.13 -34.94
C GLY A 467 28.67 -10.78 -34.78
N PRO A 468 29.47 -9.73 -34.69
CA PRO A 468 28.90 -8.37 -34.57
C PRO A 468 28.11 -7.96 -35.80
N ARG A 469 26.97 -7.33 -35.57
CA ARG A 469 26.10 -6.92 -36.67
C ARG A 469 26.80 -5.86 -37.54
N LYS A 470 26.35 -5.78 -38.80
CA LYS A 470 26.97 -4.87 -39.75
C LYS A 470 26.26 -3.52 -39.81
N SER A 471 24.94 -3.52 -39.82
CA SER A 471 24.12 -2.32 -39.89
C SER A 471 23.66 -1.87 -38.51
N PHE A 472 23.71 -0.55 -38.26
CA PHE A 472 23.11 0.06 -37.09
C PHE A 472 21.96 0.99 -37.46
N GLU A 473 21.55 1.01 -38.73
CA GLU A 473 20.45 1.86 -39.16
C GLU A 473 19.14 1.43 -38.52
N ALA A 474 18.20 2.37 -38.46
CA ALA A 474 16.94 2.12 -37.79
C ALA A 474 16.16 1.01 -38.49
N TRP A 475 15.65 0.07 -37.68
CA TRP A 475 14.76 -0.99 -38.12
C TRP A 475 13.67 -1.17 -37.10
N GLN A 476 12.41 -1.11 -37.54
CA GLN A 476 11.29 -1.17 -36.61
C GLN A 476 10.66 -2.56 -36.61
N ASP A 477 10.27 -3.00 -35.42
CA ASP A 477 9.41 -4.17 -35.27
C ASP A 477 8.37 -3.87 -34.20
N GLU A 478 7.32 -4.67 -34.18
CA GLU A 478 6.22 -4.46 -33.24
C GLU A 478 5.99 -5.73 -32.44
N VAL A 479 5.59 -5.54 -31.18
CA VAL A 479 5.23 -6.63 -30.27
C VAL A 479 3.75 -6.49 -29.96
N SER A 480 2.99 -7.53 -30.27
CA SER A 480 1.55 -7.54 -30.01
C SER A 480 1.23 -8.41 -28.80
N GLY A 481 0.01 -8.23 -28.29
CA GLY A 481 -0.46 -8.98 -27.14
C GLY A 481 0.18 -8.62 -25.82
N LYS A 482 0.77 -7.44 -25.68
CA LYS A 482 1.32 -7.01 -24.39
C LYS A 482 0.79 -5.63 -24.04
N SER A 483 0.66 -5.39 -22.74
CA SER A 483 0.37 -4.08 -22.16
C SER A 483 1.50 -3.66 -21.23
N GLN A 484 1.38 -2.45 -20.69
CA GLN A 484 2.23 -2.03 -19.59
C GLN A 484 2.15 -3.02 -18.43
N PRO A 485 3.26 -3.26 -17.73
CA PRO A 485 3.21 -4.12 -16.55
C PRO A 485 2.64 -3.41 -15.35
N TRP A 486 2.04 -4.18 -14.46
CA TRP A 486 1.42 -3.62 -13.25
C TRP A 486 2.50 -3.40 -12.20
N ARG A 487 2.85 -2.14 -11.94
CA ARG A 487 3.79 -1.88 -10.86
C ARG A 487 3.17 -2.32 -9.54
N THR A 488 4.02 -2.73 -8.59
CA THR A 488 3.52 -3.23 -7.32
C THR A 488 2.68 -2.20 -6.59
N ALA A 489 3.06 -0.92 -6.69
CA ALA A 489 2.29 0.13 -6.03
C ALA A 489 0.87 0.17 -6.57
N GLN A 490 0.67 -0.17 -7.84
CA GLN A 490 -0.67 -0.16 -8.40
C GLN A 490 -1.50 -1.35 -7.93
N LEU A 491 -0.88 -2.53 -7.77
CA LEU A 491 -1.60 -3.68 -7.22
C LEU A 491 -2.22 -3.35 -5.87
N TYR A 492 -1.44 -2.72 -4.98
CA TYR A 492 -1.93 -2.47 -3.64
C TYR A 492 -3.01 -1.39 -3.66
N ALA A 493 -2.82 -0.37 -4.50
CA ALA A 493 -3.83 0.67 -4.63
C ALA A 493 -5.14 0.09 -5.15
N ALA A 494 -5.07 -0.73 -6.19
CA ALA A 494 -6.27 -1.36 -6.72
C ALA A 494 -6.96 -2.23 -5.69
N ARG A 495 -6.19 -3.04 -4.94
CA ARG A 495 -6.80 -3.85 -3.90
C ARG A 495 -7.48 -2.99 -2.84
N ASP A 496 -6.86 -1.87 -2.45
CA ASP A 496 -7.43 -1.04 -1.39
C ASP A 496 -8.68 -0.30 -1.86
N ILE A 497 -8.66 0.20 -3.10
CA ILE A 497 -9.86 0.76 -3.70
C ILE A 497 -10.97 -0.29 -3.71
N ALA A 498 -10.63 -1.51 -4.15
CA ALA A 498 -11.62 -2.58 -4.23
C ALA A 498 -12.23 -2.86 -2.86
N ARG A 499 -11.40 -2.91 -1.82
CA ARG A 499 -11.94 -3.18 -0.49
C ARG A 499 -12.74 -2.00 0.06
N ASP A 500 -12.45 -0.78 -0.39
CA ASP A 500 -13.31 0.34 -0.02
C ASP A 500 -14.72 0.18 -0.61
N LEU A 501 -14.82 -0.50 -1.74
CA LEU A 501 -16.13 -0.80 -2.32
C LEU A 501 -16.85 -1.90 -1.53
N LEU A 502 -16.10 -2.93 -1.12
CA LEU A 502 -16.67 -4.02 -0.33
C LEU A 502 -17.36 -3.48 0.93
N ILE A 503 -16.80 -2.43 1.53
CA ILE A 503 -17.41 -1.82 2.71
C ILE A 503 -18.73 -1.15 2.36
N VAL A 504 -18.80 -0.50 1.19
CA VAL A 504 -20.04 0.14 0.76
C VAL A 504 -21.13 -0.89 0.56
N ALA A 505 -20.83 -1.94 -0.22
CA ALA A 505 -21.83 -2.96 -0.51
C ALA A 505 -22.36 -3.63 0.75
N ASP A 506 -21.45 -3.90 1.71
CA ASP A 506 -21.87 -4.57 2.94
C ASP A 506 -22.92 -3.76 3.70
N SER A 507 -22.78 -2.43 3.71
CA SER A 507 -23.74 -1.61 4.45
C SER A 507 -25.10 -1.58 3.75
N MET A 508 -25.09 -1.37 2.43
CA MET A 508 -26.34 -1.38 1.66
C MET A 508 -27.06 -2.71 1.84
N GLN A 509 -26.30 -3.80 1.87
CA GLN A 509 -26.90 -5.11 2.06
C GLN A 509 -27.35 -5.34 3.49
N LEU A 510 -26.72 -4.67 4.47
CA LEU A 510 -27.26 -4.72 5.82
C LEU A 510 -28.63 -4.05 5.89
N ASN A 511 -28.80 -2.93 5.17
CA ASN A 511 -30.12 -2.31 5.10
C ASN A 511 -31.12 -3.23 4.42
N LEU A 512 -30.75 -3.77 3.25
CA LEU A 512 -31.62 -4.69 2.52
C LEU A 512 -32.00 -5.89 3.38
N LEU A 513 -31.03 -6.47 4.09
CA LEU A 513 -31.31 -7.67 4.87
C LEU A 513 -32.16 -7.37 6.10
N ASN A 514 -32.02 -6.18 6.69
CA ASN A 514 -32.95 -5.79 7.75
C ASN A 514 -34.35 -5.68 7.20
N ASP A 515 -34.49 -5.15 5.98
CA ASP A 515 -35.80 -5.12 5.32
C ASP A 515 -36.37 -6.52 5.13
N GLN A 516 -35.61 -7.40 4.46
CA GLN A 516 -36.12 -8.72 4.12
C GLN A 516 -36.42 -9.55 5.37
N LEU A 517 -35.57 -9.43 6.40
CA LEU A 517 -35.84 -10.12 7.65
C LEU A 517 -37.10 -9.58 8.32
N ALA A 518 -37.31 -8.26 8.24
CA ALA A 518 -38.55 -7.67 8.74
C ALA A 518 -39.76 -8.29 8.06
N ASP A 519 -39.76 -8.31 6.72
CA ASP A 519 -40.88 -8.90 5.98
C ASP A 519 -41.04 -10.38 6.33
N ALA A 520 -39.93 -11.12 6.44
CA ALA A 520 -40.02 -12.54 6.74
C ALA A 520 -40.66 -12.79 8.10
N ASN A 521 -40.29 -12.01 9.11
CA ASN A 521 -40.89 -12.18 10.43
C ASN A 521 -42.35 -11.73 10.43
N GLU A 522 -42.67 -10.71 9.64
CA GLU A 522 -44.05 -10.23 9.57
C GLU A 522 -44.96 -11.26 8.91
N ASN A 523 -44.55 -11.77 7.75
CA ASN A 523 -45.28 -12.86 7.10
C ASN A 523 -45.37 -14.09 8.00
N LEU A 524 -44.30 -14.39 8.72
CA LEU A 524 -44.32 -15.52 9.65
C LEU A 524 -45.37 -15.34 10.73
N GLU A 525 -45.49 -14.11 11.26
CA GLU A 525 -46.55 -13.84 12.23
C GLU A 525 -47.92 -14.00 11.58
N LYS A 526 -48.10 -13.47 10.38
CA LYS A 526 -49.36 -13.64 9.67
C LYS A 526 -49.74 -15.10 9.52
N LEU A 527 -48.76 -15.96 9.24
CA LEU A 527 -49.04 -17.37 9.04
C LEU A 527 -49.17 -18.13 10.35
N ALA A 528 -48.69 -17.57 11.46
CA ALA A 528 -48.80 -18.26 12.73
C ALA A 528 -50.17 -18.13 13.37
N SER A 529 -51.03 -17.23 12.87
CA SER A 529 -52.30 -16.97 13.53
C SER A 529 -53.53 -17.04 12.63
N PHE A 530 -53.38 -17.07 11.31
CA PHE A 530 -54.52 -17.04 10.41
C PHE A 530 -54.48 -18.22 9.46
N ASP A 531 -55.62 -18.89 9.30
CA ASP A 531 -55.73 -19.97 8.34
C ASP A 531 -55.54 -19.44 6.92
N ASP A 532 -54.80 -20.19 6.11
CA ASP A 532 -54.42 -19.70 4.78
C ASP A 532 -55.63 -19.53 3.87
N LEU A 533 -56.48 -20.55 3.78
CA LEU A 533 -57.60 -20.50 2.84
C LEU A 533 -58.65 -19.50 3.26
N THR A 534 -58.96 -19.45 4.55
CA THR A 534 -60.10 -18.68 5.06
C THR A 534 -59.76 -17.24 5.39
N GLY A 535 -58.66 -17.02 6.10
CA GLY A 535 -58.31 -15.69 6.55
C GLY A 535 -58.66 -15.41 8.00
N ILE A 536 -59.49 -16.24 8.63
CA ILE A 536 -59.80 -16.06 10.04
C ILE A 536 -58.78 -16.83 10.87
N PHE A 537 -58.99 -16.82 12.17
CA PHE A 537 -58.00 -17.36 13.10
C PHE A 537 -57.93 -18.86 12.99
N ASN A 538 -56.72 -19.40 13.01
CA ASN A 538 -56.56 -20.84 12.99
C ASN A 538 -56.96 -21.44 14.34
N ARG A 539 -56.94 -22.78 14.42
CA ARG A 539 -57.50 -23.44 15.59
C ARG A 539 -56.68 -23.18 16.84
N ARG A 540 -55.35 -23.07 16.72
CA ARG A 540 -54.51 -22.90 17.89
C ARG A 540 -54.81 -21.57 18.57
N ARG A 541 -55.05 -20.52 17.77
CA ARG A 541 -55.35 -19.21 18.33
C ARG A 541 -56.72 -19.18 18.99
N MET A 542 -57.70 -19.90 18.45
CA MET A 542 -58.99 -20.04 19.12
C MET A 542 -58.84 -20.81 20.43
N GLU A 543 -58.05 -21.88 20.44
CA GLU A 543 -57.76 -22.61 21.66
C GLU A 543 -57.18 -21.69 22.72
N ASP A 544 -56.22 -20.86 22.34
CA ASP A 544 -55.59 -19.95 23.30
C ASP A 544 -56.60 -18.96 23.86
N ARG A 545 -57.38 -18.33 22.99
CA ARG A 545 -58.37 -17.34 23.46
C ARG A 545 -59.41 -17.98 24.38
N LEU A 546 -59.85 -19.20 24.05
CA LEU A 546 -60.87 -19.86 24.83
C LEU A 546 -60.38 -20.20 26.23
N GLU A 547 -59.14 -20.68 26.34
CA GLU A 547 -58.57 -21.03 27.64
C GLU A 547 -58.47 -19.81 28.56
N SER A 548 -58.00 -18.69 28.01
CA SER A 548 -57.87 -17.47 28.82
C SER A 548 -59.24 -16.90 29.15
N GLU A 549 -60.21 -17.09 28.26
CA GLU A 549 -61.57 -16.65 28.54
C GLU A 549 -62.15 -17.45 29.71
N VAL A 550 -61.85 -18.75 29.77
CA VAL A 550 -62.30 -19.57 30.90
C VAL A 550 -61.64 -19.10 32.19
N LYS A 551 -60.32 -18.86 32.15
CA LYS A 551 -59.62 -18.38 33.35
C LYS A 551 -60.22 -17.07 33.87
N GLU A 552 -60.44 -16.11 32.97
CA GLU A 552 -61.05 -14.85 33.37
C GLU A 552 -62.44 -15.06 33.95
N ALA A 553 -63.26 -15.85 33.25
CA ALA A 553 -64.62 -16.09 33.74
C ALA A 553 -64.62 -16.77 35.10
N GLN A 554 -63.61 -17.59 35.39
CA GLN A 554 -63.57 -18.22 36.71
C GLN A 554 -63.08 -17.26 37.78
N ARG A 555 -62.19 -16.31 37.46
CA ARG A 555 -61.77 -15.38 38.50
C ARG A 555 -62.81 -14.30 38.78
N TYR A 556 -63.41 -13.74 37.74
CA TYR A 556 -64.26 -12.56 37.91
C TYR A 556 -65.72 -12.85 37.63
N LYS A 557 -66.08 -14.13 37.42
CA LYS A 557 -67.47 -14.53 37.24
C LYS A 557 -68.11 -13.77 36.09
N LYS A 558 -67.43 -13.81 34.95
CA LYS A 558 -67.92 -13.20 33.73
C LYS A 558 -68.80 -14.20 32.99
N GLN A 559 -69.54 -13.68 32.01
CA GLN A 559 -70.51 -14.47 31.28
C GLN A 559 -70.11 -14.45 29.81
N PHE A 560 -69.98 -15.63 29.22
CA PHE A 560 -69.67 -15.71 27.80
C PHE A 560 -70.15 -17.05 27.26
N GLY A 561 -70.18 -17.16 25.94
CA GLY A 561 -70.62 -18.39 25.31
C GLY A 561 -69.85 -18.66 24.05
N ILE A 562 -69.98 -19.89 23.56
CA ILE A 562 -69.33 -20.32 22.33
C ILE A 562 -70.40 -20.84 21.38
N LEU A 563 -70.14 -20.64 20.09
CA LEU A 563 -71.00 -21.11 19.01
C LEU A 563 -70.14 -22.01 18.13
N LEU A 564 -70.52 -23.26 18.02
CA LEU A 564 -69.73 -24.25 17.28
C LEU A 564 -70.57 -24.73 16.11
N PHE A 565 -70.28 -24.27 14.89
CA PHE A 565 -71.14 -24.65 13.78
C PHE A 565 -70.38 -25.42 12.70
N ASP A 566 -71.15 -26.08 11.84
CA ASP A 566 -70.64 -26.99 10.83
C ASP A 566 -71.49 -26.89 9.56
N LEU A 567 -70.86 -27.19 8.42
CA LEU A 567 -71.55 -27.12 7.13
C LEU A 567 -72.32 -28.39 6.79
N ASP A 568 -73.50 -28.20 6.24
CA ASP A 568 -74.45 -29.30 6.05
C ASP A 568 -74.28 -29.95 4.68
N LYS A 569 -74.11 -31.28 4.68
CA LYS A 569 -74.00 -32.08 3.44
C LYS A 569 -72.98 -31.48 2.47
N PHE A 570 -71.85 -31.03 3.02
CA PHE A 570 -70.85 -30.33 2.22
C PHE A 570 -70.15 -31.28 1.24
N LYS A 571 -70.01 -32.55 1.62
CA LYS A 571 -69.46 -33.55 0.69
C LYS A 571 -70.26 -33.59 -0.61
N SER A 572 -71.58 -33.44 -0.54
CA SER A 572 -72.38 -33.37 -1.75
C SER A 572 -71.97 -32.18 -2.62
N VAL A 573 -71.57 -31.08 -1.99
CA VAL A 573 -71.08 -29.93 -2.75
C VAL A 573 -69.76 -30.25 -3.42
N ASN A 574 -68.84 -30.89 -2.68
CA ASN A 574 -67.55 -31.23 -3.23
C ASN A 574 -67.70 -32.18 -4.41
N ASP A 575 -68.51 -33.23 -4.25
CA ASP A 575 -68.62 -34.25 -5.28
C ASP A 575 -69.46 -33.81 -6.47
N THR A 576 -70.54 -33.07 -6.22
CA THR A 576 -71.38 -32.60 -7.32
C THR A 576 -70.72 -31.47 -8.09
N TYR A 577 -70.04 -30.56 -7.39
CA TYR A 577 -69.53 -29.34 -7.99
C TYR A 577 -68.02 -29.38 -8.14
N GLY A 578 -67.28 -29.43 -7.04
CA GLY A 578 -65.84 -29.53 -7.06
C GLY A 578 -65.24 -28.92 -5.81
N HIS A 579 -63.95 -29.22 -5.61
CA HIS A 579 -63.25 -28.70 -4.44
C HIS A 579 -63.07 -27.18 -4.55
N ASN A 580 -62.80 -26.68 -5.76
CA ASN A 580 -62.63 -25.25 -5.95
C ASN A 580 -63.92 -24.49 -5.60
N ILE A 581 -65.06 -25.00 -6.05
CA ILE A 581 -66.32 -24.34 -5.74
C ILE A 581 -66.58 -24.39 -4.25
N GLY A 582 -66.29 -25.53 -3.63
CA GLY A 582 -66.49 -25.67 -2.20
C GLY A 582 -65.64 -24.71 -1.40
N ASP A 583 -64.39 -24.49 -1.83
CA ASP A 583 -63.52 -23.57 -1.12
C ASP A 583 -64.03 -22.14 -1.20
N GLN A 584 -64.53 -21.73 -2.38
CA GLN A 584 -65.16 -20.42 -2.48
C GLN A 584 -66.41 -20.34 -1.61
N ILE A 585 -67.10 -21.47 -1.42
CA ILE A 585 -68.24 -21.46 -0.51
C ILE A 585 -67.78 -21.24 0.93
N LEU A 586 -66.68 -21.89 1.33
CA LEU A 586 -66.15 -21.65 2.67
C LEU A 586 -65.76 -20.19 2.86
N GLN A 587 -65.15 -19.59 1.84
CA GLN A 587 -64.75 -18.19 1.92
C GLN A 587 -65.97 -17.28 1.99
N ASN A 588 -66.99 -17.60 1.18
CA ASN A 588 -68.25 -16.87 1.23
C ASN A 588 -68.87 -16.95 2.62
N THR A 589 -68.84 -18.13 3.23
CA THR A 589 -69.48 -18.30 4.53
C THR A 589 -68.74 -17.53 5.62
N CYS A 590 -67.40 -17.49 5.55
CA CYS A 590 -66.67 -16.68 6.50
C CYS A 590 -66.90 -15.19 6.29
N ALA A 591 -67.00 -14.77 5.02
CA ALA A 591 -67.26 -13.36 4.74
C ALA A 591 -68.64 -12.95 5.25
N ALA A 592 -69.63 -13.84 5.13
CA ALA A 592 -70.97 -13.52 5.58
C ALA A 592 -71.06 -13.52 7.11
N VAL A 593 -70.37 -14.46 7.75
CA VAL A 593 -70.42 -14.54 9.21
C VAL A 593 -69.68 -13.36 9.84
N SER A 594 -68.57 -12.93 9.23
CA SER A 594 -67.73 -11.93 9.88
C SER A 594 -68.43 -10.58 10.03
N GLU A 595 -69.29 -10.20 9.08
CA GLU A 595 -70.05 -8.96 9.23
C GLU A 595 -71.15 -9.08 10.30
N THR A 596 -71.58 -10.29 10.62
CA THR A 596 -72.61 -10.49 11.64
C THR A 596 -72.06 -10.24 13.05
N LEU A 597 -70.78 -10.55 13.26
CA LEU A 597 -70.21 -10.65 14.59
C LEU A 597 -70.13 -9.30 15.28
N ARG A 598 -70.16 -9.33 16.62
CA ARG A 598 -69.87 -8.16 17.42
C ARG A 598 -68.35 -7.98 17.59
N ASP A 599 -67.96 -6.76 17.97
CA ASP A 599 -66.55 -6.38 17.93
C ASP A 599 -65.72 -7.17 18.94
N THR A 600 -66.32 -7.59 20.05
CA THR A 600 -65.61 -8.33 21.07
C THR A 600 -65.41 -9.80 20.70
N ASP A 601 -66.28 -10.34 19.84
CA ASP A 601 -66.25 -11.76 19.53
C ASP A 601 -65.03 -12.13 18.70
N LYS A 602 -64.58 -13.36 18.86
CA LYS A 602 -63.46 -13.91 18.11
C LYS A 602 -63.97 -15.06 17.26
N PHE A 603 -63.54 -15.10 15.99
CA PHE A 603 -64.08 -16.04 15.03
C PHE A 603 -62.92 -16.80 14.41
N GLY A 604 -63.00 -18.14 14.45
CA GLY A 604 -61.92 -18.95 13.94
C GLY A 604 -62.40 -20.23 13.31
N ARG A 605 -61.49 -20.87 12.58
CA ARG A 605 -61.76 -22.12 11.90
C ARG A 605 -61.26 -23.25 12.79
N TRP A 606 -62.19 -24.09 13.24
CA TRP A 606 -61.94 -25.06 14.29
C TRP A 606 -61.41 -26.38 13.77
N GLY A 607 -61.91 -26.85 12.65
CA GLY A 607 -61.43 -28.11 12.11
C GLY A 607 -62.14 -28.55 10.86
N GLY A 608 -61.43 -28.54 9.74
CA GLY A 608 -62.05 -28.97 8.51
C GLY A 608 -63.02 -27.94 8.01
N GLU A 609 -64.30 -28.23 8.17
CA GLU A 609 -65.37 -27.35 7.75
C GLU A 609 -66.12 -26.73 8.92
N GLU A 610 -65.79 -27.10 10.16
CA GLU A 610 -66.49 -26.60 11.34
C GLU A 610 -65.74 -25.41 11.93
N PHE A 611 -66.50 -24.40 12.36
CA PHE A 611 -65.96 -23.14 12.83
C PHE A 611 -66.43 -22.85 14.25
N LEU A 612 -65.68 -21.95 14.91
CA LEU A 612 -65.92 -21.59 16.30
C LEU A 612 -66.04 -20.08 16.44
N ILE A 613 -66.98 -19.66 17.28
CA ILE A 613 -67.17 -18.26 17.66
C ILE A 613 -67.12 -18.17 19.17
N ILE A 614 -66.31 -17.26 19.69
CA ILE A 614 -66.23 -16.98 21.11
C ILE A 614 -66.87 -15.62 21.35
N ALA A 615 -67.98 -15.62 22.08
CA ALA A 615 -68.77 -14.42 22.35
C ALA A 615 -68.64 -14.04 23.82
N PRO A 616 -67.76 -13.11 24.15
CA PRO A 616 -67.64 -12.67 25.54
C PRO A 616 -68.72 -11.66 25.90
N GLN A 617 -68.99 -11.57 27.21
CA GLN A 617 -69.98 -10.63 27.75
C GLN A 617 -71.33 -10.81 27.05
N THR A 618 -71.84 -12.04 27.08
CA THR A 618 -73.08 -12.38 26.38
C THR A 618 -73.82 -13.47 27.15
N GLY A 619 -75.04 -13.15 27.58
CA GLY A 619 -75.90 -14.14 28.20
C GLY A 619 -76.63 -15.01 27.20
N MET A 620 -77.40 -15.97 27.74
CA MET A 620 -77.98 -17.02 26.91
C MET A 620 -79.00 -16.53 25.88
N PRO A 621 -79.95 -15.67 26.21
CA PRO A 621 -80.86 -15.18 25.14
C PRO A 621 -80.16 -14.46 24.01
N GLU A 622 -79.26 -13.51 24.31
CA GLU A 622 -78.49 -12.86 23.26
C GLU A 622 -77.61 -13.84 22.53
N LEU A 623 -77.14 -14.90 23.20
CA LEU A 623 -76.33 -15.90 22.54
C LEU A 623 -77.13 -16.67 21.49
N MET A 624 -78.32 -17.16 21.87
CA MET A 624 -79.19 -17.82 20.91
C MET A 624 -79.57 -16.88 19.77
N GLN A 625 -79.91 -15.63 20.09
CA GLN A 625 -80.16 -14.63 19.06
C GLN A 625 -78.99 -14.50 18.10
N LEU A 626 -77.76 -14.45 18.64
CA LEU A 626 -76.58 -14.37 17.78
C LEU A 626 -76.50 -15.58 16.86
N GLY A 627 -76.80 -16.77 17.39
CA GLY A 627 -76.83 -17.95 16.56
C GLY A 627 -77.85 -17.83 15.45
N GLU A 628 -78.99 -17.17 15.74
CA GLU A 628 -79.98 -16.93 14.70
C GLU A 628 -79.49 -15.96 13.64
N ARG A 629 -78.85 -14.86 14.04
CA ARG A 629 -78.29 -13.93 13.06
C ARG A 629 -77.27 -14.62 12.17
N VAL A 630 -76.44 -15.50 12.73
CA VAL A 630 -75.42 -16.18 11.92
C VAL A 630 -76.09 -17.18 10.97
N ARG A 631 -77.00 -17.99 11.51
CA ARG A 631 -77.70 -18.99 10.70
C ARG A 631 -78.47 -18.35 9.55
N ALA A 632 -79.14 -17.22 9.81
CA ALA A 632 -79.85 -16.51 8.75
C ALA A 632 -78.88 -15.84 7.80
N ALA A 633 -77.73 -15.40 8.32
CA ALA A 633 -76.73 -14.74 7.50
C ALA A 633 -76.17 -15.69 6.43
N VAL A 634 -75.91 -16.94 6.81
CA VAL A 634 -75.37 -17.88 5.83
C VAL A 634 -76.42 -18.24 4.77
N GLU A 635 -77.71 -18.18 5.10
CA GLU A 635 -78.73 -18.54 4.13
C GLU A 635 -78.83 -17.51 3.01
N LYS A 636 -78.89 -16.22 3.37
CA LYS A 636 -79.11 -15.17 2.39
C LYS A 636 -77.88 -14.79 1.56
N MET A 637 -76.67 -15.11 2.04
CA MET A 637 -75.45 -14.73 1.33
C MET A 637 -75.54 -15.07 -0.16
N GLN A 638 -74.83 -14.31 -0.98
CA GLN A 638 -75.00 -14.36 -2.42
C GLN A 638 -74.42 -15.64 -3.02
N HIS A 639 -75.19 -16.27 -3.90
CA HIS A 639 -74.74 -17.49 -4.56
C HIS A 639 -73.69 -17.19 -5.63
N LYS A 640 -74.03 -16.35 -6.59
CA LYS A 640 -73.18 -16.10 -7.75
C LYS A 640 -72.91 -17.41 -8.49
N ASP A 641 -74.01 -18.07 -8.87
CA ASP A 641 -73.98 -19.37 -9.57
C ASP A 641 -73.38 -20.48 -8.73
N LEU A 642 -73.55 -20.43 -7.41
CA LEU A 642 -73.05 -21.46 -6.50
C LEU A 642 -74.23 -22.13 -5.80
N PRO A 643 -74.03 -23.36 -5.28
CA PRO A 643 -75.15 -24.08 -4.65
C PRO A 643 -75.53 -23.49 -3.30
N ALA A 644 -76.78 -23.71 -2.92
CA ALA A 644 -77.29 -23.21 -1.65
C ALA A 644 -76.71 -24.01 -0.49
N VAL A 645 -76.38 -23.30 0.60
CA VAL A 645 -75.63 -23.87 1.71
C VAL A 645 -76.29 -23.45 3.02
N THR A 646 -76.26 -24.36 3.99
CA THR A 646 -76.87 -24.17 5.31
C THR A 646 -75.85 -24.61 6.37
N ILE A 647 -75.86 -23.95 7.51
CA ILE A 647 -74.99 -24.34 8.61
C ILE A 647 -75.84 -24.79 9.79
N SER A 648 -75.26 -25.67 10.60
CA SER A 648 -75.89 -26.16 11.82
C SER A 648 -75.04 -25.76 13.00
N ILE A 649 -75.66 -25.05 13.95
CA ILE A 649 -74.95 -24.39 15.04
C ILE A 649 -75.32 -25.07 16.34
N GLY A 650 -74.31 -25.49 17.09
CA GLY A 650 -74.49 -25.79 18.49
C GLY A 650 -74.07 -24.58 19.30
N VAL A 651 -74.59 -24.48 20.52
CA VAL A 651 -74.33 -23.32 21.35
C VAL A 651 -74.12 -23.78 22.78
N ALA A 652 -73.10 -23.22 23.43
CA ALA A 652 -72.84 -23.51 24.83
C ALA A 652 -72.50 -22.23 25.58
N GLU A 653 -72.75 -22.26 26.89
CA GLU A 653 -72.46 -21.14 27.77
C GLU A 653 -71.55 -21.63 28.89
N PHE A 654 -70.74 -20.73 29.41
CA PHE A 654 -69.85 -21.06 30.52
C PHE A 654 -70.67 -21.27 31.79
N GLN A 655 -70.67 -22.48 32.30
CA GLN A 655 -71.45 -22.85 33.48
C GLN A 655 -70.48 -23.34 34.55
N ASN A 656 -69.63 -22.44 35.04
CA ASN A 656 -68.67 -22.75 36.09
C ASN A 656 -67.83 -23.97 35.72
N ASP A 657 -67.25 -23.92 34.51
CA ASP A 657 -66.51 -25.05 34.00
C ASP A 657 -65.09 -25.05 34.52
N THR A 658 -64.49 -26.24 34.55
CA THR A 658 -63.10 -26.38 34.96
C THR A 658 -62.19 -26.15 33.78
N ARG A 659 -62.53 -26.78 32.65
CA ARG A 659 -61.72 -26.76 31.45
C ARG A 659 -62.64 -26.36 30.31
N TRP A 660 -62.07 -25.76 29.26
CA TRP A 660 -62.89 -25.38 28.13
C TRP A 660 -63.35 -26.59 27.32
N ASP A 661 -62.70 -27.75 27.53
CA ASP A 661 -63.07 -28.97 26.83
C ASP A 661 -64.53 -29.33 27.07
N HIS A 662 -65.00 -29.22 28.32
CA HIS A 662 -66.40 -29.51 28.61
C HIS A 662 -67.33 -28.59 27.83
N MET A 663 -66.94 -27.32 27.67
CA MET A 663 -67.78 -26.39 26.93
C MET A 663 -67.88 -26.80 25.47
N ILE A 664 -66.75 -27.17 24.86
CA ILE A 664 -66.75 -27.65 23.49
C ILE A 664 -67.49 -28.98 23.39
N ASP A 665 -67.48 -29.78 24.46
CA ASP A 665 -68.28 -31.01 24.46
C ASP A 665 -69.76 -30.69 24.41
N ARG A 666 -70.21 -29.75 25.25
CA ARG A 666 -71.61 -29.33 25.22
C ARG A 666 -71.99 -28.79 23.85
N ALA A 667 -71.18 -27.87 23.31
CA ALA A 667 -71.48 -27.31 22.00
C ALA A 667 -71.49 -28.38 20.91
N ASP A 668 -70.59 -29.36 21.02
CA ASP A 668 -70.51 -30.42 20.00
C ASP A 668 -71.75 -31.31 20.05
N LYS A 669 -72.14 -31.74 21.26
CA LYS A 669 -73.35 -32.56 21.39
C LYS A 669 -74.56 -31.78 20.93
N ALA A 670 -74.65 -30.50 21.30
CA ALA A 670 -75.75 -29.66 20.84
C ALA A 670 -75.76 -29.56 19.31
N MET A 671 -74.58 -29.41 18.70
CA MET A 671 -74.52 -29.27 17.25
C MET A 671 -74.95 -30.54 16.53
N TYR A 672 -74.47 -31.69 17.00
CA TYR A 672 -74.94 -32.95 16.41
C TYR A 672 -76.43 -33.16 16.68
N ARG A 673 -76.94 -32.68 17.83
CA ARG A 673 -78.38 -32.71 18.07
C ARG A 673 -79.12 -31.85 17.06
N ALA A 674 -78.51 -30.73 16.66
CA ALA A 674 -79.10 -29.88 15.64
C ALA A 674 -79.14 -30.60 14.30
N LYS A 675 -78.13 -31.43 14.02
CA LYS A 675 -78.04 -32.12 12.74
C LYS A 675 -79.19 -33.11 12.59
N GLU A 676 -79.57 -33.77 13.69
CA GLU A 676 -80.61 -34.79 13.62
C GLU A 676 -82.01 -34.18 13.49
N ASN A 677 -82.23 -32.99 14.04
CA ASN A 677 -83.55 -32.36 14.00
C ASN A 677 -83.77 -31.59 12.70
N GLY A 678 -82.99 -31.86 11.67
CA GLY A 678 -83.00 -31.01 10.49
C GLY A 678 -81.78 -30.12 10.55
N ARG A 679 -80.96 -30.18 9.50
CA ARG A 679 -79.61 -29.63 9.54
C ARG A 679 -79.55 -28.12 9.71
N ASN A 680 -80.68 -27.42 9.86
CA ASN A 680 -80.64 -25.97 9.87
C ASN A 680 -80.82 -25.36 11.25
N GLN A 681 -81.29 -26.14 12.22
CA GLN A 681 -81.67 -25.57 13.50
C GLN A 681 -80.46 -25.27 14.39
N VAL A 682 -80.68 -24.42 15.39
CA VAL A 682 -79.71 -24.09 16.41
C VAL A 682 -80.15 -24.75 17.70
N CYS A 683 -79.21 -25.43 18.36
CA CYS A 683 -79.52 -26.19 19.57
C CYS A 683 -78.44 -25.97 20.63
N SER A 684 -78.87 -26.04 21.89
CA SER A 684 -77.97 -25.98 23.02
C SER A 684 -78.26 -27.13 23.99
N ASP B 10 9.31 36.49 28.26
CA ASP B 10 8.95 37.90 28.27
C ASP B 10 10.20 38.77 28.29
N ASP B 11 10.84 38.84 29.46
CA ASP B 11 12.07 39.62 29.58
C ASP B 11 13.18 39.02 28.73
N ILE B 12 13.37 37.71 28.83
CA ILE B 12 14.38 37.05 28.01
C ILE B 12 13.88 36.84 26.59
N SER B 13 12.56 36.71 26.40
CA SER B 13 12.01 36.56 25.06
C SER B 13 12.31 37.79 24.21
N LYS B 14 12.24 38.98 24.82
CA LYS B 14 12.62 40.21 24.13
C LYS B 14 14.10 40.21 23.80
N LEU B 15 14.95 39.77 24.74
CA LEU B 15 16.38 39.74 24.52
C LEU B 15 16.75 38.80 23.36
N ILE B 16 16.17 37.60 23.36
CA ILE B 16 16.42 36.64 22.28
C ILE B 16 15.92 37.20 20.97
N ALA B 17 14.74 37.84 20.98
CA ALA B 17 14.22 38.41 19.74
C ALA B 17 15.09 39.54 19.21
N ALA B 18 15.76 40.27 20.10
CA ALA B 18 16.60 41.36 19.65
C ALA B 18 17.79 40.86 18.85
N CYS B 19 18.16 39.59 18.98
CA CYS B 19 19.29 39.07 18.22
C CYS B 19 19.09 39.28 16.73
N ASP B 20 17.84 39.18 16.26
CA ASP B 20 17.51 39.39 14.86
C ASP B 20 17.68 40.84 14.42
N GLN B 21 18.15 41.73 15.31
CA GLN B 21 18.33 43.13 14.94
C GLN B 21 19.66 43.33 14.21
N GLU B 22 20.67 42.58 14.60
CA GLU B 22 22.02 42.76 14.06
C GLU B 22 22.08 42.32 12.60
N PRO B 23 22.38 43.24 11.64
CA PRO B 23 22.41 42.90 10.20
C PRO B 23 23.71 42.19 9.81
N ILE B 24 23.74 40.87 10.05
CA ILE B 24 24.99 40.15 9.90
C ILE B 24 25.43 40.03 8.45
N HIS B 25 24.53 40.27 7.50
CA HIS B 25 24.92 40.22 6.10
C HIS B 25 25.71 41.44 5.66
N ILE B 26 25.67 42.53 6.44
CA ILE B 26 26.34 43.78 6.04
C ILE B 26 27.17 44.33 7.17
N PRO B 27 28.17 43.61 7.68
CA PRO B 27 28.99 44.14 8.79
C PRO B 27 29.99 45.20 8.37
N ASN B 28 30.20 45.41 7.07
CA ASN B 28 31.21 46.35 6.59
C ASN B 28 32.59 46.03 7.16
N ALA B 29 32.89 44.73 7.30
CA ALA B 29 34.18 44.26 7.79
C ALA B 29 34.35 42.80 7.40
N ILE B 30 35.61 42.34 7.44
CA ILE B 30 35.94 40.97 7.06
C ILE B 30 36.88 40.39 8.09
N GLN B 31 36.95 39.06 8.13
CA GLN B 31 37.98 38.40 8.90
C GLN B 31 39.33 38.55 8.18
N PRO B 32 40.44 38.58 8.93
CA PRO B 32 41.73 38.94 8.33
C PRO B 32 42.46 37.81 7.64
N PHE B 33 41.85 36.65 7.37
CA PHE B 33 42.53 35.61 6.62
C PHE B 33 42.40 35.82 5.11
N GLY B 34 41.99 37.00 4.69
CA GLY B 34 42.00 37.38 3.30
C GLY B 34 41.83 38.88 3.18
N ALA B 35 41.58 39.34 1.95
CA ALA B 35 41.25 40.74 1.74
C ALA B 35 40.10 40.83 0.76
N MET B 36 39.50 42.02 0.66
CA MET B 36 38.32 42.22 -0.16
C MET B 36 38.34 43.58 -0.82
N LEU B 37 38.00 43.60 -2.10
CA LEU B 37 37.69 44.81 -2.84
C LEU B 37 36.22 44.77 -3.23
N ILE B 38 35.63 45.96 -3.36
CA ILE B 38 34.26 46.12 -3.85
C ILE B 38 34.30 47.17 -4.95
N VAL B 39 33.87 46.78 -6.15
CA VAL B 39 33.97 47.61 -7.33
C VAL B 39 32.56 47.91 -7.84
N GLU B 40 32.37 49.13 -8.35
CA GLU B 40 31.12 49.47 -9.02
C GLU B 40 31.17 49.01 -10.46
N LYS B 41 30.10 48.37 -10.94
CA LYS B 41 30.10 47.82 -12.29
C LYS B 41 30.13 48.92 -13.34
N ASP B 42 29.22 49.89 -13.25
CA ASP B 42 29.15 50.92 -14.28
C ASP B 42 30.28 51.93 -14.13
N THR B 43 30.63 52.30 -12.90
CA THR B 43 31.68 53.28 -12.69
C THR B 43 33.07 52.69 -12.97
N GLN B 44 33.21 51.38 -12.76
CA GLN B 44 34.43 50.59 -12.89
C GLN B 44 35.45 50.93 -11.80
N GLN B 45 35.16 51.88 -10.92
CA GLN B 45 36.07 52.30 -9.86
C GLN B 45 35.97 51.40 -8.62
N ILE B 46 37.08 51.29 -7.90
CA ILE B 46 37.09 50.65 -6.59
C ILE B 46 36.47 51.60 -5.59
N VAL B 47 35.40 51.17 -4.93
CA VAL B 47 34.72 52.00 -3.95
C VAL B 47 34.97 51.55 -2.52
N TYR B 48 35.24 50.27 -2.27
CA TYR B 48 35.57 49.83 -0.92
C TYR B 48 36.75 48.86 -0.98
N ALA B 49 37.58 48.90 0.05
CA ALA B 49 38.72 48.00 0.17
C ALA B 49 38.95 47.67 1.63
N SER B 50 39.15 46.39 1.94
CA SER B 50 39.46 45.99 3.31
C SER B 50 40.73 46.69 3.77
N ALA B 51 40.83 46.88 5.10
CA ALA B 51 41.91 47.70 5.63
C ALA B 51 43.27 47.06 5.45
N ASN B 52 43.34 45.74 5.24
CA ASN B 52 44.59 45.06 4.99
C ASN B 52 44.81 44.73 3.51
N SER B 53 44.09 45.39 2.60
CA SER B 53 44.18 45.06 1.19
C SER B 53 45.60 45.22 0.66
N ALA B 54 46.38 46.13 1.24
CA ALA B 54 47.67 46.46 0.65
C ALA B 54 48.67 45.32 0.78
N GLU B 55 48.59 44.52 1.85
CA GLU B 55 49.52 43.42 1.99
C GLU B 55 49.22 42.27 1.04
N TYR B 56 48.04 42.27 0.41
CA TYR B 56 47.71 41.26 -0.59
C TYR B 56 47.97 41.76 -2.01
N PHE B 57 47.42 42.92 -2.36
CA PHE B 57 47.53 43.41 -3.73
C PHE B 57 48.91 43.95 -4.08
N SER B 58 49.80 44.12 -3.09
CA SER B 58 51.19 44.43 -3.38
C SER B 58 51.85 43.34 -4.21
N VAL B 59 51.30 42.13 -4.20
CA VAL B 59 51.76 41.08 -5.10
C VAL B 59 51.47 41.45 -6.55
N ALA B 60 50.29 42.00 -6.82
CA ALA B 60 49.95 42.38 -8.19
C ALA B 60 50.64 43.66 -8.66
N ASP B 61 50.75 44.66 -7.77
CA ASP B 61 51.26 45.99 -8.14
C ASP B 61 52.35 46.46 -7.20
N ASN B 62 53.47 46.90 -7.77
CA ASN B 62 54.58 47.39 -6.97
C ASN B 62 54.19 48.69 -6.27
N THR B 63 53.42 49.53 -6.95
CA THR B 63 53.13 50.88 -6.46
C THR B 63 52.35 50.86 -5.16
N ILE B 64 51.63 49.76 -4.89
CA ILE B 64 50.74 49.68 -3.73
C ILE B 64 51.59 49.33 -2.51
N HIS B 65 51.84 50.32 -1.64
CA HIS B 65 52.54 50.10 -0.38
C HIS B 65 51.63 50.26 0.83
N GLU B 66 50.81 51.32 0.84
CA GLU B 66 49.84 51.58 1.88
C GLU B 66 48.44 51.33 1.33
N LEU B 67 47.45 51.39 2.23
CA LEU B 67 46.06 51.24 1.80
C LEU B 67 45.63 52.41 0.92
N SER B 68 46.03 53.63 1.29
CA SER B 68 45.64 54.82 0.53
C SER B 68 46.03 54.73 -0.93
N ASP B 69 47.03 53.92 -1.27
CA ASP B 69 47.51 53.81 -2.64
C ASP B 69 46.46 53.25 -3.59
N ILE B 70 45.55 52.42 -3.08
CA ILE B 70 44.58 51.73 -3.93
C ILE B 70 43.65 52.74 -4.62
N LYS B 71 43.55 53.95 -4.08
CA LYS B 71 42.72 54.96 -4.72
C LYS B 71 43.28 55.34 -6.09
N GLN B 72 44.61 55.35 -6.24
CA GLN B 72 45.23 55.67 -7.52
C GLN B 72 45.56 54.43 -8.33
N ALA B 73 45.21 53.25 -7.86
CA ALA B 73 45.39 52.01 -8.61
C ALA B 73 44.22 51.76 -9.57
N ASN B 74 44.45 50.86 -10.52
CA ASN B 74 43.45 50.37 -11.46
C ASN B 74 43.13 48.91 -11.14
N ILE B 75 41.86 48.52 -11.33
CA ILE B 75 41.48 47.13 -11.09
C ILE B 75 42.19 46.19 -12.06
N ASN B 76 42.34 46.61 -13.31
CA ASN B 76 42.98 45.75 -14.31
C ASN B 76 44.46 45.52 -14.01
N SER B 77 44.99 46.14 -12.96
CA SER B 77 46.32 45.88 -12.46
C SER B 77 46.31 44.96 -11.25
N LEU B 78 45.18 44.87 -10.56
CA LEU B 78 45.05 44.06 -9.34
C LEU B 78 44.42 42.71 -9.59
N LEU B 79 43.60 42.56 -10.62
CA LEU B 79 42.87 41.32 -10.84
C LEU B 79 43.42 40.53 -12.02
N PRO B 80 43.37 39.20 -11.95
CA PRO B 80 43.69 38.39 -13.13
C PRO B 80 42.72 38.67 -14.26
N GLU B 81 43.23 38.58 -15.49
CA GLU B 81 42.42 38.85 -16.66
C GLU B 81 41.22 37.90 -16.75
N HIS B 82 41.40 36.65 -16.34
CA HIS B 82 40.31 35.69 -16.38
C HIS B 82 39.18 36.07 -15.43
N LEU B 83 39.52 36.64 -14.27
CA LEU B 83 38.49 37.06 -13.32
C LEU B 83 37.72 38.26 -13.85
N ILE B 84 38.41 39.17 -14.52
CA ILE B 84 37.74 40.32 -15.12
C ILE B 84 36.79 39.87 -16.23
N SER B 85 37.28 38.99 -17.10
CA SER B 85 36.41 38.46 -18.16
C SER B 85 35.20 37.73 -17.57
N GLY B 86 35.43 36.91 -16.54
CA GLY B 86 34.33 36.20 -15.91
C GLY B 86 33.30 37.11 -15.29
N LEU B 87 33.76 38.18 -14.63
CA LEU B 87 32.81 39.10 -14.02
C LEU B 87 32.03 39.88 -15.08
N ALA B 88 32.72 40.34 -16.12
CA ALA B 88 32.03 41.00 -17.23
C ALA B 88 31.00 40.08 -17.88
N SER B 89 31.25 38.77 -17.89
CA SER B 89 30.35 37.85 -18.59
C SER B 89 29.17 37.40 -17.73
N ALA B 90 29.34 37.32 -16.41
CA ALA B 90 28.32 36.74 -15.55
C ALA B 90 27.08 37.61 -15.50
N ILE B 91 25.93 36.99 -15.75
CA ILE B 91 24.63 37.64 -15.60
C ILE B 91 24.01 37.35 -14.25
N ARG B 92 24.00 36.08 -13.84
CA ARG B 92 23.45 35.70 -12.55
C ARG B 92 24.22 36.42 -11.43
N GLU B 93 23.52 36.76 -10.37
CA GLU B 93 24.12 37.42 -9.23
C GLU B 93 24.49 36.40 -8.17
N ASN B 94 25.44 36.77 -7.31
CA ASN B 94 25.80 35.96 -6.15
C ASN B 94 26.27 34.57 -6.57
N GLU B 95 26.93 34.47 -7.73
CA GLU B 95 27.48 33.23 -8.26
C GLU B 95 28.99 33.37 -8.34
N PRO B 96 29.71 32.97 -7.30
CA PRO B 96 31.14 33.27 -7.23
C PRO B 96 31.98 32.55 -8.29
N ILE B 97 33.03 33.25 -8.72
CA ILE B 97 34.01 32.79 -9.70
C ILE B 97 35.33 32.61 -8.97
N TRP B 98 36.00 31.50 -9.24
CA TRP B 98 37.26 31.15 -8.59
C TRP B 98 38.36 31.20 -9.63
N VAL B 99 39.27 32.18 -9.50
CA VAL B 99 40.40 32.35 -10.40
C VAL B 99 41.66 32.49 -9.56
N GLU B 100 42.62 31.61 -9.78
CA GLU B 100 43.84 31.59 -8.98
C GLU B 100 45.08 31.85 -9.83
N THR B 101 46.12 32.36 -9.15
CA THR B 101 47.42 32.58 -9.77
C THR B 101 48.46 31.68 -9.13
N ASP B 102 49.73 32.11 -9.20
CA ASP B 102 50.81 31.38 -8.53
C ASP B 102 50.85 31.65 -7.03
N ARG B 103 50.44 32.84 -6.60
CA ARG B 103 50.51 33.24 -5.20
C ARG B 103 49.18 33.64 -4.60
N LEU B 104 48.14 33.81 -5.40
CA LEU B 104 46.88 34.33 -4.89
C LEU B 104 45.71 33.51 -5.43
N SER B 105 44.65 33.44 -4.62
CA SER B 105 43.41 32.75 -4.95
C SER B 105 42.27 33.76 -4.84
N PHE B 106 41.61 34.03 -5.95
CA PHE B 106 40.56 35.04 -6.04
C PHE B 106 39.20 34.39 -6.11
N LEU B 107 38.23 34.99 -5.41
CA LEU B 107 36.83 34.55 -5.43
C LEU B 107 35.96 35.78 -5.55
N GLY B 108 35.30 35.97 -6.68
CA GLY B 108 34.56 37.20 -6.92
C GLY B 108 33.19 36.94 -7.55
N TRP B 109 32.23 37.79 -7.20
CA TRP B 109 30.87 37.62 -7.69
C TRP B 109 30.21 38.97 -7.87
N ARG B 110 29.10 38.96 -8.62
CA ARG B 110 28.28 40.15 -8.87
C ARG B 110 27.09 40.20 -7.92
N HIS B 111 26.80 41.39 -7.41
CA HIS B 111 25.63 41.62 -6.56
C HIS B 111 25.11 43.01 -6.88
N GLU B 112 23.92 43.08 -7.47
CA GLU B 112 23.29 44.34 -7.85
C GLU B 112 24.26 45.11 -8.75
N ASN B 113 24.68 46.31 -8.38
CA ASN B 113 25.56 47.15 -9.17
C ASN B 113 27.03 47.00 -8.78
N TYR B 114 27.38 45.93 -8.05
CA TYR B 114 28.72 45.82 -7.50
C TYR B 114 29.37 44.49 -7.88
N TYR B 115 30.69 44.51 -7.89
CA TYR B 115 31.52 43.32 -7.98
C TYR B 115 32.26 43.20 -6.65
N ILE B 116 32.18 42.05 -6.00
CA ILE B 116 32.85 41.81 -4.74
C ILE B 116 33.94 40.78 -5.00
N ILE B 117 35.14 41.05 -4.51
CA ILE B 117 36.31 40.24 -4.83
C ILE B 117 37.08 39.94 -3.56
N GLU B 118 37.24 38.66 -3.25
CA GLU B 118 38.06 38.20 -2.14
C GLU B 118 39.36 37.63 -2.67
N VAL B 119 40.43 37.82 -1.90
CA VAL B 119 41.75 37.32 -2.25
C VAL B 119 42.35 36.64 -1.02
N GLU B 120 42.88 35.44 -1.22
CA GLU B 120 43.57 34.71 -0.16
C GLU B 120 44.92 34.24 -0.68
N ARG B 121 45.86 34.03 0.23
CA ARG B 121 47.17 33.53 -0.18
C ARG B 121 47.08 32.05 -0.53
N TYR B 122 47.70 31.67 -1.65
CA TYR B 122 47.59 30.34 -2.22
C TYR B 122 48.94 29.91 -2.77
N HIS B 123 49.25 28.63 -2.64
CA HIS B 123 50.43 28.04 -3.31
C HIS B 123 50.05 26.67 -3.87
N VAL B 124 50.38 26.47 -5.14
CA VAL B 124 50.10 25.23 -5.87
C VAL B 124 50.68 24.02 -5.13
N GLN B 125 49.81 23.13 -4.68
CA GLN B 125 50.18 21.79 -4.22
C GLN B 125 49.67 20.75 -5.22
N THR B 126 50.58 19.91 -5.72
CA THR B 126 50.24 18.84 -6.66
C THR B 126 50.20 17.50 -5.95
N SER B 127 49.07 16.80 -6.07
CA SER B 127 48.93 15.44 -5.54
C SER B 127 47.63 14.84 -6.04
N ASN B 128 47.44 13.57 -5.73
CA ASN B 128 46.19 12.87 -5.97
C ASN B 128 45.39 12.68 -4.68
N TRP B 129 45.74 13.41 -3.61
CA TRP B 129 45.13 13.19 -2.31
C TRP B 129 43.62 13.45 -2.34
N PHE B 130 43.22 14.60 -2.88
CA PHE B 130 41.80 14.92 -2.90
C PHE B 130 40.98 13.89 -3.67
N GLU B 131 41.49 13.41 -4.81
CA GLU B 131 40.74 12.43 -5.58
C GLU B 131 40.61 11.12 -4.80
N ILE B 132 41.66 10.73 -4.08
CA ILE B 132 41.60 9.54 -3.25
C ILE B 132 40.60 9.73 -2.12
N GLN B 133 40.59 10.91 -1.50
CA GLN B 133 39.63 11.21 -0.44
C GLN B 133 38.19 11.17 -0.96
N PHE B 134 37.96 11.74 -2.15
CA PHE B 134 36.62 11.68 -2.75
C PHE B 134 36.19 10.24 -2.96
N GLN B 135 37.09 9.41 -3.50
CA GLN B 135 36.74 8.01 -3.73
C GLN B 135 36.44 7.29 -2.42
N ARG B 136 37.32 7.47 -1.41
CA ARG B 136 37.12 6.76 -0.15
C ARG B 136 35.86 7.22 0.56
N ALA B 137 35.59 8.53 0.54
CA ALA B 137 34.40 9.06 1.18
C ALA B 137 33.13 8.54 0.50
N PHE B 138 33.12 8.56 -0.84
CA PHE B 138 31.93 8.09 -1.55
C PHE B 138 31.73 6.60 -1.36
N GLN B 139 32.81 5.82 -1.33
CA GLN B 139 32.69 4.38 -1.08
C GLN B 139 32.17 4.12 0.33
N LYS B 140 32.66 4.85 1.32
CA LYS B 140 32.20 4.62 2.69
C LYS B 140 30.75 5.03 2.88
N LEU B 141 30.35 6.18 2.31
CA LEU B 141 28.95 6.59 2.41
C LEU B 141 28.03 5.66 1.64
N ARG B 142 28.47 5.20 0.47
CA ARG B 142 27.67 4.29 -0.34
C ARG B 142 27.40 2.96 0.37
N ASN B 143 28.28 2.56 1.29
CA ASN B 143 28.12 1.32 2.02
C ASN B 143 27.22 1.46 3.24
N CYS B 144 26.79 2.67 3.57
CA CYS B 144 25.88 2.90 4.68
C CYS B 144 24.45 2.56 4.25
N LYS B 145 23.80 1.67 4.99
CA LYS B 145 22.44 1.27 4.68
C LYS B 145 21.44 1.61 5.79
N THR B 146 21.90 2.13 6.93
CA THR B 146 21.03 2.55 8.01
C THR B 146 21.33 4.00 8.39
N HIS B 147 20.37 4.63 9.06
CA HIS B 147 20.49 6.03 9.47
C HIS B 147 21.74 6.26 10.30
N ASN B 148 21.97 5.44 11.33
CA ASN B 148 23.07 5.69 12.26
C ASN B 148 24.42 5.53 11.57
N ASP B 149 24.55 4.49 10.73
CA ASP B 149 25.80 4.25 10.01
C ASP B 149 26.18 5.47 9.18
N LEU B 150 25.22 6.06 8.46
CA LEU B 150 25.52 7.20 7.63
C LEU B 150 26.06 8.38 8.43
N ILE B 151 25.34 8.78 9.48
CA ILE B 151 25.76 10.01 10.18
C ILE B 151 27.10 9.78 10.87
N ASN B 152 27.32 8.58 11.41
CA ASN B 152 28.60 8.33 12.07
C ASN B 152 29.75 8.29 11.07
N THR B 153 29.54 7.63 9.92
CA THR B 153 30.56 7.65 8.87
C THR B 153 30.84 9.08 8.40
N LEU B 154 29.79 9.89 8.28
CA LEU B 154 29.96 11.29 7.92
C LEU B 154 30.83 12.02 8.93
N THR B 155 30.60 11.78 10.23
CA THR B 155 31.39 12.44 11.25
C THR B 155 32.85 12.03 11.20
N ARG B 156 33.12 10.73 11.01
CA ARG B 156 34.51 10.29 10.87
C ARG B 156 35.16 10.90 9.64
N LEU B 157 34.46 10.91 8.51
CA LEU B 157 35.05 11.47 7.29
C LEU B 157 35.34 12.95 7.46
N ILE B 158 34.38 13.72 7.99
CA ILE B 158 34.60 15.15 8.17
C ILE B 158 35.76 15.41 9.12
N GLN B 159 35.90 14.59 10.17
CA GLN B 159 37.02 14.86 11.08
C GLN B 159 38.35 14.51 10.45
N GLU B 160 38.42 13.38 9.74
CA GLU B 160 39.67 12.97 9.10
C GLU B 160 40.06 13.93 7.98
N ILE B 161 39.09 14.41 7.20
CA ILE B 161 39.38 15.32 6.10
C ILE B 161 39.79 16.69 6.65
N SER B 162 39.05 17.18 7.65
CA SER B 162 39.24 18.54 8.10
C SER B 162 40.32 18.66 9.16
N GLY B 163 40.59 17.57 9.89
CA GLY B 163 41.54 17.62 10.97
C GLY B 163 41.07 18.36 12.20
N TYR B 164 39.82 18.84 12.22
CA TYR B 164 39.32 19.58 13.35
C TYR B 164 39.21 18.69 14.59
N ASP B 165 39.47 19.28 15.75
CA ASP B 165 39.60 18.51 16.98
C ASP B 165 38.27 17.92 17.43
N ARG B 166 37.14 18.48 16.98
CA ARG B 166 35.82 17.98 17.34
C ARG B 166 34.88 18.18 16.16
N VAL B 167 34.23 17.12 15.69
CA VAL B 167 33.22 17.24 14.64
C VAL B 167 31.91 16.68 15.18
N MET B 168 30.80 17.38 14.91
CA MET B 168 29.48 16.99 15.39
C MET B 168 28.40 17.28 14.36
N ILE B 169 27.46 16.35 14.23
CA ILE B 169 26.28 16.52 13.39
C ILE B 169 25.17 17.11 14.26
N TYR B 170 24.60 18.24 13.85
CA TYR B 170 23.66 18.99 14.68
C TYR B 170 22.33 19.12 13.95
N GLN B 171 21.32 18.41 14.43
CA GLN B 171 20.00 18.37 13.81
C GLN B 171 19.03 19.33 14.49
N PHE B 172 18.24 20.04 13.68
CA PHE B 172 17.26 21.02 14.15
C PHE B 172 15.91 20.38 14.44
N ASP B 173 15.16 21.04 15.33
CA ASP B 173 13.77 20.72 15.64
C ASP B 173 12.84 21.46 14.71
N PRO B 174 11.54 21.16 14.74
CA PRO B 174 10.58 22.02 14.04
C PRO B 174 10.45 23.39 14.67
N GLU B 175 10.93 23.56 15.90
CA GLU B 175 10.91 24.85 16.59
C GLU B 175 12.26 25.55 16.56
N TRP B 176 13.24 25.00 15.84
CA TRP B 176 14.59 25.51 15.61
C TRP B 176 15.55 25.30 16.76
N ASN B 177 15.18 24.56 17.80
CA ASN B 177 16.16 24.09 18.76
C ASN B 177 16.94 22.94 18.10
N GLY B 178 18.01 22.48 18.74
CA GLY B 178 18.80 21.44 18.10
C GLY B 178 19.37 20.43 19.08
N ARG B 179 19.88 19.35 18.51
CA ARG B 179 20.50 18.26 19.25
C ARG B 179 21.71 17.73 18.49
N VAL B 180 22.77 17.40 19.21
CA VAL B 180 23.94 16.74 18.63
C VAL B 180 23.65 15.25 18.47
N ILE B 181 23.67 14.76 17.23
CA ILE B 181 23.32 13.38 16.95
C ILE B 181 24.53 12.53 16.56
N ALA B 182 25.70 13.12 16.35
CA ALA B 182 26.90 12.35 16.08
C ALA B 182 28.12 13.19 16.48
N GLU B 183 29.22 12.49 16.78
CA GLU B 183 30.40 13.19 17.29
C GLU B 183 31.64 12.33 17.10
N SER B 184 32.73 12.99 16.67
CA SER B 184 34.07 12.43 16.57
C SER B 184 35.04 13.39 17.24
N VAL B 185 35.75 12.93 18.27
CA VAL B 185 36.63 13.81 19.02
C VAL B 185 38.04 13.21 19.07
N ARG B 186 39.04 14.01 18.69
CA ARG B 186 40.43 13.62 18.75
C ARG B 186 41.14 14.07 20.02
N GLN B 187 40.73 15.20 20.59
CA GLN B 187 41.44 15.84 21.70
C GLN B 187 40.72 15.63 23.03
N LEU B 188 41.12 16.42 24.03
CA LEU B 188 40.58 16.35 25.38
C LEU B 188 39.32 17.23 25.54
N PHE B 189 38.50 17.33 24.50
CA PHE B 189 37.17 17.93 24.63
C PHE B 189 36.25 17.05 25.45
N THR B 190 35.31 17.70 26.14
CA THR B 190 34.20 16.98 26.74
C THR B 190 33.18 16.64 25.67
N SER B 191 32.59 15.45 25.76
CA SER B 191 31.64 14.99 24.77
C SER B 191 30.32 15.73 24.88
N MET B 192 29.77 16.15 23.72
CA MET B 192 28.53 16.90 23.64
C MET B 192 27.43 16.10 22.95
N LEU B 193 27.53 14.78 22.94
CA LEU B 193 26.59 13.95 22.19
C LEU B 193 25.25 13.90 22.91
N ASN B 194 24.17 14.10 22.15
CA ASN B 194 22.79 14.11 22.61
C ASN B 194 22.48 15.29 23.52
N HIS B 195 23.35 16.30 23.57
CA HIS B 195 23.04 17.51 24.30
C HIS B 195 22.16 18.40 23.44
N HIS B 196 21.21 19.07 24.09
CA HIS B 196 20.29 19.99 23.43
C HIS B 196 20.79 21.42 23.51
N PHE B 197 20.65 22.15 22.40
CA PHE B 197 21.01 23.56 22.30
C PHE B 197 19.79 24.41 21.94
N PRO B 198 19.72 25.63 22.46
CA PRO B 198 18.54 26.47 22.24
C PRO B 198 18.59 27.14 20.87
N ALA B 199 17.41 27.56 20.40
CA ALA B 199 17.30 28.20 19.10
C ALA B 199 18.14 29.47 19.02
N SER B 200 18.17 30.26 20.09
CA SER B 200 18.90 31.52 20.09
C SER B 200 20.39 31.34 19.79
N ASP B 201 20.91 30.12 19.90
CA ASP B 201 22.31 29.87 19.56
C ASP B 201 22.56 30.10 18.08
N ILE B 202 21.56 29.86 17.22
CA ILE B 202 21.68 30.16 15.80
C ILE B 202 20.43 30.91 15.38
N PRO B 203 20.44 32.23 15.41
CA PRO B 203 19.26 33.01 15.01
C PRO B 203 18.88 32.74 13.56
N ALA B 204 17.65 33.14 13.21
CA ALA B 204 17.13 32.87 11.88
C ALA B 204 17.99 33.52 10.82
N GLN B 205 18.44 34.74 11.06
CA GLN B 205 19.36 35.41 10.16
C GLN B 205 20.62 34.60 9.92
N ALA B 206 21.16 33.96 10.98
CA ALA B 206 22.33 33.11 10.83
C ALA B 206 22.02 31.84 10.04
N ARG B 207 20.86 31.21 10.32
CA ARG B 207 20.50 30.02 9.56
C ARG B 207 20.27 30.32 8.09
N ALA B 208 19.79 31.51 7.77
CA ALA B 208 19.52 31.87 6.38
C ALA B 208 20.81 32.01 5.57
N MET B 209 21.96 32.14 6.24
CA MET B 209 23.23 32.26 5.54
C MET B 209 23.57 30.99 4.81
N TYR B 210 23.30 29.82 5.42
CA TYR B 210 23.64 28.56 4.79
C TYR B 210 22.97 28.40 3.43
N SER B 211 21.83 29.06 3.22
CA SER B 211 21.17 29.02 1.93
C SER B 211 21.89 29.86 0.88
N ILE B 212 22.75 30.79 1.30
CA ILE B 212 23.56 31.58 0.38
C ILE B 212 24.96 31.01 0.20
N ASN B 213 25.58 30.53 1.28
CA ASN B 213 26.85 29.81 1.21
C ASN B 213 26.81 28.64 2.18
N PRO B 214 26.93 27.40 1.68
CA PRO B 214 26.75 26.24 2.57
C PRO B 214 27.81 26.09 3.64
N ILE B 215 28.95 26.77 3.52
CA ILE B 215 30.03 26.63 4.48
C ILE B 215 30.32 27.99 5.10
N ARG B 216 30.55 27.99 6.40
CA ARG B 216 31.00 29.15 7.15
C ARG B 216 32.32 28.81 7.83
N ILE B 217 33.29 29.71 7.76
CA ILE B 217 34.65 29.44 8.20
C ILE B 217 35.11 30.58 9.11
N ILE B 218 35.58 30.22 10.28
CA ILE B 218 36.09 31.15 11.29
C ILE B 218 37.46 30.64 11.71
N PRO B 219 38.53 31.01 11.00
CA PRO B 219 39.84 30.42 11.27
C PRO B 219 40.48 30.89 12.57
N ASP B 220 39.95 31.92 13.22
CA ASP B 220 40.55 32.46 14.43
C ASP B 220 39.52 33.34 15.12
N VAL B 221 39.08 32.91 16.31
CA VAL B 221 38.04 33.64 17.04
C VAL B 221 38.58 34.94 17.60
N ASN B 222 39.90 35.07 17.75
CA ASN B 222 40.53 36.26 18.32
C ASN B 222 41.23 37.10 17.26
N ALA B 223 40.97 36.83 15.99
CA ALA B 223 41.57 37.59 14.89
C ALA B 223 40.86 38.93 14.76
N GLU B 224 41.63 40.01 14.81
CA GLU B 224 41.06 41.34 14.72
C GLU B 224 40.38 41.52 13.37
N PRO B 225 39.10 41.91 13.35
CA PRO B 225 38.43 42.12 12.06
C PRO B 225 38.89 43.42 11.40
N GLN B 226 38.98 43.39 10.07
CA GLN B 226 39.44 44.54 9.31
C GLN B 226 38.25 45.25 8.69
N PRO B 227 37.95 46.49 9.07
CA PRO B 227 36.81 47.18 8.48
C PRO B 227 37.11 47.54 7.03
N LEU B 228 36.04 47.81 6.29
CA LEU B 228 36.19 48.30 4.92
C LEU B 228 36.34 49.80 4.96
N HIS B 229 37.30 50.32 4.20
CA HIS B 229 37.51 51.74 4.05
C HIS B 229 37.06 52.17 2.66
N MET B 230 36.47 53.36 2.59
CA MET B 230 36.07 53.91 1.31
C MET B 230 37.30 54.36 0.53
N ILE B 231 37.19 54.31 -0.79
CA ILE B 231 38.34 54.52 -1.65
C ILE B 231 37.95 55.51 -2.74
N HIS B 232 36.82 55.27 -3.38
CA HIS B 232 36.19 56.24 -4.27
C HIS B 232 34.75 56.40 -3.83
N LYS B 233 34.24 57.63 -3.92
CA LYS B 233 32.92 57.93 -3.37
C LYS B 233 31.88 57.12 -4.15
N PRO B 234 31.18 56.18 -3.51
CA PRO B 234 30.18 55.39 -4.22
C PRO B 234 28.92 56.18 -4.56
N GLN B 235 28.16 55.62 -5.51
CA GLN B 235 26.91 56.23 -5.93
C GLN B 235 25.76 55.96 -4.97
N ASN B 236 25.78 54.84 -4.26
CA ASN B 236 24.63 54.40 -3.47
C ASN B 236 24.80 54.58 -1.97
N THR B 237 25.96 54.18 -1.43
CA THR B 237 26.37 54.36 -0.03
C THR B 237 25.74 53.35 0.93
N GLU B 238 24.63 52.71 0.55
CA GLU B 238 24.09 51.67 1.43
C GLU B 238 25.08 50.52 1.53
N ALA B 239 25.13 49.92 2.72
CA ALA B 239 26.09 48.85 2.97
C ALA B 239 25.92 47.73 1.97
N VAL B 240 27.04 47.17 1.54
CA VAL B 240 27.05 46.16 0.49
C VAL B 240 26.87 44.79 1.13
N ASN B 241 26.06 43.95 0.47
CA ASN B 241 25.78 42.61 0.99
C ASN B 241 26.97 41.71 0.69
N LEU B 242 27.54 41.09 1.74
CA LEU B 242 28.73 40.26 1.60
C LEU B 242 28.44 38.78 1.79
N SER B 243 27.18 38.35 1.66
CA SER B 243 26.79 37.04 2.17
C SER B 243 27.39 35.89 1.34
N SER B 244 27.62 36.11 0.04
CA SER B 244 28.01 35.01 -0.84
C SER B 244 29.44 34.53 -0.63
N GLY B 245 30.27 35.30 0.05
CA GLY B 245 31.68 35.01 0.16
C GLY B 245 32.01 34.14 1.36
N VAL B 246 33.29 34.18 1.72
CA VAL B 246 33.80 33.47 2.90
C VAL B 246 34.45 34.41 3.90
N LEU B 247 34.68 35.68 3.54
CA LEU B 247 35.41 36.61 4.38
C LEU B 247 34.54 37.42 5.33
N ARG B 248 33.23 37.45 5.12
CA ARG B 248 32.27 38.15 5.98
C ARG B 248 32.60 38.01 7.47
N ALA B 249 32.78 39.15 8.14
CA ALA B 249 33.12 39.17 9.55
C ALA B 249 32.02 38.51 10.39
N VAL B 250 32.42 38.04 11.57
CA VAL B 250 31.54 37.31 12.48
C VAL B 250 31.00 38.26 13.54
N SER B 251 29.72 38.12 13.87
CA SER B 251 29.15 38.85 14.99
C SER B 251 30.02 38.65 16.23
N PRO B 252 30.36 39.72 16.95
CA PRO B 252 31.16 39.53 18.18
C PRO B 252 30.42 38.72 19.23
N LEU B 253 29.09 38.71 19.18
CA LEU B 253 28.32 37.84 20.06
C LEU B 253 28.64 36.38 19.78
N HIS B 254 28.76 36.00 18.51
CA HIS B 254 29.08 34.62 18.18
C HIS B 254 30.54 34.29 18.45
N MET B 255 31.44 35.27 18.27
CA MET B 255 32.83 35.06 18.65
C MET B 255 32.93 34.80 20.15
N GLN B 256 32.25 35.63 20.95
CA GLN B 256 32.25 35.42 22.39
C GLN B 256 31.59 34.10 22.75
N TYR B 257 30.55 33.73 22.02
CA TYR B 257 29.95 32.40 22.17
C TYR B 257 31.00 31.32 22.02
N LEU B 258 31.77 31.36 20.92
CA LEU B 258 32.81 30.35 20.71
C LEU B 258 33.86 30.38 21.80
N ARG B 259 34.25 31.57 22.27
CA ARG B 259 35.21 31.63 23.37
C ARG B 259 34.66 30.93 24.60
N ASN B 260 33.42 31.22 24.98
CA ASN B 260 32.80 30.57 26.12
C ASN B 260 32.67 29.07 25.91
N PHE B 261 32.46 28.65 24.67
CA PHE B 261 32.41 27.23 24.30
C PHE B 261 33.79 26.59 24.29
N GLY B 262 34.86 27.34 24.50
CA GLY B 262 36.19 26.79 24.43
C GLY B 262 36.67 26.49 23.02
N VAL B 263 36.28 27.29 22.04
CA VAL B 263 36.57 27.03 20.64
C VAL B 263 37.40 28.18 20.10
N SER B 264 38.53 27.86 19.47
CA SER B 264 39.38 28.87 18.85
C SER B 264 39.12 29.05 17.37
N ALA B 265 38.55 28.05 16.70
CA ALA B 265 38.27 28.14 15.27
C ALA B 265 37.16 27.16 14.96
N SER B 266 36.35 27.49 13.96
CA SER B 266 35.24 26.62 13.66
C SER B 266 34.94 26.67 12.17
N THR B 267 34.22 25.66 11.71
CA THR B 267 33.74 25.58 10.34
C THR B 267 32.44 24.82 10.40
N SER B 268 31.41 25.32 9.72
CA SER B 268 30.16 24.60 9.68
C SER B 268 29.63 24.53 8.26
N ILE B 269 28.94 23.43 7.98
CA ILE B 269 28.38 23.15 6.67
C ILE B 269 26.90 22.86 6.86
N GLY B 270 26.06 23.57 6.13
CA GLY B 270 24.64 23.33 6.21
C GLY B 270 24.28 22.00 5.54
N ILE B 271 23.34 21.29 6.16
CA ILE B 271 22.79 20.04 5.63
C ILE B 271 21.41 20.35 5.09
N PHE B 272 21.21 20.18 3.78
CA PHE B 272 19.97 20.59 3.14
C PHE B 272 19.18 19.37 2.71
N ASN B 273 17.87 19.41 2.97
CA ASN B 273 16.93 18.46 2.40
C ASN B 273 16.09 19.29 1.42
N GLU B 274 16.38 19.13 0.13
CA GLU B 274 15.92 20.08 -0.88
C GLU B 274 16.27 21.50 -0.48
N ASP B 275 15.28 22.31 -0.14
CA ASP B 275 15.52 23.71 0.20
C ASP B 275 15.42 23.98 1.70
N GLU B 276 15.21 22.96 2.50
CA GLU B 276 15.05 23.12 3.95
C GLU B 276 16.36 22.78 4.65
N LEU B 277 16.75 23.61 5.63
CA LEU B 277 17.97 23.39 6.39
C LEU B 277 17.67 22.34 7.47
N TRP B 278 18.20 21.14 7.29
CA TRP B 278 17.93 20.03 8.19
C TRP B 278 18.91 19.96 9.36
N GLY B 279 20.17 20.33 9.14
CA GLY B 279 21.10 20.47 10.23
C GLY B 279 22.38 21.11 9.75
N ILE B 280 23.44 20.95 10.54
CA ILE B 280 24.76 21.44 10.19
C ILE B 280 25.82 20.43 10.63
N VAL B 281 26.92 20.40 9.89
CA VAL B 281 28.13 19.75 10.35
C VAL B 281 28.97 20.83 11.03
N ALA B 282 29.14 20.71 12.34
CA ALA B 282 29.87 21.70 13.13
C ALA B 282 31.24 21.15 13.50
N CYS B 283 32.29 21.92 13.20
CA CYS B 283 33.66 21.51 13.46
C CYS B 283 34.36 22.58 14.31
N HIS B 284 35.06 22.12 15.34
CA HIS B 284 35.74 22.97 16.30
C HIS B 284 37.19 22.54 16.43
N HIS B 285 38.03 23.51 16.76
CA HIS B 285 39.45 23.29 17.00
C HIS B 285 39.86 24.08 18.23
N THR B 286 40.84 23.55 18.97
CA THR B 286 41.29 24.20 20.19
C THR B 286 42.39 25.22 19.92
N LYS B 287 42.80 25.38 18.68
CA LYS B 287 43.81 26.34 18.24
C LYS B 287 43.35 26.91 16.90
N PRO B 288 43.91 28.03 16.47
CA PRO B 288 43.53 28.57 15.16
C PRO B 288 43.74 27.54 14.05
N ARG B 289 42.91 27.64 13.01
CA ARG B 289 43.00 26.65 11.94
C ARG B 289 42.32 27.16 10.67
N ALA B 290 43.11 27.44 9.64
CA ALA B 290 42.60 27.74 8.32
C ALA B 290 42.49 26.46 7.49
N ILE B 291 41.53 26.44 6.58
CA ILE B 291 41.39 25.37 5.59
C ILE B 291 41.29 25.99 4.20
N GLY B 292 42.08 25.49 3.27
CA GLY B 292 42.07 26.02 1.92
C GLY B 292 40.76 25.77 1.19
N ARG B 293 40.66 26.39 0.01
CA ARG B 293 39.45 26.26 -0.80
C ARG B 293 39.17 24.82 -1.20
N ARG B 294 40.22 24.03 -1.45
CA ARG B 294 40.01 22.66 -1.92
C ARG B 294 39.49 21.76 -0.80
N ILE B 295 39.99 21.95 0.43
CA ILE B 295 39.43 21.20 1.55
C ILE B 295 38.01 21.63 1.83
N ARG B 296 37.70 22.92 1.64
CA ARG B 296 36.32 23.37 1.75
C ARG B 296 35.42 22.62 0.77
N ARG B 297 35.80 22.64 -0.52
CA ARG B 297 34.99 21.96 -1.53
C ARG B 297 34.86 20.48 -1.25
N LEU B 298 35.93 19.84 -0.75
CA LEU B 298 35.85 18.44 -0.36
C LEU B 298 34.80 18.22 0.73
N LEU B 299 34.90 18.98 1.83
CA LEU B 299 33.93 18.88 2.92
C LEU B 299 32.50 19.03 2.40
N VAL B 300 32.27 20.05 1.56
CA VAL B 300 30.90 20.35 1.17
C VAL B 300 30.34 19.28 0.24
N ARG B 301 31.12 18.90 -0.79
CA ARG B 301 30.69 17.80 -1.67
C ARG B 301 30.39 16.54 -0.87
N THR B 302 31.25 16.21 0.09
CA THR B 302 31.01 15.07 0.95
C THR B 302 29.68 15.21 1.68
N VAL B 303 29.44 16.37 2.29
CA VAL B 303 28.22 16.55 3.08
C VAL B 303 26.98 16.43 2.20
N GLU B 304 27.02 16.98 0.99
CA GLU B 304 25.88 16.87 0.09
C GLU B 304 25.63 15.42 -0.32
N PHE B 305 26.70 14.70 -0.68
CA PHE B 305 26.54 13.30 -1.05
C PHE B 305 25.94 12.50 0.09
N ALA B 306 26.51 12.64 1.30
CA ALA B 306 25.95 11.98 2.48
C ALA B 306 24.50 12.34 2.70
N ALA B 307 24.14 13.61 2.46
CA ALA B 307 22.76 14.04 2.67
C ALA B 307 21.82 13.30 1.71
N GLU B 308 22.12 13.32 0.42
CA GLU B 308 21.32 12.57 -0.54
C GLU B 308 21.20 11.11 -0.12
N ARG B 309 22.30 10.51 0.33
CA ARG B 309 22.25 9.12 0.79
C ARG B 309 21.28 8.95 1.95
N LEU B 310 21.28 9.89 2.90
CA LEU B 310 20.40 9.79 4.05
C LEU B 310 18.93 9.94 3.66
N TRP B 311 18.63 10.85 2.73
CA TRP B 311 17.25 10.97 2.29
C TRP B 311 16.81 9.72 1.55
N LEU B 312 17.74 9.04 0.87
CA LEU B 312 17.38 7.77 0.21
C LEU B 312 17.15 6.66 1.24
N ILE B 313 17.97 6.61 2.30
CA ILE B 313 17.71 5.64 3.36
C ILE B 313 16.34 5.87 3.97
N HIS B 314 15.99 7.13 4.22
CA HIS B 314 14.69 7.43 4.82
C HIS B 314 13.55 7.06 3.88
N SER B 315 13.67 7.42 2.60
CA SER B 315 12.62 7.07 1.65
C SER B 315 12.47 5.56 1.51
N ARG B 316 13.54 4.79 1.70
CA ARG B 316 13.40 3.35 1.63
C ARG B 316 12.77 2.79 2.90
N ASN B 317 13.05 3.36 4.07
CA ASN B 317 12.40 2.92 5.29
C ASN B 317 10.89 3.13 5.22
N VAL B 318 10.46 4.23 4.61
CA VAL B 318 9.04 4.48 4.42
C VAL B 318 8.45 3.41 3.51
N GLU B 319 9.04 3.25 2.32
CA GLU B 319 8.58 2.24 1.38
C GLU B 319 8.57 0.85 2.02
N ARG B 320 9.56 0.57 2.87
CA ARG B 320 9.64 -0.72 3.54
C ARG B 320 8.58 -0.86 4.63
N TYR B 321 8.37 0.21 5.39
CA TYR B 321 7.34 0.19 6.43
C TYR B 321 5.94 0.02 5.83
N MET B 322 5.71 0.54 4.63
CA MET B 322 4.45 0.29 3.95
C MET B 322 4.30 -1.18 3.58
N VAL B 323 5.40 -1.83 3.18
CA VAL B 323 5.38 -3.27 2.97
C VAL B 323 5.02 -4.00 4.25
N THR B 324 5.58 -3.54 5.37
CA THR B 324 5.26 -4.14 6.67
C THR B 324 3.76 -4.02 6.97
N VAL B 325 3.20 -2.82 6.76
CA VAL B 325 1.78 -2.60 7.01
C VAL B 325 0.93 -3.51 6.12
N GLN B 326 1.29 -3.60 4.84
CA GLN B 326 0.58 -4.50 3.93
C GLN B 326 0.64 -5.94 4.42
N ALA B 327 1.78 -6.35 4.99
CA ALA B 327 1.89 -7.71 5.52
C ALA B 327 0.94 -7.93 6.69
N ALA B 328 0.87 -6.97 7.62
CA ALA B 328 -0.02 -7.13 8.76
C ALA B 328 -1.49 -7.14 8.34
N ARG B 329 -1.86 -6.25 7.43
CA ARG B 329 -3.22 -6.26 6.90
C ARG B 329 -3.53 -7.58 6.21
N GLU B 330 -2.55 -8.14 5.49
CA GLU B 330 -2.75 -9.44 4.87
C GLU B 330 -3.00 -10.51 5.92
N GLN B 331 -2.19 -10.52 6.99
CA GLN B 331 -2.40 -11.48 8.07
C GLN B 331 -3.79 -11.32 8.69
N LEU B 332 -4.32 -10.10 8.73
CA LEU B 332 -5.66 -9.89 9.23
C LEU B 332 -6.68 -10.75 8.48
N SER B 333 -6.76 -10.58 7.17
CA SER B 333 -7.67 -11.37 6.34
C SER B 333 -7.27 -12.84 6.31
N HIS B 340 -13.35 -16.29 12.62
CA HIS B 340 -13.14 -15.54 13.85
C HIS B 340 -13.96 -14.25 13.86
N SER B 341 -14.34 -13.78 15.04
CA SER B 341 -14.97 -12.49 15.19
C SER B 341 -13.94 -11.36 15.04
N SER B 342 -14.44 -10.13 14.86
CA SER B 342 -13.53 -8.99 14.80
C SER B 342 -12.85 -8.76 16.14
N HIS B 343 -13.58 -9.00 17.23
CA HIS B 343 -12.99 -8.87 18.57
C HIS B 343 -11.96 -9.95 18.81
N GLU B 344 -12.20 -11.15 18.27
CA GLU B 344 -11.21 -12.22 18.38
C GLU B 344 -9.94 -11.84 17.64
N ILE B 345 -10.09 -11.23 16.46
CA ILE B 345 -8.92 -10.78 15.71
C ILE B 345 -8.17 -9.68 16.44
N VAL B 346 -8.89 -8.72 17.03
CA VAL B 346 -8.24 -7.65 17.77
C VAL B 346 -7.42 -8.22 18.92
N ILE B 347 -8.00 -9.16 19.67
CA ILE B 347 -7.26 -9.74 20.79
C ILE B 347 -6.07 -10.54 20.27
N GLU B 348 -6.22 -11.18 19.10
CA GLU B 348 -5.20 -12.06 18.58
C GLU B 348 -4.01 -11.29 18.00
N HIS B 349 -4.25 -10.12 17.40
CA HIS B 349 -3.25 -9.42 16.61
C HIS B 349 -2.83 -8.06 17.16
N ALA B 350 -3.36 -7.62 18.31
CA ALA B 350 -3.10 -6.26 18.78
C ALA B 350 -1.66 -6.06 19.24
N ALA B 351 -0.98 -7.12 19.69
CA ALA B 351 0.41 -7.00 20.09
C ALA B 351 1.33 -6.60 18.94
N ASP B 352 1.12 -7.17 17.75
CA ASP B 352 1.86 -6.72 16.57
C ASP B 352 1.54 -5.27 16.23
N TRP B 353 0.27 -4.88 16.32
CA TRP B 353 -0.10 -3.50 15.97
C TRP B 353 0.59 -2.48 16.85
N CYS B 354 0.85 -2.83 18.12
CA CYS B 354 1.53 -1.87 19.00
C CYS B 354 2.94 -1.58 18.51
N LYS B 355 3.63 -2.59 17.97
CA LYS B 355 4.92 -2.32 17.32
C LYS B 355 4.72 -1.52 16.04
N LEU B 356 3.80 -1.98 15.18
CA LEU B 356 3.52 -1.29 13.92
C LEU B 356 3.26 0.20 14.10
N PHE B 357 2.57 0.59 15.17
CA PHE B 357 2.15 1.97 15.35
C PHE B 357 2.91 2.71 16.44
N ARG B 358 3.90 2.07 17.07
CA ARG B 358 4.66 2.67 18.16
C ARG B 358 3.72 3.26 19.21
N CYS B 359 2.78 2.44 19.68
CA CYS B 359 1.83 2.86 20.70
C CYS B 359 1.76 1.83 21.82
N ASP B 360 1.33 2.29 23.00
CA ASP B 360 1.29 1.47 24.20
C ASP B 360 -0.02 0.70 24.38
N GLY B 361 -1.09 1.06 23.67
CA GLY B 361 -2.36 0.42 23.89
C GLY B 361 -3.35 0.67 22.77
N ILE B 362 -4.34 -0.22 22.69
CA ILE B 362 -5.35 -0.18 21.65
C ILE B 362 -6.71 -0.41 22.30
N GLY B 363 -7.71 0.32 21.84
CA GLY B 363 -9.07 0.03 22.23
C GLY B 363 -10.00 -0.02 21.03
N TYR B 364 -10.80 -1.07 20.94
CA TYR B 364 -11.77 -1.24 19.87
C TYR B 364 -13.16 -1.21 20.45
N LEU B 365 -14.01 -0.32 19.91
CA LEU B 365 -15.39 -0.19 20.34
C LEU B 365 -16.30 -0.56 19.19
N ARG B 366 -17.25 -1.46 19.43
CA ARG B 366 -18.24 -1.86 18.43
C ARG B 366 -19.60 -1.88 19.13
N GLY B 367 -20.40 -0.84 18.93
CA GLY B 367 -21.67 -0.77 19.60
C GLY B 367 -21.45 -0.43 21.06
N GLU B 368 -22.06 -1.21 21.94
CA GLU B 368 -21.84 -1.06 23.37
C GLU B 368 -20.68 -1.90 23.89
N GLU B 369 -20.08 -2.74 23.06
CA GLU B 369 -19.04 -3.67 23.51
C GLU B 369 -17.67 -3.06 23.27
N LEU B 370 -16.76 -3.25 24.24
CA LEU B 370 -15.42 -2.69 24.19
C LEU B 370 -14.34 -3.73 24.47
N THR B 371 -13.39 -3.84 23.56
CA THR B 371 -12.25 -4.73 23.67
C THR B 371 -11.01 -3.86 23.86
N THR B 372 -10.19 -4.19 24.86
CA THR B 372 -9.01 -3.38 25.14
C THR B 372 -7.77 -4.26 25.20
N TYR B 373 -6.64 -3.70 24.77
CA TYR B 373 -5.35 -4.35 24.91
C TYR B 373 -4.30 -3.33 25.33
N GLY B 374 -3.44 -3.71 26.27
CA GLY B 374 -2.38 -2.82 26.73
C GLY B 374 -2.85 -1.74 27.67
N GLU B 375 -2.04 -0.68 27.77
CA GLU B 375 -2.31 0.41 28.71
C GLU B 375 -3.43 1.25 28.13
N THR B 376 -4.58 1.27 28.81
CA THR B 376 -5.74 2.02 28.34
C THR B 376 -6.49 2.63 29.52
N PRO B 377 -7.19 3.75 29.29
CA PRO B 377 -8.17 4.22 30.28
C PRO B 377 -9.32 3.23 30.42
N ASP B 378 -10.16 3.49 31.42
CA ASP B 378 -11.30 2.63 31.71
C ASP B 378 -12.40 2.85 30.68
N GLN B 379 -13.37 1.91 30.66
CA GLN B 379 -14.46 1.99 29.67
C GLN B 379 -15.18 3.33 29.75
N THR B 380 -15.44 3.82 30.97
CA THR B 380 -16.16 5.07 31.14
C THR B 380 -15.38 6.26 30.56
N THR B 381 -14.09 6.35 30.89
CA THR B 381 -13.26 7.41 30.31
C THR B 381 -13.20 7.29 28.79
N ILE B 382 -13.17 6.06 28.29
CA ILE B 382 -13.19 5.84 26.85
C ILE B 382 -14.49 6.38 26.27
N ASN B 383 -15.59 6.27 27.01
CA ASN B 383 -16.86 6.78 26.53
C ASN B 383 -16.89 8.31 26.56
N LYS B 384 -16.28 8.92 27.57
CA LYS B 384 -16.11 10.38 27.53
C LYS B 384 -15.27 10.79 26.33
N LEU B 385 -14.26 10.00 25.98
CA LEU B 385 -13.45 10.30 24.80
C LEU B 385 -14.30 10.23 23.53
N VAL B 386 -14.97 9.09 23.31
CA VAL B 386 -15.83 8.91 22.14
C VAL B 386 -16.83 10.05 22.03
N GLU B 387 -17.61 10.28 23.10
CA GLU B 387 -18.60 11.34 23.11
C GLU B 387 -17.99 12.70 22.78
N TRP B 388 -16.85 13.03 23.42
CA TRP B 388 -16.23 14.33 23.16
C TRP B 388 -15.78 14.46 21.71
N LEU B 389 -15.39 13.35 21.08
CA LEU B 389 -14.96 13.38 19.69
C LEU B 389 -16.12 13.73 18.75
N SER B 396 -12.93 14.93 10.30
CA SER B 396 -11.60 14.46 9.89
C SER B 396 -11.53 12.94 9.91
N LEU B 397 -10.85 12.37 8.91
CA LEU B 397 -10.65 10.92 8.85
C LEU B 397 -10.06 10.36 10.13
N PHE B 398 -9.18 11.12 10.77
CA PHE B 398 -8.63 10.75 12.08
C PHE B 398 -8.45 12.00 12.91
N TRP B 399 -8.35 11.82 14.22
CA TRP B 399 -8.02 12.94 15.09
C TRP B 399 -6.86 12.49 15.98
N HIS B 400 -5.84 13.33 16.10
CA HIS B 400 -4.61 12.87 16.74
C HIS B 400 -3.94 14.03 17.44
N SER B 401 -3.34 13.73 18.59
CA SER B 401 -2.59 14.74 19.33
C SER B 401 -1.54 14.05 20.21
N HIS B 402 -0.39 14.68 20.32
CA HIS B 402 0.70 14.22 21.17
C HIS B 402 0.81 14.99 22.48
N MET B 403 -0.08 15.96 22.74
CA MET B 403 -0.15 16.63 24.04
C MET B 403 -1.61 16.77 24.46
N LEU B 404 -2.19 15.68 24.96
CA LEU B 404 -3.61 15.67 25.34
C LEU B 404 -3.94 16.73 26.38
N LYS B 405 -3.08 16.91 27.38
CA LYS B 405 -3.39 17.84 28.46
C LYS B 405 -3.59 19.25 27.94
N GLU B 406 -2.88 19.63 26.88
CA GLU B 406 -3.00 20.93 26.27
C GLU B 406 -4.11 20.99 25.23
N ASP B 407 -4.20 19.96 24.38
CA ASP B 407 -5.18 19.96 23.30
C ASP B 407 -6.61 19.69 23.77
N ALA B 408 -6.80 18.93 24.84
CA ALA B 408 -8.14 18.64 25.36
C ALA B 408 -8.15 18.63 26.88
N PRO B 409 -8.18 19.81 27.50
CA PRO B 409 -8.16 19.86 28.97
C PRO B 409 -9.44 19.26 29.56
N GLY B 410 -9.34 18.85 30.82
CA GLY B 410 -10.47 18.35 31.56
C GLY B 410 -11.12 17.09 31.02
N LEU B 411 -10.46 16.43 30.05
CA LEU B 411 -11.08 15.29 29.39
C LEU B 411 -10.72 13.99 30.09
N LEU B 412 -9.48 13.87 30.50
CA LEU B 412 -8.93 12.73 31.23
C LEU B 412 -8.99 13.04 32.71
N PRO B 413 -8.77 12.05 33.58
CA PRO B 413 -8.56 12.39 34.99
C PRO B 413 -7.36 13.30 35.14
N ASP B 414 -7.21 13.87 36.34
CA ASP B 414 -6.18 14.89 36.53
C ASP B 414 -4.79 14.26 36.48
N GLY B 415 -4.60 13.16 37.21
CA GLY B 415 -3.33 12.47 37.33
C GLY B 415 -3.03 11.50 36.23
N SER B 416 -3.83 11.51 35.15
CA SER B 416 -3.69 10.54 34.09
C SER B 416 -2.34 10.63 33.41
N ARG B 417 -1.81 9.46 33.03
CA ARG B 417 -0.47 9.36 32.44
C ARG B 417 -0.51 9.38 30.92
N PHE B 418 -1.70 9.40 30.32
CA PHE B 418 -1.82 9.36 28.87
C PHE B 418 -1.62 10.76 28.29
N ALA B 419 -0.84 10.83 27.20
CA ALA B 419 -0.63 12.08 26.49
C ALA B 419 -0.93 12.03 25.00
N GLY B 420 -0.87 10.86 24.37
CA GLY B 420 -1.06 10.74 22.93
C GLY B 420 -2.32 9.96 22.58
N LEU B 421 -3.03 10.45 21.57
CA LEU B 421 -4.27 9.82 21.14
C LEU B 421 -4.41 9.91 19.62
N LEU B 422 -4.69 8.76 19.00
CA LEU B 422 -5.07 8.68 17.60
C LEU B 422 -6.40 7.95 17.49
N ALA B 423 -7.41 8.62 16.95
CA ALA B 423 -8.77 8.10 16.93
C ALA B 423 -9.22 7.99 15.48
N ILE B 424 -9.51 6.76 15.07
CA ILE B 424 -10.03 6.39 13.75
C ILE B 424 -11.48 6.00 13.90
N PRO B 425 -12.43 6.72 13.28
CA PRO B 425 -13.82 6.27 13.30
C PRO B 425 -14.08 5.10 12.35
N TYR B 435 -15.46 2.71 17.22
CA TYR B 435 -14.18 3.41 17.08
C TYR B 435 -12.95 2.53 17.27
N LEU B 436 -11.84 2.98 16.69
CA LEU B 436 -10.53 2.38 16.89
C LEU B 436 -9.67 3.44 17.56
N LEU B 437 -9.06 3.07 18.67
CA LEU B 437 -8.34 4.02 19.51
C LEU B 437 -6.92 3.55 19.72
N LEU B 438 -5.96 4.46 19.52
CA LEU B 438 -4.54 4.18 19.65
C LEU B 438 -3.99 5.15 20.69
N PHE B 439 -3.36 4.61 21.72
CA PHE B 439 -3.00 5.37 22.91
C PHE B 439 -1.50 5.39 23.09
N ARG B 440 -0.98 6.54 23.51
CA ARG B 440 0.45 6.69 23.77
C ARG B 440 0.60 7.25 25.17
N VAL B 441 1.31 6.51 26.02
CA VAL B 441 1.62 7.01 27.36
C VAL B 441 2.57 8.19 27.25
N ALA B 442 2.41 9.16 28.14
CA ALA B 442 3.37 10.24 28.18
C ALA B 442 4.74 9.69 28.56
N GLN B 443 5.75 10.02 27.76
CA GLN B 443 7.12 9.64 28.06
C GLN B 443 7.78 10.82 28.74
N ASN B 444 8.25 10.62 29.98
CA ASN B 444 8.78 11.72 30.78
C ASN B 444 10.24 11.91 30.39
N GLU B 445 10.41 12.39 29.16
CA GLU B 445 11.73 12.55 28.55
C GLU B 445 12.56 13.56 29.33
N VAL B 446 13.67 13.08 29.89
CA VAL B 446 14.66 13.96 30.52
C VAL B 446 15.64 14.42 29.45
N ARG B 447 15.69 15.72 29.22
CA ARG B 447 16.59 16.34 28.27
C ARG B 447 17.77 16.95 29.00
N THR B 448 18.98 16.70 28.49
CA THR B 448 20.21 17.27 29.02
C THR B 448 20.66 18.42 28.13
N TRP B 449 20.65 19.64 28.67
CA TRP B 449 21.05 20.85 27.97
C TRP B 449 22.48 21.23 28.32
N ALA B 450 23.16 21.85 27.35
CA ALA B 450 24.53 22.33 27.52
C ALA B 450 24.50 23.72 28.17
N GLY B 451 24.31 23.72 29.47
CA GLY B 451 24.35 24.94 30.24
C GLY B 451 23.01 25.32 30.80
N LYS B 452 23.02 25.94 31.99
CA LYS B 452 21.81 26.51 32.53
C LYS B 452 21.31 27.57 31.56
N PRO B 453 20.02 27.88 31.58
CA PRO B 453 19.57 29.10 30.89
C PRO B 453 20.13 30.33 31.62
N GLU B 454 20.67 31.26 30.84
CA GLU B 454 21.30 32.46 31.38
C GLU B 454 20.75 33.68 30.66
N LYS B 455 20.06 34.55 31.40
CA LYS B 455 19.54 35.82 30.91
C LYS B 455 20.60 36.90 31.13
N LEU B 456 21.41 37.17 30.09
CA LEU B 456 22.45 38.18 30.15
C LEU B 456 22.21 39.20 29.05
N SER B 457 22.23 40.48 29.42
CA SER B 457 22.07 41.56 28.46
C SER B 457 23.44 42.00 27.93
N VAL B 458 23.45 42.37 26.67
CA VAL B 458 24.65 42.79 25.96
C VAL B 458 24.29 43.97 25.06
N GLU B 459 25.09 45.03 25.15
CA GLU B 459 24.87 46.24 24.38
C GLU B 459 25.51 46.09 23.00
N THR B 460 24.79 46.51 21.97
CA THR B 460 25.16 46.26 20.58
C THR B 460 24.78 47.48 19.75
N SER B 461 25.40 47.58 18.56
CA SER B 461 25.13 48.69 17.64
C SER B 461 23.66 48.80 17.28
N THR B 462 22.90 47.69 17.32
CA THR B 462 21.47 47.75 17.04
C THR B 462 20.63 48.06 18.28
N GLY B 463 21.16 47.85 19.47
CA GLY B 463 20.43 47.98 20.71
C GLY B 463 20.90 46.95 21.71
N THR B 464 20.07 46.67 22.70
CA THR B 464 20.39 45.67 23.72
C THR B 464 19.77 44.34 23.36
N MET B 465 20.59 43.28 23.34
CA MET B 465 20.11 41.96 23.00
C MET B 465 20.70 40.95 23.97
N LEU B 466 20.28 39.70 23.82
CA LEU B 466 20.80 38.62 24.66
C LEU B 466 22.27 38.35 24.39
N GLY B 467 23.05 38.20 25.47
CA GLY B 467 24.43 37.80 25.38
C GLY B 467 24.60 36.30 25.50
N PRO B 468 25.68 35.77 24.93
CA PRO B 468 25.97 34.34 25.08
C PRO B 468 26.26 33.96 26.53
N ARG B 469 25.69 32.82 26.93
CA ARG B 469 25.88 32.32 28.29
C ARG B 469 27.34 31.94 28.52
N LYS B 470 27.74 31.92 29.80
CA LYS B 470 29.14 31.68 30.11
C LYS B 470 29.44 30.21 30.34
N SER B 471 28.56 29.49 31.04
CA SER B 471 28.74 28.08 31.30
C SER B 471 27.99 27.22 30.28
N PHE B 472 28.66 26.17 29.81
CA PHE B 472 28.06 25.16 28.95
C PHE B 472 27.92 23.80 29.65
N GLU B 473 28.15 23.76 30.96
CA GLU B 473 28.09 22.51 31.70
C GLU B 473 26.68 21.91 31.65
N ALA B 474 26.61 20.60 31.87
CA ALA B 474 25.34 19.88 31.75
C ALA B 474 24.32 20.35 32.78
N TRP B 475 23.09 20.60 32.33
CA TRP B 475 21.97 20.93 33.19
C TRP B 475 20.75 20.19 32.64
N GLN B 476 20.02 19.46 33.49
CA GLN B 476 18.90 18.63 33.06
C GLN B 476 17.54 19.28 33.33
N ASP B 477 16.60 19.04 32.41
CA ASP B 477 15.19 19.35 32.64
C ASP B 477 14.33 18.18 32.16
N GLU B 478 13.05 18.16 32.57
CA GLU B 478 12.16 17.06 32.24
C GLU B 478 10.90 17.60 31.56
N VAL B 479 10.39 16.87 30.58
CA VAL B 479 9.17 17.23 29.86
C VAL B 479 8.10 16.19 30.12
N SER B 480 6.98 16.62 30.69
CA SER B 480 5.86 15.73 30.96
C SER B 480 4.68 16.07 30.07
N GLY B 481 3.70 15.17 30.06
CA GLY B 481 2.48 15.35 29.30
C GLY B 481 2.59 15.34 27.78
N LYS B 482 3.66 14.79 27.22
CA LYS B 482 3.79 14.67 25.77
C LYS B 482 4.18 13.25 25.38
N SER B 483 3.76 12.86 24.19
CA SER B 483 4.20 11.61 23.56
C SER B 483 4.92 11.91 22.25
N GLN B 484 5.41 10.86 21.61
CA GLN B 484 5.90 10.93 20.25
C GLN B 484 4.83 11.47 19.31
N PRO B 485 5.22 12.23 18.29
CA PRO B 485 4.25 12.69 17.30
C PRO B 485 3.90 11.56 16.35
N TRP B 486 2.70 11.64 15.81
CA TRP B 486 2.18 10.60 14.92
C TRP B 486 2.74 10.80 13.52
N ARG B 487 3.63 9.89 13.09
CA ARG B 487 4.17 9.99 11.74
C ARG B 487 3.04 9.84 10.72
N THR B 488 3.23 10.44 9.55
CA THR B 488 2.18 10.42 8.54
C THR B 488 1.88 9.00 8.09
N ALA B 489 2.92 8.17 7.96
CA ALA B 489 2.74 6.79 7.54
C ALA B 489 1.89 6.01 8.53
N GLN B 490 1.97 6.37 9.82
CA GLN B 490 1.18 5.68 10.82
C GLN B 490 -0.30 6.05 10.76
N LEU B 491 -0.61 7.32 10.46
CA LEU B 491 -2.01 7.68 10.26
C LEU B 491 -2.64 6.84 9.16
N TYR B 492 -1.94 6.69 8.04
CA TYR B 492 -2.52 5.98 6.90
C TYR B 492 -2.63 4.49 7.20
N ALA B 493 -1.62 3.95 7.89
CA ALA B 493 -1.66 2.56 8.32
C ALA B 493 -2.83 2.31 9.25
N ALA B 494 -3.03 3.20 10.23
CA ALA B 494 -4.15 3.06 11.15
C ALA B 494 -5.48 3.07 10.40
N ARG B 495 -5.61 3.96 9.41
CA ARG B 495 -6.82 3.95 8.60
C ARG B 495 -7.02 2.62 7.90
N ASP B 496 -5.94 2.04 7.37
CA ASP B 496 -6.08 0.82 6.58
C ASP B 496 -6.41 -0.38 7.47
N ILE B 497 -5.73 -0.49 8.62
CA ILE B 497 -6.06 -1.53 9.61
C ILE B 497 -7.51 -1.40 10.06
N ALA B 498 -7.92 -0.19 10.41
CA ALA B 498 -9.28 0.02 10.90
C ALA B 498 -10.32 -0.44 9.88
N ARG B 499 -10.12 -0.06 8.61
CA ARG B 499 -11.11 -0.47 7.61
C ARG B 499 -11.03 -1.97 7.33
N ASP B 500 -9.85 -2.58 7.48
CA ASP B 500 -9.79 -4.04 7.36
C ASP B 500 -10.53 -4.74 8.50
N LEU B 501 -10.61 -4.09 9.67
CA LEU B 501 -11.43 -4.64 10.75
C LEU B 501 -12.92 -4.47 10.46
N LEU B 502 -13.31 -3.30 9.96
CA LEU B 502 -14.71 -3.07 9.63
C LEU B 502 -15.24 -4.13 8.66
N ILE B 503 -14.40 -4.59 7.74
CA ILE B 503 -14.80 -5.64 6.81
C ILE B 503 -15.08 -6.94 7.56
N VAL B 504 -14.26 -7.24 8.57
CA VAL B 504 -14.49 -8.45 9.36
C VAL B 504 -15.84 -8.38 10.06
N ALA B 505 -16.09 -7.29 10.79
CA ALA B 505 -17.35 -7.14 11.50
C ALA B 505 -18.54 -7.21 10.54
N ASP B 506 -18.41 -6.54 9.39
CA ASP B 506 -19.48 -6.60 8.39
C ASP B 506 -19.71 -8.03 7.92
N SER B 507 -18.65 -8.81 7.79
CA SER B 507 -18.81 -10.20 7.35
C SER B 507 -19.52 -11.01 8.43
N MET B 508 -19.10 -10.86 9.69
CA MET B 508 -19.74 -11.58 10.79
C MET B 508 -21.23 -11.23 10.89
N GLN B 509 -21.57 -9.94 10.76
CA GLN B 509 -22.96 -9.55 10.92
C GLN B 509 -23.81 -9.86 9.68
N LEU B 510 -23.19 -9.86 8.50
CA LEU B 510 -23.89 -10.36 7.32
C LEU B 510 -24.18 -11.85 7.46
N ASN B 511 -23.24 -12.61 8.02
CA ASN B 511 -23.49 -14.02 8.28
C ASN B 511 -24.64 -14.19 9.27
N LEU B 512 -24.63 -13.44 10.38
CA LEU B 512 -25.71 -13.53 11.35
C LEU B 512 -27.06 -13.22 10.71
N LEU B 513 -27.13 -12.15 9.90
CA LEU B 513 -28.40 -11.78 9.31
C LEU B 513 -28.85 -12.77 8.25
N ASN B 514 -27.90 -13.36 7.51
CA ASN B 514 -28.25 -14.43 6.58
C ASN B 514 -28.80 -15.65 7.31
N ASP B 515 -28.24 -15.96 8.47
CA ASP B 515 -28.80 -17.02 9.31
C ASP B 515 -30.24 -16.71 9.69
N GLN B 516 -30.46 -15.52 10.28
CA GLN B 516 -31.80 -15.19 10.76
C GLN B 516 -32.82 -15.17 9.63
N LEU B 517 -32.42 -14.65 8.46
CA LEU B 517 -33.32 -14.68 7.30
C LEU B 517 -33.56 -16.11 6.83
N ALA B 518 -32.53 -16.96 6.86
CA ALA B 518 -32.70 -18.37 6.49
C ALA B 518 -33.74 -19.05 7.37
N ASP B 519 -33.59 -18.94 8.69
CA ASP B 519 -34.57 -19.53 9.60
C ASP B 519 -35.95 -18.93 9.40
N ALA B 520 -36.03 -17.61 9.23
CA ALA B 520 -37.33 -16.98 9.05
C ALA B 520 -38.04 -17.49 7.80
N ASN B 521 -37.32 -17.61 6.69
CA ASN B 521 -37.93 -18.09 5.45
C ASN B 521 -38.26 -19.57 5.52
N GLU B 522 -37.39 -20.36 6.17
CA GLU B 522 -37.64 -21.79 6.25
C GLU B 522 -38.85 -22.10 7.15
N ASN B 523 -38.97 -21.39 8.27
CA ASN B 523 -40.19 -21.50 9.08
C ASN B 523 -41.43 -21.22 8.26
N LEU B 524 -41.35 -20.27 7.32
CA LEU B 524 -42.47 -19.99 6.42
C LEU B 524 -42.82 -21.23 5.62
N GLU B 525 -41.82 -22.00 5.18
CA GLU B 525 -42.11 -23.25 4.49
C GLU B 525 -42.85 -24.21 5.40
N LYS B 526 -42.33 -24.42 6.61
CA LYS B 526 -42.96 -25.33 7.55
C LYS B 526 -44.39 -24.92 7.86
N LEU B 527 -44.66 -23.62 7.90
CA LEU B 527 -46.01 -23.15 8.20
C LEU B 527 -46.93 -23.26 6.99
N ALA B 528 -46.43 -22.94 5.80
CA ALA B 528 -47.23 -23.00 4.59
C ALA B 528 -47.42 -24.40 4.05
N SER B 529 -46.76 -25.40 4.66
CA SER B 529 -46.73 -26.75 4.11
C SER B 529 -47.14 -27.84 5.08
N PHE B 530 -47.06 -27.63 6.39
CA PHE B 530 -47.30 -28.69 7.33
C PHE B 530 -48.40 -28.31 8.32
N ASP B 531 -49.08 -29.33 8.83
CA ASP B 531 -50.01 -29.13 9.92
C ASP B 531 -49.24 -28.87 11.20
N ASP B 532 -49.68 -27.87 11.95
CA ASP B 532 -48.95 -27.51 13.17
C ASP B 532 -49.02 -28.62 14.20
N LEU B 533 -50.23 -29.15 14.45
CA LEU B 533 -50.39 -30.16 15.49
C LEU B 533 -49.71 -31.47 15.10
N THR B 534 -49.88 -31.89 13.85
CA THR B 534 -49.44 -33.20 13.42
C THR B 534 -47.99 -33.23 12.94
N GLY B 535 -47.61 -32.26 12.11
CA GLY B 535 -46.30 -32.25 11.51
C GLY B 535 -46.25 -32.77 10.10
N ILE B 536 -47.31 -33.44 9.63
CA ILE B 536 -47.35 -33.89 8.24
C ILE B 536 -47.94 -32.78 7.38
N PHE B 537 -48.15 -33.07 6.11
CA PHE B 537 -48.52 -32.05 5.14
C PHE B 537 -49.95 -31.58 5.39
N ASN B 538 -50.17 -30.27 5.27
CA ASN B 538 -51.51 -29.72 5.37
C ASN B 538 -52.30 -30.04 4.10
N ARG B 539 -53.59 -29.63 4.08
CA ARG B 539 -54.47 -30.05 3.00
C ARG B 539 -54.09 -29.39 1.68
N ARG B 540 -53.55 -28.17 1.72
CA ARG B 540 -53.20 -27.48 0.48
C ARG B 540 -52.13 -28.21 -0.30
N ARG B 541 -51.11 -28.71 0.39
CA ARG B 541 -50.02 -29.42 -0.27
C ARG B 541 -50.47 -30.78 -0.78
N MET B 542 -51.41 -31.40 -0.07
CA MET B 542 -51.99 -32.66 -0.54
C MET B 542 -52.78 -32.43 -1.82
N GLU B 543 -53.56 -31.34 -1.86
CA GLU B 543 -54.30 -31.00 -3.06
C GLU B 543 -53.35 -30.80 -4.23
N ASP B 544 -52.25 -30.08 -4.00
CA ASP B 544 -51.28 -29.84 -5.07
C ASP B 544 -50.68 -31.16 -5.56
N ARG B 545 -50.25 -32.01 -4.62
CA ARG B 545 -49.66 -33.29 -5.00
C ARG B 545 -50.65 -34.14 -5.79
N LEU B 546 -51.92 -34.12 -5.37
CA LEU B 546 -52.92 -34.93 -6.07
C LEU B 546 -53.09 -34.44 -7.49
N GLU B 547 -53.15 -33.12 -7.68
CA GLU B 547 -53.28 -32.58 -9.03
C GLU B 547 -52.09 -32.95 -9.91
N SER B 548 -50.87 -32.83 -9.39
CA SER B 548 -49.71 -33.19 -10.22
C SER B 548 -49.61 -34.69 -10.46
N GLU B 549 -50.03 -35.50 -9.49
CA GLU B 549 -50.04 -36.94 -9.68
C GLU B 549 -51.04 -37.34 -10.76
N VAL B 550 -52.19 -36.65 -10.79
CA VAL B 550 -53.17 -36.89 -11.84
C VAL B 550 -52.60 -36.50 -13.19
N LYS B 551 -51.95 -35.33 -13.28
CA LYS B 551 -51.36 -34.91 -14.54
C LYS B 551 -50.33 -35.92 -15.02
N GLU B 552 -49.47 -36.41 -14.11
CA GLU B 552 -48.49 -37.44 -14.48
C GLU B 552 -49.19 -38.67 -15.03
N ALA B 553 -50.18 -39.18 -14.29
CA ALA B 553 -50.88 -40.39 -14.71
C ALA B 553 -51.57 -40.19 -16.05
N GLN B 554 -52.05 -38.99 -16.34
CA GLN B 554 -52.71 -38.73 -17.61
C GLN B 554 -51.73 -38.60 -18.77
N ARG B 555 -50.51 -38.10 -18.51
CA ARG B 555 -49.54 -37.98 -19.60
C ARG B 555 -48.88 -39.31 -19.91
N TYR B 556 -48.49 -40.07 -18.88
CA TYR B 556 -47.64 -41.22 -19.07
C TYR B 556 -48.35 -42.54 -18.76
N LYS B 557 -49.65 -42.49 -18.48
CA LYS B 557 -50.44 -43.69 -18.22
C LYS B 557 -49.82 -44.46 -17.05
N LYS B 558 -49.57 -43.73 -15.97
CA LYS B 558 -49.09 -44.27 -14.72
C LYS B 558 -50.26 -44.66 -13.82
N GLN B 559 -49.92 -45.40 -12.77
CA GLN B 559 -50.90 -45.98 -11.86
C GLN B 559 -50.63 -45.46 -10.46
N PHE B 560 -51.67 -44.93 -9.80
CA PHE B 560 -51.52 -44.50 -8.43
C PHE B 560 -52.89 -44.57 -7.76
N GLY B 561 -52.86 -44.52 -6.43
CA GLY B 561 -54.09 -44.60 -5.65
C GLY B 561 -54.00 -43.78 -4.38
N ILE B 562 -55.14 -43.59 -3.76
CA ILE B 562 -55.22 -42.80 -2.55
C ILE B 562 -55.87 -43.62 -1.44
N LEU B 563 -55.46 -43.32 -0.21
CA LEU B 563 -55.99 -43.92 1.01
C LEU B 563 -56.55 -42.79 1.86
N LEU B 564 -57.84 -42.81 2.14
CA LEU B 564 -58.48 -41.75 2.89
C LEU B 564 -59.08 -42.36 4.16
N PHE B 565 -58.46 -42.12 5.32
CA PHE B 565 -58.96 -42.77 6.53
C PHE B 565 -59.37 -41.74 7.57
N ASP B 566 -60.11 -42.21 8.57
CA ASP B 566 -60.70 -41.37 9.60
C ASP B 566 -60.67 -42.12 10.91
N LEU B 567 -60.63 -41.38 12.01
CA LEU B 567 -60.60 -41.98 13.34
C LEU B 567 -61.99 -42.27 13.89
N ASP B 568 -62.13 -43.43 14.53
CA ASP B 568 -63.43 -43.97 14.89
C ASP B 568 -63.83 -43.49 16.28
N LYS B 569 -65.05 -42.95 16.39
CA LYS B 569 -65.63 -42.51 17.66
C LYS B 569 -64.69 -41.59 18.43
N PHE B 570 -64.01 -40.70 17.72
CA PHE B 570 -62.99 -39.86 18.32
C PHE B 570 -63.61 -38.84 19.28
N LYS B 571 -64.82 -38.37 18.96
CA LYS B 571 -65.52 -37.46 19.87
C LYS B 571 -65.65 -38.09 21.26
N SER B 572 -65.89 -39.40 21.31
CA SER B 572 -65.92 -40.09 22.61
C SER B 572 -64.59 -39.97 23.34
N VAL B 573 -63.48 -39.95 22.60
CA VAL B 573 -62.18 -39.74 23.22
C VAL B 573 -62.09 -38.33 23.79
N ASN B 574 -62.56 -37.34 23.03
CA ASN B 574 -62.53 -35.97 23.52
C ASN B 574 -63.36 -35.81 24.78
N ASP B 575 -64.59 -36.36 24.77
CA ASP B 575 -65.51 -36.12 25.88
C ASP B 575 -65.13 -36.91 27.12
N THR B 576 -64.69 -38.16 26.95
CA THR B 576 -64.29 -38.96 28.11
C THR B 576 -62.94 -38.54 28.67
N TYR B 577 -61.98 -38.23 27.79
CA TYR B 577 -60.60 -38.01 28.21
C TYR B 577 -60.17 -36.55 28.11
N GLY B 578 -60.14 -35.97 26.92
CA GLY B 578 -59.77 -34.58 26.79
C GLY B 578 -59.17 -34.28 25.43
N HIS B 579 -59.09 -32.99 25.13
CA HIS B 579 -58.51 -32.54 23.86
C HIS B 579 -57.00 -32.74 23.85
N ASN B 580 -56.34 -32.56 24.99
CA ASN B 580 -54.91 -32.85 25.07
C ASN B 580 -54.64 -34.32 24.76
N ILE B 581 -55.46 -35.21 25.32
CA ILE B 581 -55.31 -36.63 25.00
C ILE B 581 -55.67 -36.87 23.54
N GLY B 582 -56.71 -36.19 23.05
CA GLY B 582 -57.09 -36.34 21.66
C GLY B 582 -55.98 -35.89 20.71
N ASP B 583 -55.32 -34.78 21.03
CA ASP B 583 -54.24 -34.29 20.17
C ASP B 583 -53.05 -35.24 20.19
N GLN B 584 -52.69 -35.76 21.37
CA GLN B 584 -51.63 -36.77 21.43
C GLN B 584 -52.03 -38.04 20.68
N ILE B 585 -53.31 -38.38 20.66
CA ILE B 585 -53.76 -39.53 19.88
C ILE B 585 -53.59 -39.24 18.39
N LEU B 586 -53.96 -38.04 17.95
CA LEU B 586 -53.75 -37.70 16.54
C LEU B 586 -52.26 -37.75 16.18
N GLN B 587 -51.40 -37.24 17.07
CA GLN B 587 -49.97 -37.24 16.80
C GLN B 587 -49.43 -38.66 16.79
N ASN B 588 -49.85 -39.47 17.76
CA ASN B 588 -49.47 -40.87 17.81
C ASN B 588 -49.90 -41.60 16.55
N THR B 589 -51.13 -41.34 16.10
CA THR B 589 -51.67 -42.02 14.95
C THR B 589 -50.92 -41.65 13.68
N CYS B 590 -50.53 -40.38 13.55
CA CYS B 590 -49.74 -39.98 12.39
C CYS B 590 -48.34 -40.59 12.43
N ALA B 591 -47.73 -40.66 13.62
CA ALA B 591 -46.42 -41.29 13.73
C ALA B 591 -46.49 -42.78 13.42
N ALA B 592 -47.56 -43.45 13.84
CA ALA B 592 -47.70 -44.87 13.59
C ALA B 592 -47.99 -45.14 12.11
N VAL B 593 -48.78 -44.28 11.48
CA VAL B 593 -49.08 -44.47 10.07
C VAL B 593 -47.85 -44.18 9.22
N SER B 594 -47.07 -43.18 9.61
CA SER B 594 -45.94 -42.74 8.78
C SER B 594 -44.89 -43.83 8.65
N GLU B 595 -44.74 -44.67 9.66
CA GLU B 595 -43.80 -45.79 9.55
C GLU B 595 -44.26 -46.82 8.53
N THR B 596 -45.58 -46.90 8.28
CA THR B 596 -46.09 -47.88 7.32
C THR B 596 -45.79 -47.47 5.89
N LEU B 597 -45.79 -46.17 5.60
CA LEU B 597 -45.75 -45.69 4.23
C LEU B 597 -44.38 -45.94 3.58
N ARG B 598 -44.41 -46.10 2.26
CA ARG B 598 -43.19 -46.14 1.48
C ARG B 598 -42.71 -44.72 1.17
N ASP B 599 -41.43 -44.62 0.78
CA ASP B 599 -40.81 -43.30 0.64
C ASP B 599 -41.45 -42.45 -0.46
N THR B 600 -42.05 -43.09 -1.46
CA THR B 600 -42.69 -42.33 -2.53
C THR B 600 -44.02 -41.74 -2.08
N ASP B 601 -44.67 -42.38 -1.10
CA ASP B 601 -46.00 -41.99 -0.68
C ASP B 601 -45.97 -40.65 0.06
N LYS B 602 -47.09 -39.94 -0.03
CA LYS B 602 -47.25 -38.66 0.65
C LYS B 602 -48.37 -38.75 1.67
N PHE B 603 -48.16 -38.20 2.85
CA PHE B 603 -49.08 -38.38 3.96
C PHE B 603 -49.45 -37.01 4.48
N GLY B 604 -50.76 -36.71 4.55
CA GLY B 604 -51.19 -35.40 4.97
C GLY B 604 -52.50 -35.42 5.71
N ARG B 605 -52.82 -34.30 6.34
CA ARG B 605 -54.03 -34.16 7.13
C ARG B 605 -55.10 -33.48 6.27
N TRP B 606 -56.20 -34.17 6.05
CA TRP B 606 -57.21 -33.77 5.09
C TRP B 606 -58.27 -32.88 5.72
N GLY B 607 -58.67 -33.17 6.95
CA GLY B 607 -59.60 -32.34 7.69
C GLY B 607 -59.94 -32.97 9.01
N GLY B 608 -59.51 -32.35 10.10
CA GLY B 608 -59.91 -32.84 11.41
C GLY B 608 -59.13 -34.10 11.74
N GLU B 609 -59.83 -35.22 11.71
CA GLU B 609 -59.27 -36.54 11.93
C GLU B 609 -59.16 -37.35 10.64
N GLU B 610 -59.54 -36.76 9.52
CA GLU B 610 -59.47 -37.43 8.24
C GLU B 610 -58.10 -37.17 7.62
N PHE B 611 -57.42 -38.23 7.20
CA PHE B 611 -56.07 -38.14 6.66
C PHE B 611 -56.01 -38.79 5.28
N LEU B 612 -55.01 -38.38 4.50
CA LEU B 612 -54.85 -38.83 3.13
C LEU B 612 -53.44 -39.36 2.89
N ILE B 613 -53.36 -40.43 2.12
CA ILE B 613 -52.12 -41.05 1.67
C ILE B 613 -52.16 -41.10 0.16
N ILE B 614 -51.12 -40.61 -0.49
CA ILE B 614 -50.97 -40.66 -1.94
C ILE B 614 -49.92 -41.71 -2.24
N ALA B 615 -50.34 -42.78 -2.91
CA ALA B 615 -49.50 -43.93 -3.23
C ALA B 615 -49.26 -44.00 -4.74
N PRO B 616 -48.15 -43.49 -5.24
CA PRO B 616 -47.84 -43.66 -6.66
C PRO B 616 -47.25 -45.03 -6.97
N GLN B 617 -47.39 -45.42 -8.24
CA GLN B 617 -46.91 -46.72 -8.72
C GLN B 617 -47.52 -47.85 -7.90
N THR B 618 -48.85 -47.87 -7.82
CA THR B 618 -49.53 -48.84 -6.98
C THR B 618 -50.86 -49.23 -7.60
N GLY B 619 -51.00 -50.53 -7.88
CA GLY B 619 -52.26 -51.08 -8.33
C GLY B 619 -53.23 -51.35 -7.18
N MET B 620 -54.43 -51.78 -7.55
CA MET B 620 -55.51 -51.89 -6.57
C MET B 620 -55.24 -52.93 -5.48
N PRO B 621 -54.82 -54.16 -5.77
CA PRO B 621 -54.55 -55.11 -4.67
C PRO B 621 -53.45 -54.67 -3.71
N GLU B 622 -52.31 -54.20 -4.24
CA GLU B 622 -51.25 -53.70 -3.38
C GLU B 622 -51.71 -52.49 -2.57
N LEU B 623 -52.64 -51.71 -3.13
CA LEU B 623 -53.19 -50.57 -2.42
C LEU B 623 -54.03 -51.04 -1.23
N MET B 624 -54.89 -52.03 -1.45
CA MET B 624 -55.66 -52.61 -0.35
C MET B 624 -54.76 -53.20 0.72
N GLN B 625 -53.70 -53.90 0.31
CA GLN B 625 -52.71 -54.43 1.26
C GLN B 625 -52.12 -53.31 2.12
N LEU B 626 -51.72 -52.20 1.48
CA LEU B 626 -51.17 -51.09 2.24
C LEU B 626 -52.19 -50.52 3.21
N GLY B 627 -53.46 -50.42 2.77
CA GLY B 627 -54.50 -49.96 3.66
C GLY B 627 -54.66 -50.86 4.87
N GLU B 628 -54.48 -52.16 4.68
CA GLU B 628 -54.51 -53.08 5.82
C GLU B 628 -53.33 -52.82 6.74
N ARG B 629 -52.14 -52.61 6.18
CA ARG B 629 -50.97 -52.32 7.01
C ARG B 629 -51.18 -51.07 7.85
N VAL B 630 -51.83 -50.05 7.29
CA VAL B 630 -52.08 -48.81 8.02
C VAL B 630 -53.13 -49.03 9.10
N ARG B 631 -54.25 -49.68 8.74
CA ARG B 631 -55.32 -49.94 9.69
C ARG B 631 -54.80 -50.73 10.88
N ALA B 632 -53.96 -51.72 10.62
CA ALA B 632 -53.36 -52.50 11.69
C ALA B 632 -52.33 -51.68 12.46
N ALA B 633 -51.66 -50.74 11.78
CA ALA B 633 -50.67 -49.90 12.44
C ALA B 633 -51.31 -49.04 13.53
N VAL B 634 -52.47 -48.44 13.23
CA VAL B 634 -53.11 -47.61 14.25
C VAL B 634 -53.69 -48.47 15.37
N GLU B 635 -54.02 -49.72 15.08
CA GLU B 635 -54.63 -50.61 16.07
C GLU B 635 -53.65 -50.98 17.17
N LYS B 636 -52.47 -51.49 16.79
CA LYS B 636 -51.52 -52.04 17.75
C LYS B 636 -50.64 -50.99 18.46
N MET B 637 -50.60 -49.75 17.98
CA MET B 637 -49.75 -48.71 18.58
C MET B 637 -49.94 -48.56 20.10
N GLN B 638 -48.97 -47.93 20.75
CA GLN B 638 -48.87 -47.90 22.21
C GLN B 638 -49.96 -47.03 22.83
N HIS B 639 -50.63 -47.56 23.86
CA HIS B 639 -51.70 -46.85 24.54
C HIS B 639 -51.14 -45.78 25.47
N LYS B 640 -50.23 -46.15 26.37
CA LYS B 640 -49.62 -45.23 27.34
C LYS B 640 -50.68 -44.61 28.26
N ASP B 641 -51.48 -45.46 28.90
CA ASP B 641 -52.57 -45.03 29.79
C ASP B 641 -53.61 -44.18 29.05
N LEU B 642 -53.71 -44.37 27.75
CA LEU B 642 -54.62 -43.63 26.89
C LEU B 642 -55.53 -44.65 26.22
N PRO B 643 -56.66 -44.23 25.65
CA PRO B 643 -57.58 -45.21 25.06
C PRO B 643 -57.06 -45.80 23.76
N ALA B 644 -57.52 -47.02 23.48
CA ALA B 644 -57.21 -47.70 22.23
C ALA B 644 -57.96 -47.07 21.07
N VAL B 645 -57.34 -47.02 19.91
CA VAL B 645 -57.88 -46.26 18.79
C VAL B 645 -57.84 -47.11 17.53
N THR B 646 -58.85 -46.92 16.68
CA THR B 646 -59.03 -47.64 15.43
C THR B 646 -59.38 -46.64 14.34
N ILE B 647 -58.91 -46.90 13.13
CA ILE B 647 -59.25 -46.08 11.97
C ILE B 647 -59.98 -46.91 10.94
N SER B 648 -60.82 -46.24 10.15
CA SER B 648 -61.55 -46.85 9.05
C SER B 648 -61.08 -46.20 7.75
N ILE B 649 -60.61 -47.01 6.82
CA ILE B 649 -59.91 -46.54 5.63
C ILE B 649 -60.75 -46.81 4.40
N GLY B 650 -60.96 -45.78 3.59
CA GLY B 650 -61.42 -45.95 2.23
C GLY B 650 -60.23 -45.91 1.28
N VAL B 651 -60.41 -46.49 0.11
CA VAL B 651 -59.33 -46.63 -0.86
C VAL B 651 -59.88 -46.34 -2.25
N ALA B 652 -59.10 -45.61 -3.05
CA ALA B 652 -59.45 -45.36 -4.44
C ALA B 652 -58.22 -45.54 -5.32
N GLU B 653 -58.47 -45.82 -6.60
CA GLU B 653 -57.43 -46.03 -7.59
C GLU B 653 -57.66 -45.07 -8.75
N PHE B 654 -56.56 -44.68 -9.41
CA PHE B 654 -56.67 -43.80 -10.57
C PHE B 654 -57.28 -44.57 -11.73
N GLN B 655 -58.48 -44.17 -12.14
CA GLN B 655 -59.16 -44.85 -13.24
C GLN B 655 -59.49 -43.86 -14.34
N ASN B 656 -58.45 -43.27 -14.94
CA ASN B 656 -58.58 -42.29 -16.02
C ASN B 656 -59.51 -41.15 -15.65
N ASP B 657 -59.25 -40.54 -14.49
CA ASP B 657 -60.12 -39.49 -14.00
C ASP B 657 -59.73 -38.14 -14.60
N THR B 658 -60.71 -37.23 -14.63
CA THR B 658 -60.48 -35.88 -15.14
C THR B 658 -59.92 -35.00 -14.03
N ARG B 659 -60.53 -35.05 -12.86
CA ARG B 659 -60.17 -34.20 -11.73
C ARG B 659 -59.96 -35.10 -10.54
N TRP B 660 -59.14 -34.65 -9.59
CA TRP B 660 -58.88 -35.49 -8.43
C TRP B 660 -60.07 -35.54 -7.49
N ASP B 661 -60.99 -34.58 -7.59
CA ASP B 661 -62.17 -34.61 -6.72
C ASP B 661 -62.93 -35.91 -6.88
N HIS B 662 -63.00 -36.43 -8.11
CA HIS B 662 -63.67 -37.70 -8.36
C HIS B 662 -63.01 -38.83 -7.57
N MET B 663 -61.68 -38.83 -7.50
CA MET B 663 -60.96 -39.85 -6.72
C MET B 663 -61.24 -39.70 -5.23
N ILE B 664 -61.19 -38.47 -4.70
CA ILE B 664 -61.47 -38.25 -3.29
C ILE B 664 -62.93 -38.56 -3.00
N ASP B 665 -63.81 -38.34 -3.98
CA ASP B 665 -65.22 -38.69 -3.82
C ASP B 665 -65.39 -40.20 -3.70
N ARG B 666 -64.79 -40.95 -4.62
CA ARG B 666 -64.86 -42.41 -4.57
C ARG B 666 -64.28 -42.95 -3.27
N ALA B 667 -63.06 -42.50 -2.91
CA ALA B 667 -62.43 -42.96 -1.69
C ALA B 667 -63.25 -42.58 -0.46
N ASP B 668 -63.91 -41.42 -0.51
CA ASP B 668 -64.72 -40.95 0.61
C ASP B 668 -65.94 -41.85 0.78
N LYS B 669 -66.61 -42.19 -0.32
CA LYS B 669 -67.74 -43.10 -0.25
C LYS B 669 -67.30 -44.47 0.25
N ALA B 670 -66.15 -44.96 -0.22
CA ALA B 670 -65.63 -46.23 0.30
C ALA B 670 -65.39 -46.17 1.80
N MET B 671 -64.82 -45.07 2.28
CA MET B 671 -64.55 -44.92 3.71
C MET B 671 -65.85 -44.91 4.49
N TYR B 672 -66.88 -44.26 3.95
CA TYR B 672 -68.18 -44.24 4.61
C TYR B 672 -68.81 -45.62 4.62
N ARG B 673 -68.60 -46.41 3.58
CA ARG B 673 -69.05 -47.80 3.58
C ARG B 673 -68.34 -48.62 4.65
N ALA B 674 -67.05 -48.33 4.89
CA ALA B 674 -66.31 -49.05 5.93
C ALA B 674 -66.81 -48.76 7.34
N LYS B 675 -67.20 -47.52 7.65
CA LYS B 675 -67.62 -47.20 9.02
C LYS B 675 -68.95 -47.84 9.40
N GLU B 676 -69.91 -47.89 8.48
CA GLU B 676 -71.22 -48.43 8.81
C GLU B 676 -71.22 -49.96 8.85
N ASN B 677 -70.38 -50.61 8.06
CA ASN B 677 -70.36 -52.07 8.02
C ASN B 677 -69.49 -52.67 9.12
N GLY B 678 -69.25 -51.88 10.17
CA GLY B 678 -68.33 -52.22 11.24
C GLY B 678 -66.98 -51.55 11.09
N ARG B 679 -66.61 -50.73 12.07
CA ARG B 679 -65.48 -49.84 11.94
C ARG B 679 -64.20 -50.66 11.93
N ASN B 680 -63.07 -49.96 11.76
CA ASN B 680 -61.75 -50.58 11.64
C ASN B 680 -61.67 -51.61 10.50
N GLN B 681 -61.84 -51.11 9.27
CA GLN B 681 -61.91 -51.96 8.08
C GLN B 681 -61.32 -51.21 6.89
N VAL B 682 -60.95 -51.98 5.87
CA VAL B 682 -60.49 -51.44 4.58
C VAL B 682 -61.55 -51.72 3.52
N CYS B 683 -61.93 -50.67 2.79
CA CYS B 683 -62.98 -50.77 1.78
C CYS B 683 -62.55 -50.03 0.51
N SER B 684 -62.97 -50.57 -0.63
CA SER B 684 -62.71 -49.94 -1.92
C SER B 684 -63.98 -49.90 -2.78
#